data_8SL4
#
_entry.id   8SL4
#
_cell.length_a   1.00
_cell.length_b   1.00
_cell.length_c   1.00
_cell.angle_alpha   90.00
_cell.angle_beta   90.00
_cell.angle_gamma   90.00
#
_symmetry.space_group_name_H-M   'P 1'
#
_entity_poly.entity_id   1
_entity_poly.type   'polypeptide(L)'
_entity_poly.pdbx_seq_one_letter_code
;MSGSKSVSPPGYAAQKTAAPAPRGGPEHRSAWGEADSRANGYPHAPGGSARGSTKKPGGAVTPQQQQRLASRWRSDDDDD
PPLSGDDPLAGGFGFSFRSKSAWQERGGDDCGRGSRRQRRGAASGGSTRAPPAGGGGGSAAAAASAGGTEVRPRSVEVGL
EERRGKGRAADELEAGAVEGGEGSGDGGSSADSGSGAGPGAVLSLGACCLALLQIFRSKKFPSDKLERLYQRYFFRLNQS
SLTMLMAVLVLVCLVMLAFHAARPPLQLPYLAVLAAAVGVILIMAVLCNRAAFHQDHMGLACYALIAVVLAVQVVGLLLP
QPRSASEGIWWTVFFIYTIYTLLPVRMRAAVLSGVLLSALHLAIALRTNAQDQFLLKQLVSNVLIFSCTNIVGVCTHYPA
EVSQRQAFQETRECIQARLHSQRENQQQERLLLSVLPRHVAMEMKADINAKQEDMMFHKIYIQKHDNVSILFADIEGFTS
LASQCTAQELVMTLNELFARFDKLAAENHCLRIKILGDCYYCVSGLPEARADHAHCCVEMGMDMIEAISLVREVTGVNVN
MRVGIHSGRVHCGVLGLRKWQFDVWSNDVTLANHMEAGGKAGRIHITKATLNYLNGDYEVEPGCGGERNAYLKEHSIETF
LILRCTQKRKEEKAMIAKMNRQRTNSIGHNPPHWGAERPFYNHLGGNQVSKEMKRMGFEDPKDKNAQESANPEDEVDEFL
GRAIDARSIDRLRSEHVRKFLLTFREPDLEKKYSKQVDDRFGAYVACASLVFLFICFVQITIVPHSIFMLSFYLTCSLLL
TLVVFVSVIYSCVKLFPSPLQTLSRKIVRSKMNSTLVGVFTITLVFLAAFVNMFTCNSRDLLGCLAQEHNISASQVNACH
VAESAVNYSLGDEQGFCGSPWPNCNFPEYFTYSVLLSLLACSVFLQISCIGKLVLMLAIELIYVLIVEVPGVTLFDNADL
LVTANAIDFFNNGTSQCPEHATKVALKVVTPIIISVFVLALYLHAQQVESTARLDFLWKLQATEEKEEMEELQAYNRRLL
HNILPKDVAAHFLARERRNDELYYQSCECVAVMFASIANFSEFYVELEANNEGVECLRLLNEIIADFDEIISEDRFRQLE
KIKTIGSTYMAASGLNDSTYDKVGKTHIKALADFAMKLMDQMKYINEHSFNNFQMKIGLNIGPVVAGVIGARKPQYDIWG
NTVNVASRMDSTGVPDRIQVTTDMYQVLAANTYQLECRGVVKVKGKGEMMTYFLNGGPPLS
;
_entity_poly.pdbx_strand_id   A,B
#
# COMPACT_ATOMS: atom_id res chain seq x y z
N LEU A 205 -2.64 42.12 -37.12
CA LEU A 205 -3.76 42.92 -36.66
C LEU A 205 -5.09 42.19 -36.93
N GLY A 206 -5.12 41.41 -38.00
CA GLY A 206 -6.31 40.64 -38.33
C GLY A 206 -6.10 39.17 -38.11
N ALA A 207 -4.86 38.70 -38.29
CA ALA A 207 -4.54 37.31 -38.01
C ALA A 207 -4.62 37.00 -36.52
N CYS A 208 -4.24 37.96 -35.68
CA CYS A 208 -4.42 37.79 -34.23
C CYS A 208 -5.90 37.70 -33.85
N CYS A 209 -6.75 38.53 -34.45
CA CYS A 209 -8.19 38.42 -34.23
C CYS A 209 -8.75 37.10 -34.72
N LEU A 210 -8.25 36.61 -35.86
CA LEU A 210 -8.68 35.30 -36.34
C LEU A 210 -8.24 34.18 -35.41
N ALA A 211 -7.03 34.26 -34.88
CA ALA A 211 -6.57 33.28 -33.89
C ALA A 211 -7.42 33.35 -32.62
N LEU A 212 -7.77 34.55 -32.17
CA LEU A 212 -8.68 34.70 -31.04
C LEU A 212 -10.05 34.07 -31.31
N LEU A 213 -10.57 34.24 -32.53
CA LEU A 213 -11.82 33.58 -32.88
C LEU A 213 -11.66 32.07 -32.95
N GLN A 214 -10.48 31.59 -33.35
CA GLN A 214 -10.20 30.17 -33.28
C GLN A 214 -10.18 29.66 -31.85
N ILE A 215 -9.70 30.48 -30.91
CA ILE A 215 -9.76 30.11 -29.50
C ILE A 215 -11.19 29.88 -29.05
N PHE A 216 -12.15 30.62 -29.59
CA PHE A 216 -13.53 30.56 -29.13
C PHE A 216 -14.29 29.34 -29.63
N ARG A 217 -13.68 28.51 -30.47
CA ARG A 217 -14.27 27.21 -30.80
C ARG A 217 -13.97 26.28 -29.64
N SER A 218 -15.00 25.98 -28.84
CA SER A 218 -14.82 25.18 -27.64
C SER A 218 -14.17 23.85 -27.96
N LYS A 219 -12.95 23.64 -27.46
CA LYS A 219 -12.30 22.35 -27.64
C LYS A 219 -13.12 21.26 -26.96
N LYS A 220 -13.27 20.14 -27.67
CA LYS A 220 -14.03 19.00 -27.17
C LYS A 220 -13.35 17.73 -27.66
N PHE A 221 -13.27 16.74 -26.79
CA PHE A 221 -12.77 15.45 -27.24
C PHE A 221 -13.77 14.83 -28.20
N PRO A 222 -13.32 14.38 -29.38
CA PRO A 222 -14.28 14.00 -30.42
C PRO A 222 -15.20 12.86 -30.03
N SER A 223 -14.71 11.90 -29.24
CA SER A 223 -15.50 10.72 -28.90
C SER A 223 -16.47 11.07 -27.77
N ASP A 224 -17.75 10.89 -28.03
CA ASP A 224 -18.74 11.11 -26.97
C ASP A 224 -18.57 10.10 -25.84
N LYS A 225 -18.05 8.90 -26.14
CA LYS A 225 -17.77 7.95 -25.06
C LYS A 225 -16.58 8.42 -24.24
N LEU A 226 -15.51 8.87 -24.91
CA LEU A 226 -14.35 9.38 -24.19
C LEU A 226 -14.71 10.65 -23.43
N GLU A 227 -15.49 11.53 -24.05
CA GLU A 227 -15.96 12.72 -23.36
C GLU A 227 -16.82 12.37 -22.16
N ARG A 228 -17.71 11.38 -22.29
CA ARG A 228 -18.48 10.91 -21.15
C ARG A 228 -17.58 10.37 -20.03
N LEU A 229 -16.55 9.60 -20.37
CA LEU A 229 -15.66 9.08 -19.34
C LEU A 229 -14.87 10.20 -18.68
N TYR A 230 -14.40 11.16 -19.47
CA TYR A 230 -13.78 12.36 -18.91
C TYR A 230 -14.74 13.09 -17.99
N GLN A 231 -15.98 13.28 -18.44
CA GLN A 231 -16.98 13.93 -17.60
C GLN A 231 -17.22 13.16 -16.30
N ARG A 232 -17.25 11.83 -16.38
CA ARG A 232 -17.42 11.03 -15.17
C ARG A 232 -16.26 11.25 -14.20
N TYR A 233 -15.04 11.28 -14.71
CA TYR A 233 -13.89 11.64 -13.88
C TYR A 233 -14.01 13.04 -13.31
N PHE A 234 -14.24 14.02 -14.18
CA PHE A 234 -14.30 15.41 -13.76
C PHE A 234 -15.40 15.62 -12.72
N PHE A 235 -16.58 15.02 -12.92
CA PHE A 235 -17.65 15.12 -11.93
C PHE A 235 -17.31 14.39 -10.64
N ARG A 236 -16.64 13.24 -10.72
CA ARG A 236 -16.27 12.55 -9.48
C ARG A 236 -15.27 13.38 -8.69
N LEU A 237 -14.29 13.95 -9.40
CA LEU A 237 -13.30 14.82 -8.79
C LEU A 237 -13.93 16.08 -8.21
N ASN A 238 -14.87 16.67 -8.93
CA ASN A 238 -15.46 17.93 -8.53
C ASN A 238 -16.75 17.81 -7.74
N GLN A 239 -17.22 16.62 -7.39
CA GLN A 239 -18.43 16.57 -6.57
C GLN A 239 -18.19 17.29 -5.24
N SER A 240 -17.01 17.05 -4.65
CA SER A 240 -16.62 17.77 -3.45
C SER A 240 -16.43 19.26 -3.74
N SER A 241 -15.85 19.58 -4.89
CA SER A 241 -15.70 20.97 -5.29
C SER A 241 -17.06 21.67 -5.40
N LEU A 242 -18.03 21.00 -6.00
CA LEU A 242 -19.38 21.55 -6.13
C LEU A 242 -20.02 21.76 -4.76
N THR A 243 -19.77 20.85 -3.82
CA THR A 243 -20.40 21.02 -2.51
C THR A 243 -19.71 22.12 -1.70
N MET A 244 -18.38 22.22 -1.82
CA MET A 244 -17.66 23.36 -1.26
C MET A 244 -18.13 24.67 -1.88
N LEU A 245 -18.34 24.67 -3.20
CA LEU A 245 -18.92 25.83 -3.88
C LEU A 245 -20.26 26.22 -3.27
N MET A 246 -21.15 25.25 -3.12
CA MET A 246 -22.45 25.54 -2.51
C MET A 246 -22.29 26.13 -1.11
N ALA A 247 -21.38 25.57 -0.31
CA ALA A 247 -21.15 26.08 1.04
C ALA A 247 -20.61 27.51 1.04
N VAL A 248 -19.68 27.82 0.14
CA VAL A 248 -19.13 29.19 0.08
C VAL A 248 -20.17 30.17 -0.43
N LEU A 249 -21.00 29.75 -1.40
CA LEU A 249 -22.07 30.62 -1.86
C LEU A 249 -23.10 30.87 -0.76
N VAL A 250 -23.37 29.86 0.06
CA VAL A 250 -24.21 30.06 1.25
C VAL A 250 -23.58 31.07 2.20
N LEU A 251 -22.28 30.93 2.46
CA LEU A 251 -21.59 31.88 3.33
C LEU A 251 -21.70 33.32 2.83
N VAL A 252 -21.45 33.53 1.53
CA VAL A 252 -21.57 34.88 0.96
C VAL A 252 -23.00 35.41 1.05
N CYS A 253 -24.00 34.55 0.78
CA CYS A 253 -25.38 34.98 0.91
C CYS A 253 -25.70 35.37 2.35
N LEU A 254 -25.15 34.65 3.33
CA LEU A 254 -25.35 35.01 4.73
C LEU A 254 -24.69 36.34 5.07
N VAL A 255 -23.52 36.61 4.48
CA VAL A 255 -22.87 37.91 4.69
C VAL A 255 -23.73 39.04 4.13
N MET A 256 -24.26 38.86 2.92
CA MET A 256 -25.15 39.88 2.36
C MET A 256 -26.41 40.05 3.21
N LEU A 257 -26.97 38.95 3.71
CA LEU A 257 -28.13 39.04 4.60
C LEU A 257 -27.80 39.83 5.86
N ALA A 258 -26.62 39.60 6.44
CA ALA A 258 -26.25 40.34 7.64
C ALA A 258 -26.06 41.82 7.35
N PHE A 259 -25.42 42.15 6.24
CA PHE A 259 -25.27 43.56 5.86
C PHE A 259 -26.61 44.25 5.64
N HIS A 260 -27.54 43.61 4.94
CA HIS A 260 -28.85 44.22 4.72
C HIS A 260 -29.73 44.22 5.96
N ALA A 261 -29.61 43.23 6.83
CA ALA A 261 -30.40 43.18 8.06
C ALA A 261 -29.89 44.12 9.14
N ALA A 262 -28.63 44.55 9.07
CA ALA A 262 -28.11 45.45 10.08
C ALA A 262 -28.78 46.81 10.06
N ARG A 263 -29.53 47.14 9.02
CA ARG A 263 -30.20 48.43 8.93
C ARG A 263 -31.60 48.27 8.34
N PRO A 264 -32.65 48.54 9.10
CA PRO A 264 -34.02 48.55 8.54
C PRO A 264 -34.18 49.69 7.55
N PRO A 265 -35.33 49.76 6.84
CA PRO A 265 -36.54 48.94 6.96
C PRO A 265 -36.44 47.58 6.30
N LEU A 266 -36.91 46.53 6.97
CA LEU A 266 -36.87 45.17 6.44
C LEU A 266 -38.01 44.98 5.45
N GLN A 267 -37.67 44.88 4.17
CA GLN A 267 -38.67 44.57 3.14
C GLN A 267 -38.92 43.07 3.09
N LEU A 268 -40.17 42.68 3.32
CA LEU A 268 -40.54 41.26 3.34
C LEU A 268 -40.14 40.49 2.08
N PRO A 269 -40.33 41.01 0.86
CA PRO A 269 -39.96 40.22 -0.33
C PRO A 269 -38.47 39.94 -0.42
N TYR A 270 -37.63 40.87 0.02
CA TYR A 270 -36.19 40.63 0.03
C TYR A 270 -35.85 39.43 0.91
N LEU A 271 -36.38 39.41 2.13
CA LEU A 271 -36.12 38.31 3.05
C LEU A 271 -36.68 37.00 2.52
N ALA A 272 -37.88 37.02 1.97
CA ALA A 272 -38.49 35.79 1.45
C ALA A 272 -37.71 35.23 0.27
N VAL A 273 -37.27 36.08 -0.65
CA VAL A 273 -36.53 35.59 -1.82
C VAL A 273 -35.17 35.05 -1.42
N LEU A 274 -34.48 35.73 -0.50
CA LEU A 274 -33.20 35.19 -0.05
C LEU A 274 -33.36 33.85 0.67
N ALA A 275 -34.39 33.74 1.53
CA ALA A 275 -34.63 32.47 2.22
C ALA A 275 -34.94 31.34 1.24
N ALA A 276 -35.75 31.62 0.21
CA ALA A 276 -36.02 30.60 -0.80
C ALA A 276 -34.76 30.18 -1.56
N ALA A 277 -33.92 31.14 -1.92
CA ALA A 277 -32.66 30.81 -2.60
C ALA A 277 -31.77 29.92 -1.74
N VAL A 278 -31.60 30.27 -0.47
CA VAL A 278 -30.84 29.44 0.46
C VAL A 278 -31.42 28.04 0.55
N GLY A 279 -32.75 27.93 0.68
CA GLY A 279 -33.38 26.62 0.75
C GLY A 279 -33.10 25.76 -0.47
N VAL A 280 -33.25 26.34 -1.66
CA VAL A 280 -32.98 25.59 -2.90
C VAL A 280 -31.53 25.15 -2.96
N ILE A 281 -30.59 26.05 -2.62
CA ILE A 281 -29.18 25.68 -2.68
C ILE A 281 -28.86 24.56 -1.71
N LEU A 282 -29.40 24.61 -0.49
CA LEU A 282 -29.17 23.53 0.46
C LEU A 282 -29.76 22.20 -0.01
N ILE A 283 -30.98 22.23 -0.55
CA ILE A 283 -31.58 21.00 -1.08
C ILE A 283 -30.71 20.42 -2.18
N MET A 284 -30.26 21.25 -3.11
CA MET A 284 -29.41 20.76 -4.19
C MET A 284 -28.08 20.21 -3.68
N ALA A 285 -27.49 20.87 -2.67
CA ALA A 285 -26.26 20.37 -2.06
C ALA A 285 -26.46 19.02 -1.40
N VAL A 286 -27.62 18.82 -0.76
CA VAL A 286 -27.90 17.52 -0.15
C VAL A 286 -28.09 16.46 -1.21
N LEU A 287 -28.80 16.79 -2.30
CA LEU A 287 -28.97 15.81 -3.38
C LEU A 287 -27.63 15.44 -3.98
N CYS A 288 -26.80 16.44 -4.31
CA CYS A 288 -25.50 16.18 -4.89
C CYS A 288 -24.56 15.47 -3.91
N ASN A 289 -24.84 15.53 -2.61
CA ASN A 289 -24.02 14.80 -1.65
C ASN A 289 -24.50 13.38 -1.44
N ARG A 290 -25.72 13.05 -1.86
CA ARG A 290 -26.14 11.66 -1.93
C ARG A 290 -25.52 11.02 -3.16
N ALA A 291 -24.89 9.87 -2.97
CA ALA A 291 -24.17 9.23 -4.06
C ALA A 291 -25.08 8.86 -5.23
N ALA A 292 -26.39 8.84 -5.01
CA ALA A 292 -27.33 8.41 -6.04
C ALA A 292 -27.67 9.51 -7.04
N PHE A 293 -27.17 10.73 -6.85
CA PHE A 293 -27.44 11.81 -7.79
C PHE A 293 -26.51 11.65 -8.99
N HIS A 294 -27.09 11.47 -10.18
CA HIS A 294 -26.30 11.17 -11.35
C HIS A 294 -25.38 12.33 -11.72
N GLN A 295 -24.17 12.02 -12.16
CA GLN A 295 -23.18 13.06 -12.41
C GLN A 295 -23.53 13.89 -13.63
N ASP A 296 -24.26 13.32 -14.59
CA ASP A 296 -24.69 14.11 -15.75
C ASP A 296 -25.55 15.29 -15.35
N HIS A 297 -26.22 15.22 -14.20
CA HIS A 297 -27.04 16.36 -13.78
C HIS A 297 -26.23 17.40 -13.04
N MET A 298 -24.98 17.13 -12.67
CA MET A 298 -24.19 18.16 -12.02
C MET A 298 -24.06 19.37 -12.94
N GLY A 299 -23.90 19.14 -14.24
CA GLY A 299 -23.86 20.26 -15.15
C GLY A 299 -25.15 21.05 -15.09
N LEU A 300 -26.28 20.33 -15.09
CA LEU A 300 -27.56 21.01 -14.95
C LEU A 300 -27.64 21.68 -13.59
N ALA A 301 -27.12 21.00 -12.56
CA ALA A 301 -27.08 21.60 -11.24
C ALA A 301 -26.31 22.92 -11.28
N CYS A 302 -25.26 22.98 -12.09
CA CYS A 302 -24.53 24.23 -12.21
C CYS A 302 -25.39 25.29 -12.90
N TYR A 303 -26.09 24.91 -13.98
CA TYR A 303 -26.94 25.91 -14.63
C TYR A 303 -28.06 26.34 -13.73
N ALA A 304 -28.64 25.40 -12.98
CA ALA A 304 -29.65 25.76 -12.00
C ALA A 304 -29.05 26.69 -10.97
N LEU A 305 -27.81 26.43 -10.55
CA LEU A 305 -27.16 27.31 -9.59
C LEU A 305 -26.98 28.70 -10.18
N ILE A 306 -26.57 28.77 -11.45
CA ILE A 306 -26.47 30.08 -12.08
C ILE A 306 -27.81 30.78 -12.04
N ALA A 307 -28.89 30.05 -12.31
CA ALA A 307 -30.21 30.68 -12.27
C ALA A 307 -30.54 31.16 -10.88
N VAL A 308 -30.18 30.37 -9.86
CA VAL A 308 -30.39 30.82 -8.49
C VAL A 308 -29.59 32.09 -8.24
N VAL A 309 -28.34 32.09 -8.68
CA VAL A 309 -27.50 33.28 -8.52
C VAL A 309 -28.12 34.47 -9.22
N LEU A 310 -28.65 34.25 -10.42
CA LEU A 310 -29.33 35.33 -11.12
C LEU A 310 -30.47 35.90 -10.29
N ALA A 311 -31.30 35.04 -9.70
CA ALA A 311 -32.39 35.54 -8.88
C ALA A 311 -31.86 36.32 -7.70
N VAL A 312 -30.82 35.80 -7.05
CA VAL A 312 -30.21 36.51 -5.93
C VAL A 312 -29.70 37.86 -6.36
N GLN A 313 -29.15 37.96 -7.57
CA GLN A 313 -28.68 39.26 -8.04
C GLN A 313 -29.82 40.26 -8.17
N VAL A 314 -30.94 39.86 -8.78
CA VAL A 314 -32.01 40.85 -9.01
C VAL A 314 -32.50 41.45 -7.70
N VAL A 315 -32.82 40.61 -6.73
CA VAL A 315 -33.26 41.13 -5.44
C VAL A 315 -32.09 41.78 -4.73
N GLY A 316 -30.88 41.26 -4.94
CA GLY A 316 -29.71 41.93 -4.41
C GLY A 316 -29.54 43.35 -4.90
N LEU A 317 -30.01 43.66 -6.12
CA LEU A 317 -29.73 44.98 -6.69
C LEU A 317 -30.90 45.95 -6.66
N LEU A 318 -32.15 45.49 -6.64
CA LEU A 318 -33.27 46.42 -6.70
C LEU A 318 -33.62 46.99 -5.33
N LEU A 319 -33.78 46.14 -4.32
CA LEU A 319 -34.38 46.52 -3.05
C LEU A 319 -33.45 47.26 -2.08
N PRO A 320 -32.15 46.94 -2.02
CA PRO A 320 -31.32 47.49 -0.95
C PRO A 320 -31.38 49.01 -0.87
N GLN A 321 -31.33 49.53 0.36
CA GLN A 321 -31.26 50.94 0.64
C GLN A 321 -30.10 51.20 1.58
N PRO A 322 -29.43 52.36 1.47
CA PRO A 322 -29.67 53.47 0.53
C PRO A 322 -29.21 53.11 -0.88
N ARG A 323 -29.76 53.77 -1.89
CA ARG A 323 -29.37 53.50 -3.26
C ARG A 323 -27.99 54.09 -3.54
N SER A 324 -27.12 53.30 -4.14
CA SER A 324 -25.81 53.78 -4.57
C SER A 324 -25.31 52.90 -5.70
N ALA A 325 -24.51 53.50 -6.59
CA ALA A 325 -23.86 52.74 -7.65
C ALA A 325 -22.68 51.91 -7.13
N SER A 326 -22.21 52.18 -5.90
CA SER A 326 -21.15 51.38 -5.31
C SER A 326 -21.67 50.18 -4.55
N GLU A 327 -22.95 50.16 -4.19
CA GLU A 327 -23.50 49.05 -3.44
C GLU A 327 -23.52 47.78 -4.29
N GLY A 328 -23.12 46.67 -3.67
CA GLY A 328 -23.22 45.36 -4.29
C GLY A 328 -22.21 45.05 -5.36
N ILE A 329 -21.24 45.94 -5.60
CA ILE A 329 -20.15 45.60 -6.52
C ILE A 329 -19.36 44.42 -5.98
N TRP A 330 -19.05 44.44 -4.69
CA TRP A 330 -18.19 43.43 -4.09
C TRP A 330 -18.77 42.01 -4.21
N TRP A 331 -20.06 41.84 -3.91
CA TRP A 331 -20.63 40.50 -4.02
C TRP A 331 -20.82 40.07 -5.48
N THR A 332 -21.04 41.03 -6.38
CA THR A 332 -21.12 40.69 -7.79
C THR A 332 -19.78 40.20 -8.32
N VAL A 333 -18.70 40.92 -8.00
CA VAL A 333 -17.35 40.47 -8.34
C VAL A 333 -17.07 39.10 -7.74
N PHE A 334 -17.43 38.89 -6.47
CA PHE A 334 -17.23 37.59 -5.85
C PHE A 334 -17.92 36.48 -6.65
N PHE A 335 -19.24 36.63 -6.86
CA PHE A 335 -20.00 35.60 -7.56
C PHE A 335 -19.44 35.34 -8.95
N ILE A 336 -19.08 36.40 -9.68
CA ILE A 336 -18.48 36.22 -11.00
C ILE A 336 -17.24 35.35 -10.90
N TYR A 337 -16.29 35.75 -10.06
CA TYR A 337 -15.04 35.00 -9.93
C TYR A 337 -15.29 33.56 -9.51
N THR A 338 -16.22 33.34 -8.59
CA THR A 338 -16.51 31.98 -8.14
C THR A 338 -17.12 31.12 -9.25
N ILE A 339 -17.97 31.73 -10.08
CA ILE A 339 -18.50 31.00 -11.24
C ILE A 339 -17.40 30.67 -12.24
N TYR A 340 -16.44 31.58 -12.41
CA TYR A 340 -15.32 31.28 -13.29
C TYR A 340 -14.39 30.22 -12.72
N THR A 341 -14.28 30.12 -11.39
CA THR A 341 -13.21 29.37 -10.76
C THR A 341 -13.68 28.15 -9.99
N LEU A 342 -14.86 28.21 -9.35
CA LEU A 342 -15.36 27.09 -8.58
C LEU A 342 -16.56 26.40 -9.22
N LEU A 343 -17.26 27.06 -10.14
CA LEU A 343 -18.38 26.44 -10.84
C LEU A 343 -17.88 25.75 -12.09
N PRO A 344 -18.05 24.43 -12.23
CA PRO A 344 -17.59 23.71 -13.43
C PRO A 344 -18.58 23.78 -14.60
N VAL A 345 -18.63 24.94 -15.25
CA VAL A 345 -19.51 25.15 -16.39
C VAL A 345 -18.69 25.33 -17.65
N ARG A 346 -19.33 25.08 -18.79
CA ARG A 346 -18.70 25.24 -20.08
C ARG A 346 -18.37 26.70 -20.35
N MET A 347 -17.32 26.92 -21.14
CA MET A 347 -16.83 28.27 -21.39
C MET A 347 -17.93 29.20 -21.89
N ARG A 348 -18.70 28.75 -22.88
CA ARG A 348 -19.79 29.58 -23.38
C ARG A 348 -20.79 29.94 -22.30
N ALA A 349 -21.12 28.98 -21.42
CA ALA A 349 -22.09 29.26 -20.36
C ALA A 349 -21.52 30.17 -19.30
N ALA A 350 -20.25 30.01 -18.94
CA ALA A 350 -19.62 30.93 -18.00
C ALA A 350 -19.61 32.36 -18.54
N VAL A 351 -19.19 32.51 -19.80
CA VAL A 351 -19.15 33.84 -20.41
C VAL A 351 -20.54 34.46 -20.48
N LEU A 352 -21.54 33.69 -20.94
CA LEU A 352 -22.90 34.20 -21.00
C LEU A 352 -23.43 34.61 -19.62
N SER A 353 -23.13 33.82 -18.59
CA SER A 353 -23.61 34.16 -17.25
C SER A 353 -22.94 35.42 -16.73
N GLY A 354 -21.62 35.54 -16.91
CA GLY A 354 -20.92 36.72 -16.43
C GLY A 354 -21.36 38.00 -17.15
N VAL A 355 -21.54 37.91 -18.47
CA VAL A 355 -22.03 39.06 -19.23
C VAL A 355 -23.44 39.44 -18.80
N LEU A 356 -24.31 38.45 -18.61
CA LEU A 356 -25.67 38.75 -18.18
C LEU A 356 -25.69 39.43 -16.81
N LEU A 357 -24.95 38.88 -15.84
CA LEU A 357 -24.85 39.51 -14.52
C LEU A 357 -24.32 40.94 -14.60
N SER A 358 -23.33 41.18 -15.47
CA SER A 358 -22.77 42.52 -15.58
C SER A 358 -23.77 43.50 -16.18
N ALA A 359 -24.39 43.13 -17.30
CA ALA A 359 -25.33 44.02 -17.95
C ALA A 359 -26.54 44.28 -17.07
N LEU A 360 -27.00 43.27 -16.34
CA LEU A 360 -28.13 43.47 -15.43
C LEU A 360 -27.78 44.40 -14.28
N HIS A 361 -26.59 44.25 -13.68
CA HIS A 361 -26.17 45.21 -12.66
C HIS A 361 -26.13 46.64 -13.22
N LEU A 362 -25.46 46.84 -14.35
CA LEU A 362 -25.38 48.18 -14.92
C LEU A 362 -26.76 48.75 -15.24
N ALA A 363 -27.66 47.93 -15.79
CA ALA A 363 -29.00 48.40 -16.11
C ALA A 363 -29.81 48.75 -14.87
N ILE A 364 -29.66 47.97 -13.80
CA ILE A 364 -30.36 48.29 -12.57
C ILE A 364 -29.84 49.61 -11.99
N ALA A 365 -28.52 49.73 -11.89
CA ALA A 365 -27.93 50.97 -11.36
C ALA A 365 -28.35 52.17 -12.20
N LEU A 366 -28.41 52.01 -13.53
CA LEU A 366 -28.88 53.09 -14.40
C LEU A 366 -30.36 53.43 -14.15
N ARG A 367 -31.19 52.42 -13.86
CA ARG A 367 -32.60 52.72 -13.65
C ARG A 367 -32.84 53.36 -12.29
N THR A 368 -32.18 52.86 -11.24
CA THR A 368 -32.42 53.35 -9.89
C THR A 368 -31.72 54.68 -9.62
N ASN A 369 -30.52 54.87 -10.19
CA ASN A 369 -29.64 55.98 -9.81
C ASN A 369 -29.47 56.99 -10.93
N ALA A 370 -30.48 57.14 -11.79
CA ALA A 370 -30.35 58.01 -12.96
C ALA A 370 -30.18 59.47 -12.58
N GLN A 371 -30.43 59.83 -11.33
CA GLN A 371 -30.50 61.24 -10.91
C GLN A 371 -29.16 61.82 -10.46
N ASP A 372 -28.12 61.00 -10.32
CA ASP A 372 -26.85 61.48 -9.79
C ASP A 372 -25.99 62.05 -10.91
N GLN A 373 -25.50 63.29 -10.70
CA GLN A 373 -24.70 63.93 -11.74
C GLN A 373 -23.39 63.19 -11.98
N PHE A 374 -22.78 62.66 -10.92
CA PHE A 374 -21.55 61.91 -11.03
C PHE A 374 -21.77 60.45 -11.39
N LEU A 375 -23.02 60.07 -11.69
CA LEU A 375 -23.32 58.68 -12.01
C LEU A 375 -22.39 58.14 -13.08
N LEU A 376 -22.07 58.97 -14.07
CA LEU A 376 -21.27 58.49 -15.19
C LEU A 376 -19.91 58.03 -14.70
N LYS A 377 -19.30 58.76 -13.78
CA LYS A 377 -17.99 58.34 -13.28
C LYS A 377 -18.13 57.00 -12.58
N GLN A 378 -19.15 56.88 -11.73
CA GLN A 378 -19.38 55.62 -11.06
C GLN A 378 -19.69 54.56 -12.10
N LEU A 379 -20.57 54.90 -13.03
CA LEU A 379 -20.95 53.91 -14.02
C LEU A 379 -19.75 53.48 -14.82
N VAL A 380 -18.91 54.44 -15.24
CA VAL A 380 -17.72 54.05 -15.97
C VAL A 380 -16.84 53.15 -15.12
N SER A 381 -16.67 53.51 -13.85
CA SER A 381 -15.80 52.66 -13.03
C SER A 381 -16.45 51.32 -12.80
N ASN A 382 -17.78 51.28 -12.65
CA ASN A 382 -18.43 49.99 -12.53
C ASN A 382 -18.28 49.21 -13.83
N VAL A 383 -18.46 49.89 -14.96
CA VAL A 383 -18.20 49.23 -16.24
C VAL A 383 -16.77 48.72 -16.25
N LEU A 384 -15.82 49.58 -15.88
CA LEU A 384 -14.43 49.15 -15.88
C LEU A 384 -14.24 47.97 -14.95
N ILE A 385 -14.83 48.03 -13.76
CA ILE A 385 -14.67 46.93 -12.83
C ILE A 385 -15.23 45.66 -13.43
N PHE A 386 -16.44 45.76 -14.00
CA PHE A 386 -17.05 44.56 -14.54
C PHE A 386 -16.29 44.07 -15.77
N SER A 387 -15.77 45.00 -16.57
CA SER A 387 -14.92 44.58 -17.66
C SER A 387 -13.70 43.82 -17.15
N CYS A 388 -13.03 44.37 -16.14
CA CYS A 388 -11.89 43.67 -15.58
C CYS A 388 -12.31 42.30 -15.08
N THR A 389 -13.43 42.24 -14.36
CA THR A 389 -13.86 40.97 -13.81
C THR A 389 -14.20 39.98 -14.92
N ASN A 390 -14.82 40.46 -16.00
CA ASN A 390 -15.08 39.58 -17.13
C ASN A 390 -13.80 39.06 -17.78
N ILE A 391 -12.79 39.91 -17.94
CA ILE A 391 -11.52 39.45 -18.49
C ILE A 391 -10.79 38.42 -17.62
N VAL A 392 -10.32 38.86 -16.45
CA VAL A 392 -9.53 37.98 -15.57
C VAL A 392 -10.15 36.60 -15.39
N GLY A 393 -11.46 36.52 -15.23
CA GLY A 393 -12.10 35.21 -15.12
C GLY A 393 -11.90 34.33 -16.33
N VAL A 394 -12.02 34.89 -17.53
CA VAL A 394 -11.71 34.12 -18.72
C VAL A 394 -10.25 33.69 -18.69
N CYS A 395 -9.36 34.62 -18.35
CA CYS A 395 -7.94 34.28 -18.34
C CYS A 395 -7.61 33.31 -17.23
N THR A 396 -8.51 33.16 -16.26
CA THR A 396 -8.31 32.11 -15.27
C THR A 396 -9.02 30.83 -15.72
N HIS A 397 -10.24 30.96 -16.22
CA HIS A 397 -11.01 29.79 -16.63
C HIS A 397 -10.40 29.11 -17.84
N TYR A 398 -10.08 29.88 -18.89
CA TYR A 398 -9.63 29.27 -20.13
C TYR A 398 -8.34 28.48 -20.00
N PRO A 399 -7.27 28.99 -19.39
CA PRO A 399 -6.07 28.15 -19.24
C PRO A 399 -6.31 26.90 -18.40
N ALA A 400 -7.15 26.99 -17.37
CA ALA A 400 -7.41 25.81 -16.55
C ALA A 400 -8.19 24.77 -17.33
N GLU A 401 -9.27 25.19 -17.99
CA GLU A 401 -10.01 24.26 -18.83
C GLU A 401 -9.10 23.66 -19.89
N VAL A 402 -8.07 24.39 -20.29
CA VAL A 402 -7.17 23.84 -21.29
C VAL A 402 -6.20 22.85 -20.65
N SER A 403 -5.58 23.26 -19.52
CA SER A 403 -4.58 22.37 -18.94
C SER A 403 -5.20 21.10 -18.39
N GLN A 404 -6.44 21.16 -17.92
CA GLN A 404 -7.05 19.95 -17.41
C GLN A 404 -7.35 19.02 -18.58
N ARG A 405 -7.83 19.58 -19.69
CA ARG A 405 -8.01 18.76 -20.86
C ARG A 405 -6.66 18.24 -21.30
N GLN A 406 -5.65 19.12 -21.26
CA GLN A 406 -4.31 18.68 -21.61
C GLN A 406 -3.86 17.59 -20.66
N ALA A 407 -4.05 17.81 -19.36
CA ALA A 407 -3.64 16.78 -18.42
C ALA A 407 -4.41 15.49 -18.67
N PHE A 408 -5.71 15.59 -18.95
CA PHE A 408 -6.43 14.38 -19.32
C PHE A 408 -5.94 13.81 -20.64
N GLN A 409 -5.73 14.67 -21.63
CA GLN A 409 -5.28 14.20 -22.94
C GLN A 409 -3.87 13.62 -22.87
N GLU A 410 -2.97 14.32 -22.20
CA GLU A 410 -1.64 13.78 -21.97
C GLU A 410 -1.71 12.44 -21.24
N THR A 411 -2.66 12.30 -20.31
CA THR A 411 -2.77 10.99 -19.66
C THR A 411 -3.21 9.93 -20.65
N ARG A 412 -4.18 10.27 -21.50
CA ARG A 412 -4.60 9.34 -22.54
C ARG A 412 -3.46 9.04 -23.50
N GLU A 413 -2.61 10.03 -23.77
CA GLU A 413 -1.33 9.72 -24.40
C GLU A 413 -0.59 8.56 -23.72
N CYS A 414 0.00 8.81 -22.55
CA CYS A 414 0.84 7.79 -21.92
C CYS A 414 0.14 6.46 -21.70
N ILE A 415 -1.12 6.49 -21.27
CA ILE A 415 -1.84 5.24 -21.06
C ILE A 415 -1.96 4.46 -22.36
N GLN A 416 -2.25 5.16 -23.45
CA GLN A 416 -2.30 4.49 -24.75
C GLN A 416 -0.95 3.87 -25.07
N ALA A 417 0.14 4.62 -24.84
CA ALA A 417 1.46 4.05 -25.08
C ALA A 417 1.66 2.82 -24.21
N ARG A 418 1.23 2.89 -22.95
CA ARG A 418 1.35 1.72 -22.09
C ARG A 418 0.59 0.55 -22.69
N LEU A 419 -0.67 0.79 -23.01
CA LEU A 419 -1.48 -0.27 -23.59
C LEU A 419 -0.91 -0.68 -24.94
N HIS A 420 -0.46 0.30 -25.72
CA HIS A 420 0.16 -0.02 -27.00
C HIS A 420 1.36 -0.92 -26.77
N SER A 421 2.21 -0.58 -25.81
CA SER A 421 3.38 -1.42 -25.65
C SER A 421 2.99 -2.80 -25.14
N GLN A 422 1.97 -2.87 -24.27
CA GLN A 422 1.41 -4.17 -23.91
C GLN A 422 0.89 -4.88 -25.14
N ARG A 423 0.23 -4.13 -26.01
CA ARG A 423 -0.32 -4.71 -27.22
C ARG A 423 0.79 -5.27 -28.08
N GLU A 424 1.89 -4.53 -28.21
CA GLU A 424 3.01 -5.07 -28.96
C GLU A 424 3.56 -6.34 -28.31
N ASN A 425 3.71 -6.33 -26.98
CA ASN A 425 4.13 -7.56 -26.32
C ASN A 425 3.14 -8.70 -26.48
N GLN A 426 1.84 -8.39 -26.60
CA GLN A 426 0.90 -9.50 -26.61
C GLN A 426 1.11 -10.36 -27.83
N GLN A 427 1.02 -9.78 -29.03
CA GLN A 427 1.14 -10.64 -30.19
C GLN A 427 2.49 -11.34 -30.15
N GLN A 428 3.53 -10.61 -29.72
CA GLN A 428 4.84 -11.21 -29.53
C GLN A 428 4.61 -12.48 -28.73
N GLU A 429 4.32 -12.31 -27.44
CA GLU A 429 4.11 -13.45 -26.56
C GLU A 429 3.26 -14.51 -27.24
N ARG A 430 2.16 -14.10 -27.87
CA ARG A 430 1.31 -15.05 -28.58
C ARG A 430 2.21 -15.88 -29.48
N LEU A 431 2.68 -15.28 -30.57
CA LEU A 431 3.45 -16.04 -31.54
C LEU A 431 4.64 -16.71 -30.86
N LEU A 432 5.20 -16.09 -29.82
CA LEU A 432 6.34 -16.65 -29.12
C LEU A 432 6.05 -18.08 -28.67
N LEU A 433 5.11 -18.24 -27.75
CA LEU A 433 4.82 -19.56 -27.18
C LEU A 433 4.32 -20.51 -28.26
N PRO A 437 5.33 -24.98 -23.59
CA PRO A 437 4.41 -25.35 -22.50
C PRO A 437 4.34 -24.30 -21.40
N ARG A 438 3.13 -24.08 -20.86
CA ARG A 438 2.92 -23.01 -19.89
C ARG A 438 3.81 -23.18 -18.66
N HIS A 439 4.08 -24.42 -18.26
CA HIS A 439 4.96 -24.63 -17.11
C HIS A 439 6.39 -24.20 -17.40
N VAL A 440 6.95 -24.62 -18.53
CA VAL A 440 8.29 -24.16 -18.89
C VAL A 440 8.32 -22.64 -19.02
N ALA A 441 7.36 -22.06 -19.75
CA ALA A 441 7.34 -20.62 -19.94
C ALA A 441 7.23 -19.85 -18.63
N MET A 442 6.47 -20.39 -17.66
CA MET A 442 6.33 -19.73 -16.37
C MET A 442 7.56 -19.93 -15.48
N GLU A 443 8.19 -21.09 -15.56
CA GLU A 443 9.45 -21.29 -14.85
C GLU A 443 10.50 -20.34 -15.38
N MET A 444 10.69 -20.33 -16.69
CA MET A 444 11.60 -19.37 -17.33
C MET A 444 11.27 -17.93 -16.93
N LYS A 445 9.97 -17.58 -16.85
CA LYS A 445 9.58 -16.24 -16.43
C LYS A 445 9.98 -15.96 -14.99
N ALA A 446 9.95 -16.98 -14.13
CA ALA A 446 10.42 -16.84 -12.74
C ALA A 446 11.93 -16.65 -12.72
N ASP A 447 12.62 -17.43 -13.55
CA ASP A 447 14.07 -17.41 -13.58
C ASP A 447 14.57 -16.06 -14.08
N ILE A 448 13.90 -15.50 -15.09
CA ILE A 448 14.32 -14.19 -15.57
C ILE A 448 14.17 -13.20 -14.41
N ASN A 449 13.12 -13.37 -13.59
CA ASN A 449 13.01 -12.51 -12.41
C ASN A 449 14.16 -12.77 -11.46
N ALA A 450 14.76 -13.97 -11.51
CA ALA A 450 15.88 -14.23 -10.61
C ALA A 450 17.13 -13.48 -11.06
N LYS A 451 17.17 -13.01 -12.30
CA LYS A 451 18.35 -12.38 -12.90
C LYS A 451 19.61 -13.14 -12.50
N GLN A 452 19.64 -14.41 -12.92
CA GLN A 452 20.77 -15.30 -12.65
C GLN A 452 21.93 -14.97 -13.60
N GLU A 453 22.46 -13.76 -13.46
CA GLU A 453 23.78 -13.46 -14.01
C GLU A 453 24.85 -14.12 -13.16
N ASP A 454 26.00 -14.42 -13.79
CA ASP A 454 27.11 -15.07 -13.10
C ASP A 454 26.71 -16.48 -12.71
N MET A 455 26.33 -17.29 -13.68
CA MET A 455 26.16 -18.72 -13.52
C MET A 455 27.19 -19.43 -14.40
N MET A 456 27.84 -20.45 -13.83
CA MET A 456 28.87 -21.17 -14.59
C MET A 456 28.28 -21.99 -15.72
N PHE A 457 26.97 -22.18 -15.74
CA PHE A 457 26.30 -22.89 -16.82
C PHE A 457 24.96 -22.23 -17.10
N HIS A 458 24.53 -22.30 -18.36
CA HIS A 458 23.20 -21.84 -18.71
C HIS A 458 22.17 -22.85 -18.25
N LYS A 459 21.13 -22.38 -17.56
CA LYS A 459 20.16 -23.27 -16.98
C LYS A 459 19.45 -24.08 -18.06
N ILE A 460 19.58 -25.40 -17.98
CA ILE A 460 18.86 -26.31 -18.86
C ILE A 460 17.48 -26.56 -18.26
N TYR A 461 16.47 -26.65 -19.13
CA TYR A 461 15.09 -26.87 -18.71
C TYR A 461 14.66 -28.25 -19.21
N ILE A 462 15.00 -29.28 -18.42
CA ILE A 462 14.73 -30.67 -18.77
C ILE A 462 13.94 -31.33 -17.65
N GLN A 463 12.90 -32.07 -18.03
CA GLN A 463 12.10 -32.87 -17.13
C GLN A 463 12.03 -34.27 -17.73
N LYS A 464 12.24 -35.29 -16.92
CA LYS A 464 12.12 -36.65 -17.39
C LYS A 464 10.68 -37.14 -17.29
N HIS A 465 10.20 -37.79 -18.36
CA HIS A 465 8.94 -38.52 -18.37
C HIS A 465 9.19 -39.89 -18.97
N ASP A 466 8.88 -40.94 -18.24
CA ASP A 466 8.82 -42.27 -18.84
C ASP A 466 7.36 -42.65 -19.07
N ASN A 467 7.15 -43.85 -19.59
CA ASN A 467 5.82 -44.33 -19.96
C ASN A 467 5.18 -43.40 -20.99
N VAL A 468 5.93 -43.14 -22.05
CA VAL A 468 5.41 -42.37 -23.17
C VAL A 468 5.35 -43.27 -24.40
N SER A 469 4.52 -42.88 -25.36
CA SER A 469 4.53 -43.47 -26.70
C SER A 469 4.86 -42.40 -27.74
N ILE A 470 5.82 -42.70 -28.60
CA ILE A 470 6.33 -41.78 -29.60
C ILE A 470 5.85 -42.27 -30.96
N LEU A 471 5.20 -41.38 -31.70
CA LEU A 471 4.71 -41.66 -33.05
C LEU A 471 5.42 -40.71 -33.99
N PHE A 472 6.07 -41.28 -35.00
CA PHE A 472 6.57 -40.56 -36.16
C PHE A 472 5.74 -40.96 -37.38
N ALA A 473 5.30 -39.97 -38.16
CA ALA A 473 4.51 -40.26 -39.35
C ALA A 473 5.03 -39.41 -40.51
N ASP A 474 5.53 -40.09 -41.54
CA ASP A 474 6.14 -39.45 -42.69
C ASP A 474 5.29 -39.65 -43.94
N ILE A 475 5.27 -38.63 -44.79
CA ILE A 475 4.49 -38.64 -46.02
C ILE A 475 5.35 -39.23 -47.13
N GLU A 476 5.04 -40.46 -47.53
CA GLU A 476 5.72 -41.09 -48.66
C GLU A 476 5.37 -40.38 -49.95
N GLY A 477 6.39 -40.01 -50.73
CA GLY A 477 6.18 -39.34 -52.00
C GLY A 477 6.05 -37.84 -51.92
N PHE A 478 6.10 -37.27 -50.71
CA PHE A 478 5.87 -35.83 -50.55
C PHE A 478 6.83 -34.99 -51.38
N THR A 479 8.09 -35.41 -51.47
CA THR A 479 9.06 -34.67 -52.29
C THR A 479 8.61 -34.54 -53.75
N SER A 480 7.84 -35.50 -54.26
CA SER A 480 7.33 -35.35 -55.61
C SER A 480 6.26 -34.28 -55.68
N LEU A 481 5.30 -34.28 -54.75
CA LEU A 481 4.30 -33.22 -54.75
C LEU A 481 4.95 -31.86 -54.58
N ALA A 482 5.85 -31.74 -53.59
CA ALA A 482 6.59 -30.51 -53.35
C ALA A 482 7.47 -30.11 -54.52
N SER A 483 7.73 -31.02 -55.46
CA SER A 483 8.45 -30.66 -56.68
C SER A 483 7.52 -30.23 -57.80
N GLN A 484 6.21 -30.38 -57.63
CA GLN A 484 5.24 -29.99 -58.65
C GLN A 484 4.35 -28.83 -58.23
N CYS A 485 4.07 -28.68 -56.93
CA CYS A 485 3.26 -27.58 -56.45
C CYS A 485 4.09 -26.30 -56.32
N THR A 486 3.41 -25.16 -56.47
CA THR A 486 4.02 -23.88 -56.16
C THR A 486 4.20 -23.73 -54.65
N ALA A 487 5.06 -22.78 -54.26
CA ALA A 487 5.30 -22.53 -52.86
C ALA A 487 4.00 -22.22 -52.12
N GLN A 488 3.11 -21.44 -52.74
CA GLN A 488 1.84 -21.14 -52.09
C GLN A 488 0.97 -22.38 -51.98
N GLU A 489 0.76 -23.09 -53.09
CA GLU A 489 -0.06 -24.29 -53.04
C GLU A 489 0.53 -25.32 -52.07
N LEU A 490 1.86 -25.45 -52.07
CA LEU A 490 2.54 -26.36 -51.16
C LEU A 490 2.29 -25.99 -49.70
N VAL A 491 2.49 -24.72 -49.35
CA VAL A 491 2.28 -24.30 -47.96
C VAL A 491 0.82 -24.39 -47.56
N MET A 492 -0.10 -24.08 -48.47
CA MET A 492 -1.52 -24.24 -48.17
C MET A 492 -1.87 -25.70 -47.89
N THR A 493 -1.40 -26.61 -48.75
CA THR A 493 -1.67 -28.04 -48.56
C THR A 493 -1.04 -28.55 -47.27
N LEU A 494 0.23 -28.18 -47.02
CA LEU A 494 0.88 -28.56 -45.78
C LEU A 494 0.16 -28.01 -44.56
N ASN A 495 -0.25 -26.74 -44.59
CA ASN A 495 -0.90 -26.16 -43.42
C ASN A 495 -2.27 -26.79 -43.18
N GLU A 496 -3.01 -27.12 -44.24
CA GLU A 496 -4.26 -27.85 -44.07
C GLU A 496 -4.02 -29.24 -43.49
N LEU A 497 -3.06 -29.96 -44.04
CA LEU A 497 -2.74 -31.30 -43.55
C LEU A 497 -2.29 -31.28 -42.09
N PHE A 498 -1.35 -30.41 -41.74
CA PHE A 498 -0.87 -30.33 -40.37
C PHE A 498 -1.88 -29.74 -39.41
N ALA A 499 -2.79 -28.87 -39.85
CA ALA A 499 -3.90 -28.46 -39.00
C ALA A 499 -4.87 -29.59 -38.73
N ARG A 500 -5.09 -30.46 -39.72
CA ARG A 500 -5.86 -31.68 -39.51
C ARG A 500 -5.16 -32.61 -38.52
N PHE A 501 -3.85 -32.78 -38.68
CA PHE A 501 -3.11 -33.61 -37.73
C PHE A 501 -3.07 -32.99 -36.33
N ASP A 502 -2.92 -31.67 -36.23
CA ASP A 502 -3.02 -30.97 -34.95
C ASP A 502 -4.37 -31.22 -34.28
N LYS A 503 -5.45 -31.24 -35.07
CA LYS A 503 -6.76 -31.56 -34.52
C LYS A 503 -6.85 -33.00 -34.05
N LEU A 504 -6.44 -33.94 -34.89
CA LEU A 504 -6.47 -35.35 -34.49
C LEU A 504 -5.60 -35.59 -33.26
N ALA A 505 -4.44 -34.92 -33.18
CA ALA A 505 -3.56 -35.02 -32.02
C ALA A 505 -4.22 -34.50 -30.76
N ALA A 506 -4.91 -33.35 -30.84
CA ALA A 506 -5.64 -32.85 -29.69
C ALA A 506 -6.78 -33.80 -29.30
N GLU A 507 -7.46 -34.37 -30.29
CA GLU A 507 -8.55 -35.31 -30.00
C GLU A 507 -8.02 -36.62 -29.44
N ASN A 508 -6.84 -37.06 -29.90
CA ASN A 508 -6.23 -38.29 -29.43
C ASN A 508 -5.29 -38.09 -28.25
N HIS A 509 -5.30 -36.91 -27.64
CA HIS A 509 -4.45 -36.61 -26.49
C HIS A 509 -2.97 -36.87 -26.82
N CYS A 510 -2.60 -36.58 -28.06
CA CYS A 510 -1.20 -36.65 -28.49
C CYS A 510 -0.63 -35.24 -28.56
N LEU A 511 0.53 -35.04 -27.93
CA LEU A 511 1.24 -33.78 -27.99
C LEU A 511 2.13 -33.77 -29.23
N ARG A 512 1.84 -32.89 -30.18
CA ARG A 512 2.79 -32.60 -31.24
C ARG A 512 4.06 -32.00 -30.64
N ILE A 513 5.21 -32.60 -30.97
CA ILE A 513 6.48 -32.04 -30.53
C ILE A 513 7.02 -31.16 -31.64
N LYS A 514 7.23 -31.72 -32.83
CA LYS A 514 7.89 -31.01 -33.89
C LYS A 514 7.36 -31.51 -35.22
N ILE A 515 7.54 -30.70 -36.26
CA ILE A 515 7.41 -31.13 -37.65
C ILE A 515 8.80 -31.14 -38.27
N LEU A 516 9.13 -32.25 -38.94
CA LEU A 516 10.44 -32.46 -39.55
C LEU A 516 10.21 -32.69 -41.04
N GLY A 517 10.09 -31.59 -41.78
CA GLY A 517 9.78 -31.65 -43.19
C GLY A 517 8.36 -32.12 -43.43
N ASP A 518 8.21 -33.29 -44.05
CA ASP A 518 6.90 -33.91 -44.18
C ASP A 518 6.49 -34.70 -42.95
N CYS A 519 7.43 -34.97 -42.04
CA CYS A 519 7.17 -35.85 -40.91
C CYS A 519 6.55 -35.09 -39.74
N TYR A 520 5.41 -35.58 -39.28
CA TYR A 520 4.75 -35.13 -38.06
C TYR A 520 5.10 -36.12 -36.94
N TYR A 521 5.61 -35.62 -35.82
CA TYR A 521 5.87 -36.52 -34.70
C TYR A 521 5.29 -35.96 -33.41
N CYS A 522 4.73 -36.88 -32.63
CA CYS A 522 4.03 -36.54 -31.40
C CYS A 522 4.25 -37.62 -30.35
N VAL A 523 4.07 -37.23 -29.11
CA VAL A 523 4.26 -38.11 -27.96
C VAL A 523 2.98 -38.09 -27.14
N SER A 524 2.53 -39.26 -26.73
CA SER A 524 1.49 -39.42 -25.73
C SER A 524 2.12 -39.77 -24.39
N GLY A 525 1.56 -39.20 -23.32
CA GLY A 525 2.18 -39.27 -22.02
C GLY A 525 2.99 -38.06 -21.63
N LEU A 526 2.97 -36.99 -22.44
CA LEU A 526 3.63 -35.74 -22.11
C LEU A 526 2.61 -34.60 -22.06
N PRO A 527 2.74 -33.67 -21.10
CA PRO A 527 3.64 -33.68 -19.94
C PRO A 527 3.07 -34.51 -18.80
N GLU A 528 1.79 -34.90 -18.89
CA GLU A 528 1.13 -35.71 -17.88
C GLU A 528 1.18 -37.17 -18.31
N ALA A 529 1.76 -38.02 -17.46
CA ALA A 529 1.81 -39.45 -17.76
C ALA A 529 0.41 -40.05 -17.79
N ARG A 530 0.19 -40.97 -18.73
CA ARG A 530 -1.10 -41.63 -18.89
C ARG A 530 -0.87 -43.08 -19.30
N ALA A 531 -1.79 -43.95 -18.88
CA ALA A 531 -1.64 -45.38 -19.10
C ALA A 531 -2.02 -45.82 -20.50
N ASP A 532 -2.88 -45.08 -21.19
CA ASP A 532 -3.35 -45.43 -22.52
C ASP A 532 -2.53 -44.75 -23.61
N HIS A 533 -1.31 -44.33 -23.27
CA HIS A 533 -0.46 -43.61 -24.21
C HIS A 533 -0.19 -44.40 -25.49
N ALA A 534 0.06 -45.71 -25.37
CA ALA A 534 0.29 -46.52 -26.56
C ALA A 534 -0.97 -46.64 -27.41
N HIS A 535 -2.14 -46.84 -26.78
CA HIS A 535 -3.39 -46.87 -27.53
C HIS A 535 -3.66 -45.52 -28.19
N CYS A 536 -3.42 -44.43 -27.44
CA CYS A 536 -3.54 -43.09 -27.99
C CYS A 536 -2.70 -42.90 -29.24
N CYS A 537 -1.42 -43.29 -29.19
CA CYS A 537 -0.56 -43.17 -30.36
C CYS A 537 -0.98 -44.08 -31.51
N VAL A 538 -1.45 -45.30 -31.22
CA VAL A 538 -1.92 -46.16 -32.30
C VAL A 538 -3.14 -45.57 -32.99
N GLU A 539 -4.09 -45.07 -32.21
CA GLU A 539 -5.28 -44.45 -32.79
C GLU A 539 -4.94 -43.17 -33.54
N MET A 540 -4.05 -42.35 -33.00
CA MET A 540 -3.51 -41.21 -33.73
C MET A 540 -2.93 -41.62 -35.08
N GLY A 541 -2.11 -42.67 -35.10
CA GLY A 541 -1.55 -43.14 -36.37
C GLY A 541 -2.59 -43.65 -37.35
N MET A 542 -3.67 -44.25 -36.83
CA MET A 542 -4.74 -44.69 -37.72
C MET A 542 -5.47 -43.49 -38.31
N ASP A 543 -5.84 -42.52 -37.46
CA ASP A 543 -6.55 -41.35 -37.95
C ASP A 543 -5.68 -40.53 -38.89
N MET A 544 -4.36 -40.49 -38.66
CA MET A 544 -3.43 -39.87 -39.59
C MET A 544 -3.41 -40.57 -40.95
N ILE A 545 -3.40 -41.90 -40.96
CA ILE A 545 -3.41 -42.63 -42.22
C ILE A 545 -4.72 -42.42 -42.97
N GLU A 546 -5.84 -42.37 -42.24
CA GLU A 546 -7.12 -42.03 -42.86
C GLU A 546 -7.13 -40.62 -43.41
N ALA A 547 -6.65 -39.65 -42.63
CA ALA A 547 -6.62 -38.26 -43.09
C ALA A 547 -5.76 -38.09 -44.33
N ILE A 548 -4.60 -38.75 -44.38
CA ILE A 548 -3.78 -38.63 -45.59
C ILE A 548 -4.38 -39.39 -46.77
N SER A 549 -5.11 -40.48 -46.52
CA SER A 549 -5.85 -41.12 -47.61
C SER A 549 -6.91 -40.18 -48.18
N LEU A 550 -7.61 -39.48 -47.30
CA LEU A 550 -8.58 -38.47 -47.74
C LEU A 550 -7.92 -37.33 -48.50
N VAL A 551 -6.76 -36.87 -48.03
CA VAL A 551 -6.02 -35.82 -48.74
C VAL A 551 -5.58 -36.30 -50.12
N ARG A 552 -5.13 -37.55 -50.22
CA ARG A 552 -4.82 -38.13 -51.53
C ARG A 552 -6.05 -38.14 -52.44
N GLU A 553 -7.20 -38.55 -51.90
CA GLU A 553 -8.44 -38.57 -52.68
C GLU A 553 -8.88 -37.18 -53.13
N VAL A 554 -8.72 -36.17 -52.27
CA VAL A 554 -9.15 -34.82 -52.63
C VAL A 554 -8.16 -34.13 -53.57
N THR A 555 -6.86 -34.29 -53.33
CA THR A 555 -5.87 -33.59 -54.13
C THR A 555 -5.47 -34.35 -55.40
N GLY A 556 -5.82 -35.63 -55.49
CA GLY A 556 -5.38 -36.44 -56.61
C GLY A 556 -3.92 -36.81 -56.56
N VAL A 557 -3.19 -36.39 -55.54
CA VAL A 557 -1.77 -36.69 -55.39
C VAL A 557 -1.64 -38.01 -54.64
N ASN A 558 -0.95 -38.97 -55.24
CA ASN A 558 -0.80 -40.28 -54.62
C ASN A 558 0.15 -40.22 -53.44
N VAL A 559 -0.27 -39.57 -52.36
CA VAL A 559 0.48 -39.54 -51.12
C VAL A 559 0.00 -40.66 -50.21
N ASN A 560 0.91 -41.14 -49.36
CA ASN A 560 0.58 -42.13 -48.35
C ASN A 560 1.42 -41.80 -47.12
N MET A 561 1.18 -42.52 -46.02
CA MET A 561 1.86 -42.24 -44.77
C MET A 561 2.42 -43.50 -44.15
N ARG A 562 3.69 -43.43 -43.73
CA ARG A 562 4.29 -44.42 -42.86
C ARG A 562 4.19 -43.93 -41.42
N VAL A 563 3.82 -44.84 -40.52
CA VAL A 563 3.70 -44.51 -39.10
C VAL A 563 4.52 -45.51 -38.29
N GLY A 564 5.46 -44.98 -37.51
CA GLY A 564 6.24 -45.77 -36.56
C GLY A 564 5.87 -45.36 -35.13
N ILE A 565 5.63 -46.37 -34.29
CA ILE A 565 5.26 -46.16 -32.90
C ILE A 565 6.16 -47.01 -32.00
N HIS A 566 6.83 -46.34 -31.06
CA HIS A 566 7.60 -46.95 -29.99
C HIS A 566 7.06 -46.49 -28.65
N SER A 567 7.30 -47.28 -27.61
CA SER A 567 6.84 -46.93 -26.28
C SER A 567 7.97 -47.16 -25.29
N GLY A 568 8.25 -46.14 -24.47
CA GLY A 568 9.46 -46.09 -23.67
C GLY A 568 9.56 -44.86 -22.81
N ARG A 569 10.78 -44.30 -22.68
CA ARG A 569 11.04 -43.12 -21.87
C ARG A 569 11.65 -42.01 -22.70
N VAL A 570 11.50 -40.78 -22.21
CA VAL A 570 12.08 -39.60 -22.84
C VAL A 570 12.43 -38.59 -21.76
N HIS A 571 13.52 -37.85 -21.99
CA HIS A 571 13.71 -36.55 -21.36
C HIS A 571 13.13 -35.50 -22.29
N CYS A 572 12.26 -34.64 -21.78
CA CYS A 572 11.67 -33.59 -22.58
C CYS A 572 12.02 -32.23 -21.99
N GLY A 573 12.17 -31.23 -22.86
CA GLY A 573 12.69 -29.95 -22.38
C GLY A 573 13.07 -29.03 -23.52
N VAL A 574 13.86 -28.01 -23.17
CA VAL A 574 14.35 -27.02 -24.11
C VAL A 574 15.86 -26.87 -23.96
N LEU A 575 16.55 -26.75 -25.10
CA LEU A 575 17.98 -26.51 -25.17
C LEU A 575 18.27 -25.27 -25.99
N GLY A 576 19.48 -24.72 -25.81
CA GLY A 576 19.89 -23.53 -26.54
C GLY A 576 19.41 -22.26 -25.86
N LEU A 577 19.73 -21.13 -26.49
CA LEU A 577 19.31 -19.82 -25.97
C LEU A 577 18.22 -19.15 -26.78
N ARG A 578 18.17 -19.38 -28.10
CA ARG A 578 17.26 -18.64 -28.97
C ARG A 578 16.43 -19.61 -29.81
N LYS A 579 15.22 -19.16 -30.16
CA LYS A 579 14.24 -19.96 -30.90
C LYS A 579 13.96 -21.27 -30.17
N TRP A 580 13.69 -21.13 -28.87
CA TRP A 580 13.38 -22.26 -28.01
C TRP A 580 12.19 -23.06 -28.53
N GLN A 581 12.37 -24.38 -28.59
CA GLN A 581 11.30 -25.29 -28.96
C GLN A 581 11.30 -26.47 -27.98
N PHE A 582 10.11 -26.91 -27.61
CA PHE A 582 9.97 -28.09 -26.76
C PHE A 582 10.31 -29.35 -27.55
N ASP A 583 11.24 -30.14 -27.03
CA ASP A 583 11.70 -31.33 -27.73
C ASP A 583 11.82 -32.49 -26.75
N VAL A 584 12.09 -33.67 -27.31
CA VAL A 584 12.23 -34.91 -26.55
C VAL A 584 13.50 -35.63 -27.02
N TRP A 585 14.24 -36.20 -26.08
CA TRP A 585 15.48 -36.92 -26.34
C TRP A 585 15.44 -38.26 -25.62
N SER A 586 15.74 -39.33 -26.35
CA SER A 586 16.04 -40.63 -25.75
C SER A 586 16.41 -41.60 -26.86
N ASN A 587 17.08 -42.68 -26.47
CA ASN A 587 17.25 -43.81 -27.38
C ASN A 587 15.91 -44.33 -27.87
N ASP A 588 14.88 -44.21 -27.04
CA ASP A 588 13.54 -44.64 -27.43
C ASP A 588 12.98 -43.76 -28.54
N VAL A 589 13.36 -42.49 -28.60
CA VAL A 589 12.96 -41.63 -29.71
C VAL A 589 13.68 -42.04 -30.99
N THR A 590 14.97 -42.33 -30.90
CA THR A 590 15.71 -42.82 -32.07
C THR A 590 15.12 -44.13 -32.59
N LEU A 591 14.78 -45.06 -31.68
CA LEU A 591 14.12 -46.28 -32.10
C LEU A 591 12.74 -46.02 -32.72
N ALA A 592 11.97 -45.09 -32.15
CA ALA A 592 10.70 -44.72 -32.77
C ALA A 592 10.88 -44.18 -34.19
N ASN A 593 11.92 -43.36 -34.40
CA ASN A 593 12.23 -42.87 -35.73
C ASN A 593 12.62 -43.99 -36.70
N HIS A 594 13.49 -44.90 -36.27
CA HIS A 594 13.80 -46.05 -37.10
C HIS A 594 12.59 -46.95 -37.33
N MET A 595 11.64 -46.96 -36.41
CA MET A 595 10.40 -47.70 -36.60
C MET A 595 9.50 -47.06 -37.64
N GLU A 596 9.47 -45.72 -37.69
CA GLU A 596 8.81 -45.05 -38.79
C GLU A 596 9.52 -45.35 -40.10
N ALA A 597 10.84 -45.16 -40.14
CA ALA A 597 11.57 -45.33 -41.39
C ALA A 597 11.51 -46.78 -41.87
N GLY A 598 11.35 -47.73 -40.94
CA GLY A 598 11.13 -49.12 -41.26
C GLY A 598 9.69 -49.52 -41.42
N GLY A 599 8.76 -48.59 -41.26
CA GLY A 599 7.35 -48.89 -41.41
C GLY A 599 6.95 -49.07 -42.86
N LYS A 600 5.72 -49.49 -43.05
CA LYS A 600 5.11 -49.61 -44.37
C LYS A 600 4.04 -48.55 -44.54
N ALA A 601 4.01 -47.94 -45.73
CA ALA A 601 3.08 -46.85 -45.97
C ALA A 601 1.64 -47.34 -45.86
N GLY A 602 0.80 -46.54 -45.23
CA GLY A 602 -0.55 -46.97 -44.93
C GLY A 602 -0.66 -48.00 -43.84
N ARG A 603 0.43 -48.28 -43.13
CA ARG A 603 0.45 -49.26 -42.05
C ARG A 603 1.16 -48.69 -40.84
N ILE A 604 0.70 -49.08 -39.66
CA ILE A 604 1.34 -48.68 -38.41
C ILE A 604 2.31 -49.76 -37.97
N HIS A 605 3.58 -49.38 -37.83
CA HIS A 605 4.66 -50.27 -37.44
C HIS A 605 4.98 -49.96 -35.99
N ILE A 606 4.84 -50.95 -35.12
CA ILE A 606 4.95 -50.76 -33.68
C ILE A 606 6.03 -51.68 -33.13
N THR A 607 6.66 -51.23 -32.05
CA THR A 607 7.60 -52.10 -31.36
C THR A 607 6.88 -53.08 -30.43
N LYS A 608 7.62 -54.10 -30.02
CA LYS A 608 7.17 -54.99 -28.94
C LYS A 608 6.79 -54.21 -27.69
N ALA A 609 7.54 -53.15 -27.37
CA ALA A 609 7.17 -52.34 -26.22
C ALA A 609 5.76 -51.75 -26.37
N THR A 610 5.50 -51.13 -27.52
CA THR A 610 4.16 -50.64 -27.79
C THR A 610 3.14 -51.78 -27.76
N LEU A 611 3.45 -52.91 -28.39
CA LEU A 611 2.51 -54.03 -28.37
C LEU A 611 2.19 -54.45 -26.95
N ASN A 612 3.20 -54.45 -26.08
CA ASN A 612 3.00 -54.78 -24.67
C ASN A 612 2.08 -53.77 -24.00
N TYR A 613 2.23 -52.50 -24.36
CA TYR A 613 1.32 -51.49 -23.81
C TYR A 613 -0.08 -51.57 -24.42
N LEU A 614 -0.25 -52.24 -25.56
CA LEU A 614 -1.56 -52.38 -26.17
C LEU A 614 -2.38 -53.51 -25.57
N ASN A 615 -1.80 -54.31 -24.68
CA ASN A 615 -2.52 -55.37 -23.97
C ASN A 615 -3.21 -56.34 -24.92
N GLY A 616 -2.76 -56.40 -26.18
CA GLY A 616 -3.36 -57.27 -27.15
C GLY A 616 -4.66 -56.80 -27.75
N ASP A 617 -5.02 -55.53 -27.53
CA ASP A 617 -6.29 -55.02 -28.03
C ASP A 617 -6.31 -54.86 -29.54
N TYR A 618 -5.16 -54.99 -30.22
CA TYR A 618 -5.06 -54.81 -31.65
C TYR A 618 -4.44 -56.05 -32.28
N GLU A 619 -4.98 -56.46 -33.43
CA GLU A 619 -4.41 -57.54 -34.20
C GLU A 619 -3.13 -57.07 -34.88
N VAL A 620 -2.05 -57.83 -34.69
CA VAL A 620 -0.74 -57.49 -35.25
C VAL A 620 -0.18 -58.69 -35.99
N GLU A 621 0.54 -58.40 -37.06
CA GLU A 621 1.35 -59.36 -37.79
C GLU A 621 2.82 -59.09 -37.56
N PRO A 622 3.69 -60.08 -37.76
CA PRO A 622 5.13 -59.78 -37.73
C PRO A 622 5.48 -58.69 -38.73
N GLY A 623 6.14 -57.64 -38.22
CA GLY A 623 6.45 -56.50 -39.06
C GLY A 623 7.67 -56.71 -39.93
N CYS A 624 8.55 -57.62 -39.54
CA CYS A 624 9.80 -57.85 -40.25
C CYS A 624 10.56 -56.54 -40.44
N GLY A 625 10.55 -55.71 -39.39
CA GLY A 625 11.21 -54.42 -39.48
C GLY A 625 12.70 -54.53 -39.77
N GLY A 626 13.35 -55.57 -39.22
CA GLY A 626 14.75 -55.78 -39.48
C GLY A 626 15.09 -56.12 -40.91
N GLU A 627 14.10 -56.48 -41.72
CA GLU A 627 14.32 -56.63 -43.16
C GLU A 627 14.37 -55.29 -43.88
N ARG A 628 13.74 -54.25 -43.32
CA ARG A 628 13.65 -52.95 -43.96
C ARG A 628 14.50 -51.87 -43.30
N ASN A 629 14.92 -52.07 -42.05
CA ASN A 629 15.69 -51.08 -41.32
C ASN A 629 16.92 -51.73 -40.71
N ALA A 630 18.09 -51.18 -41.00
CA ALA A 630 19.33 -51.72 -40.48
C ALA A 630 19.38 -51.62 -38.96
N TYR A 631 18.92 -50.50 -38.41
CA TYR A 631 18.95 -50.31 -36.96
C TYR A 631 18.08 -51.35 -36.25
N LEU A 632 16.88 -51.59 -36.78
CA LEU A 632 16.00 -52.61 -36.20
C LEU A 632 16.60 -54.01 -36.32
N LYS A 633 17.40 -54.26 -37.36
CA LYS A 633 18.06 -55.55 -37.51
C LYS A 633 19.20 -55.72 -36.52
N GLU A 634 20.08 -54.73 -36.42
CA GLU A 634 21.24 -54.84 -35.54
C GLU A 634 20.81 -54.99 -34.07
N HIS A 635 19.83 -54.21 -33.64
CA HIS A 635 19.34 -54.30 -32.27
C HIS A 635 18.31 -55.41 -32.07
N SER A 636 17.99 -56.17 -33.12
CA SER A 636 17.08 -57.30 -33.02
C SER A 636 15.77 -56.91 -32.34
N ILE A 637 15.26 -55.74 -32.69
CA ILE A 637 14.03 -55.23 -32.10
C ILE A 637 12.87 -56.00 -32.71
N GLU A 638 12.10 -56.68 -31.85
CA GLU A 638 10.91 -57.37 -32.33
C GLU A 638 9.86 -56.33 -32.73
N THR A 639 9.33 -56.47 -33.95
CA THR A 639 8.52 -55.42 -34.54
C THR A 639 7.26 -56.05 -35.15
N PHE A 640 6.19 -55.27 -35.14
CA PHE A 640 4.88 -55.74 -35.55
C PHE A 640 4.22 -54.67 -36.42
N LEU A 641 3.34 -55.10 -37.31
CA LEU A 641 2.49 -54.19 -38.06
C LEU A 641 1.05 -54.40 -37.60
N ILE A 642 0.37 -53.31 -37.27
CA ILE A 642 -1.04 -53.40 -36.91
C ILE A 642 -1.87 -53.68 -38.15
N LEU A 643 -2.78 -54.64 -38.04
CA LEU A 643 -3.72 -54.94 -39.12
C LEU A 643 -5.01 -54.18 -38.86
N ARG A 644 -5.68 -54.54 -37.77
CA ARG A 644 -6.99 -53.99 -37.46
C ARG A 644 -7.17 -54.02 -35.94
N CYS A 645 -8.06 -53.17 -35.45
CA CYS A 645 -8.40 -53.16 -34.03
C CYS A 645 -9.20 -54.41 -33.65
N ASN A 711 -12.81 -3.55 -30.69
CA ASN A 711 -11.96 -2.40 -30.94
C ASN A 711 -10.90 -2.28 -29.83
N PRO A 712 -9.63 -2.21 -30.21
CA PRO A 712 -8.59 -2.02 -29.19
C PRO A 712 -8.74 -0.73 -28.41
N GLU A 713 -9.32 0.31 -29.00
CA GLU A 713 -9.60 1.52 -28.23
C GLU A 713 -10.67 1.27 -27.18
N ASP A 714 -11.63 0.40 -27.46
CA ASP A 714 -12.66 0.13 -26.46
C ASP A 714 -12.07 -0.63 -25.28
N GLU A 715 -11.10 -1.52 -25.54
CA GLU A 715 -10.39 -2.19 -24.46
C GLU A 715 -9.53 -1.20 -23.67
N VAL A 716 -8.89 -0.27 -24.37
CA VAL A 716 -8.16 0.80 -23.69
C VAL A 716 -9.08 1.60 -22.78
N ASP A 717 -10.23 2.02 -23.31
CA ASP A 717 -11.17 2.82 -22.55
C ASP A 717 -11.76 2.03 -21.38
N GLU A 718 -12.01 0.74 -21.56
CA GLU A 718 -12.49 -0.09 -20.46
C GLU A 718 -11.43 -0.26 -19.38
N PHE A 719 -10.18 -0.55 -19.76
CA PHE A 719 -9.11 -0.66 -18.77
C PHE A 719 -8.92 0.65 -18.03
N LEU A 720 -8.93 1.77 -18.76
CA LEU A 720 -8.85 3.09 -18.11
C LEU A 720 -10.04 3.37 -17.20
N GLY A 721 -11.24 3.02 -17.62
CA GLY A 721 -12.40 3.14 -16.73
C GLY A 721 -12.24 2.34 -15.45
N ARG A 722 -11.83 1.08 -15.59
CA ARG A 722 -11.58 0.25 -14.42
C ARG A 722 -10.51 0.83 -13.51
N ALA A 723 -9.47 1.42 -14.10
CA ALA A 723 -8.43 2.03 -13.29
C ALA A 723 -8.91 3.31 -12.60
N ILE A 724 -9.66 4.15 -13.32
CA ILE A 724 -10.30 5.30 -12.69
C ILE A 724 -11.19 4.87 -11.53
N ASP A 725 -11.92 3.77 -11.69
CA ASP A 725 -12.81 3.32 -10.63
C ASP A 725 -12.01 2.78 -9.45
N ALA A 726 -10.96 2.00 -9.74
CA ALA A 726 -10.19 1.35 -8.68
C ALA A 726 -9.23 2.33 -8.06
N ARG A 727 -8.74 3.29 -8.85
CA ARG A 727 -7.89 4.37 -8.37
C ARG A 727 -8.85 5.46 -7.90
N SER A 728 -9.44 5.24 -6.72
CA SER A 728 -10.38 6.20 -6.16
C SER A 728 -9.67 7.51 -5.87
N ILE A 729 -10.37 8.62 -6.03
CA ILE A 729 -9.68 9.90 -6.11
C ILE A 729 -9.44 10.50 -4.73
N ASP A 730 -10.44 10.45 -3.84
CA ASP A 730 -10.21 10.98 -2.50
C ASP A 730 -9.22 10.12 -1.73
N ARG A 731 -9.20 8.82 -2.00
CA ARG A 731 -8.23 7.94 -1.34
C ARG A 731 -6.81 8.19 -1.82
N LEU A 732 -6.61 8.19 -3.14
CA LEU A 732 -5.30 8.52 -3.69
C LEU A 732 -4.80 9.88 -3.21
N ARG A 733 -5.68 10.89 -3.22
CA ARG A 733 -5.34 12.18 -2.64
C ARG A 733 -4.87 12.08 -1.19
N SER A 734 -5.63 11.37 -0.36
CA SER A 734 -5.30 11.25 1.05
C SER A 734 -4.06 10.40 1.31
N GLU A 735 -3.76 9.48 0.40
CA GLU A 735 -2.62 8.57 0.55
C GLU A 735 -1.32 9.21 0.10
N HIS A 736 -1.30 9.86 -1.05
CA HIS A 736 -0.04 10.28 -1.64
C HIS A 736 0.29 11.74 -1.37
N VAL A 737 -0.25 12.33 -0.30
CA VAL A 737 0.04 13.69 0.12
C VAL A 737 -0.20 13.77 1.63
N ARG A 738 0.63 14.56 2.31
CA ARG A 738 0.44 14.76 3.75
C ARG A 738 -0.81 15.60 4.01
N LYS A 739 -1.43 15.37 5.17
CA LYS A 739 -2.72 15.95 5.48
C LYS A 739 -2.78 17.47 5.39
N PHE A 740 -1.87 18.18 6.08
CA PHE A 740 -1.90 19.63 6.18
C PHE A 740 -0.90 20.33 5.28
N LEU A 741 0.35 19.85 5.25
CA LEU A 741 1.37 20.51 4.45
C LEU A 741 1.06 20.43 2.95
N LEU A 742 0.28 19.42 2.54
CA LEU A 742 -0.07 19.20 1.14
C LEU A 742 1.15 18.86 0.28
N THR A 743 2.33 18.79 0.88
CA THR A 743 3.49 18.27 0.18
C THR A 743 3.39 16.75 0.08
N PHE A 744 3.95 16.21 -1.01
CA PHE A 744 4.04 14.76 -1.12
C PHE A 744 4.84 14.21 0.05
N ARG A 745 4.34 13.10 0.61
CA ARG A 745 5.01 12.49 1.76
C ARG A 745 6.42 12.06 1.41
N GLU A 746 6.63 11.60 0.17
CA GLU A 746 7.96 11.27 -0.31
C GLU A 746 8.65 12.53 -0.83
N PRO A 747 9.86 12.85 -0.39
CA PRO A 747 10.54 14.03 -0.96
C PRO A 747 10.77 13.92 -2.45
N ASP A 748 10.92 12.69 -2.97
CA ASP A 748 11.15 12.51 -4.40
C ASP A 748 9.90 12.84 -5.21
N LEU A 749 8.72 12.50 -4.69
CA LEU A 749 7.47 12.92 -5.32
C LEU A 749 7.37 14.44 -5.37
N GLU A 750 7.72 15.12 -4.27
CA GLU A 750 7.70 16.58 -4.27
C GLU A 750 8.74 17.15 -5.22
N LYS A 751 9.89 16.52 -5.34
CA LYS A 751 10.91 16.98 -6.29
C LYS A 751 10.46 16.81 -7.74
N LYS A 752 9.79 15.69 -8.05
CA LYS A 752 9.21 15.54 -9.38
C LYS A 752 8.14 16.59 -9.65
N TYR A 753 7.26 16.82 -8.68
CA TYR A 753 6.23 17.82 -8.90
C TYR A 753 6.85 19.21 -9.06
N SER A 754 7.90 19.50 -8.29
CA SER A 754 8.58 20.78 -8.39
C SER A 754 9.34 20.94 -9.71
N LYS A 755 9.64 19.82 -10.39
CA LYS A 755 10.25 19.88 -11.71
C LYS A 755 9.25 20.13 -12.83
N GLN A 756 7.95 20.07 -12.57
CA GLN A 756 6.99 20.34 -13.64
C GLN A 756 6.98 21.83 -13.93
N VAL A 757 7.22 22.18 -15.19
CA VAL A 757 7.48 23.56 -15.58
C VAL A 757 6.24 24.14 -16.24
N ASP A 758 6.02 25.43 -16.02
CA ASP A 758 4.97 26.17 -16.68
C ASP A 758 5.52 26.89 -17.90
N ASP A 759 4.62 27.16 -18.85
CA ASP A 759 4.96 27.85 -20.09
C ASP A 759 4.01 28.99 -20.39
N ARG A 760 2.81 29.00 -19.81
CA ARG A 760 1.84 30.05 -20.01
C ARG A 760 2.00 31.15 -18.96
N PHE A 761 3.05 31.07 -18.13
CA PHE A 761 3.30 32.10 -17.14
C PHE A 761 3.26 33.48 -17.78
N GLY A 762 3.90 33.63 -18.94
CA GLY A 762 3.93 34.92 -19.60
C GLY A 762 2.55 35.41 -19.98
N ALA A 763 1.63 34.47 -20.28
CA ALA A 763 0.26 34.89 -20.58
C ALA A 763 -0.44 35.41 -19.33
N TYR A 764 -0.14 34.81 -18.17
CA TYR A 764 -0.70 35.31 -16.92
C TYR A 764 -0.13 36.67 -16.57
N VAL A 765 1.18 36.85 -16.78
CA VAL A 765 1.80 38.16 -16.58
C VAL A 765 1.17 39.20 -17.51
N ALA A 766 0.93 38.83 -18.77
CA ALA A 766 0.26 39.74 -19.70
C ALA A 766 -1.15 40.10 -19.23
N CYS A 767 -1.89 39.11 -18.72
CA CYS A 767 -3.21 39.40 -18.17
C CYS A 767 -3.12 40.34 -16.97
N ALA A 768 -2.17 40.11 -16.09
CA ALA A 768 -1.97 41.01 -14.96
C ALA A 768 -1.61 42.42 -15.41
N SER A 769 -0.81 42.54 -16.48
CA SER A 769 -0.50 43.85 -17.03
C SER A 769 -1.73 44.53 -17.64
N LEU A 770 -2.61 43.76 -18.27
CA LEU A 770 -3.87 44.33 -18.74
C LEU A 770 -4.76 44.79 -17.59
N VAL A 771 -4.81 43.99 -16.51
CA VAL A 771 -5.53 44.42 -15.31
C VAL A 771 -4.93 45.70 -14.75
N PHE A 772 -3.60 45.78 -14.73
CA PHE A 772 -2.92 47.02 -14.32
C PHE A 772 -3.34 48.21 -15.18
N LEU A 773 -3.42 48.02 -16.50
CA LEU A 773 -3.89 49.09 -17.37
C LEU A 773 -5.31 49.52 -17.04
N PHE A 774 -6.20 48.56 -16.80
CA PHE A 774 -7.56 48.90 -16.38
C PHE A 774 -7.58 49.65 -15.05
N ILE A 775 -6.75 49.22 -14.10
CA ILE A 775 -6.64 49.93 -12.82
C ILE A 775 -6.17 51.36 -13.04
N CYS A 776 -5.16 51.54 -13.87
CA CYS A 776 -4.70 52.89 -14.20
C CYS A 776 -5.80 53.75 -14.79
N PHE A 777 -6.57 53.19 -15.73
CA PHE A 777 -7.66 53.98 -16.32
C PHE A 777 -8.74 54.32 -15.30
N VAL A 778 -9.07 53.37 -14.41
CA VAL A 778 -10.03 53.66 -13.34
C VAL A 778 -9.52 54.78 -12.46
N GLN A 779 -8.25 54.69 -12.03
CA GLN A 779 -7.69 55.69 -11.14
C GLN A 779 -7.61 57.06 -11.80
N ILE A 780 -7.25 57.09 -13.09
CA ILE A 780 -7.22 58.34 -13.83
C ILE A 780 -8.62 58.90 -14.05
N THR A 781 -9.65 58.04 -14.03
CA THR A 781 -11.00 58.54 -14.25
C THR A 781 -11.63 59.04 -12.95
N ILE A 782 -11.37 58.37 -11.83
CA ILE A 782 -11.98 58.73 -10.56
C ILE A 782 -11.12 59.69 -9.77
N VAL A 783 -9.82 59.46 -9.70
CA VAL A 783 -8.92 60.20 -8.81
C VAL A 783 -8.31 61.35 -9.60
N PRO A 784 -8.32 62.58 -9.07
CA PRO A 784 -7.74 63.70 -9.82
C PRO A 784 -6.27 63.46 -10.11
N HIS A 785 -5.82 63.97 -11.26
CA HIS A 785 -4.49 63.70 -11.75
C HIS A 785 -3.46 64.50 -10.94
N SER A 786 -2.51 63.79 -10.33
CA SER A 786 -1.43 64.40 -9.57
C SER A 786 -0.09 64.02 -10.18
N ILE A 787 0.84 64.97 -10.21
CA ILE A 787 2.16 64.70 -10.78
C ILE A 787 2.84 63.58 -10.01
N PHE A 788 2.66 63.54 -8.69
CA PHE A 788 3.20 62.44 -7.90
C PHE A 788 2.54 61.13 -8.30
N MET A 789 1.21 61.13 -8.41
CA MET A 789 0.48 59.93 -8.81
C MET A 789 0.88 59.49 -10.20
N LEU A 790 0.89 60.41 -11.16
CA LEU A 790 1.24 60.03 -12.52
C LEU A 790 2.67 59.52 -12.64
N SER A 791 3.61 60.14 -11.92
CA SER A 791 4.99 59.64 -11.93
C SER A 791 5.11 58.26 -11.29
N PHE A 792 4.40 58.03 -10.18
CA PHE A 792 4.44 56.73 -9.53
C PHE A 792 3.82 55.64 -10.42
N TYR A 793 2.67 55.94 -11.02
CA TYR A 793 2.04 54.98 -11.94
C TYR A 793 2.89 54.74 -13.17
N LEU A 794 3.51 55.78 -13.71
CA LEU A 794 4.45 55.60 -14.83
C LEU A 794 5.61 54.68 -14.44
N THR A 795 6.15 54.87 -13.24
CA THR A 795 7.26 54.01 -12.79
C THR A 795 6.82 52.56 -12.66
N CYS A 796 5.65 52.33 -12.04
CA CYS A 796 5.13 50.97 -11.93
C CYS A 796 4.85 50.36 -13.30
N SER A 797 4.29 51.15 -14.22
CA SER A 797 4.05 50.66 -15.58
C SER A 797 5.34 50.25 -16.27
N LEU A 798 6.39 51.06 -16.16
CA LEU A 798 7.68 50.71 -16.75
C LEU A 798 8.24 49.43 -16.14
N LEU A 799 8.18 49.29 -14.83
CA LEU A 799 8.67 48.07 -14.19
C LEU A 799 7.88 46.84 -14.66
N LEU A 800 6.56 46.94 -14.67
CA LEU A 800 5.73 45.84 -15.11
C LEU A 800 5.99 45.47 -16.58
N THR A 801 6.11 46.48 -17.44
CA THR A 801 6.47 46.21 -18.83
C THR A 801 7.81 45.51 -18.96
N LEU A 802 8.80 45.90 -18.14
CA LEU A 802 10.08 45.22 -18.17
C LEU A 802 9.93 43.76 -17.75
N VAL A 803 9.14 43.49 -16.72
CA VAL A 803 8.92 42.11 -16.29
C VAL A 803 8.17 41.31 -17.34
N VAL A 804 7.18 41.91 -17.99
CA VAL A 804 6.50 41.26 -19.11
C VAL A 804 7.47 40.92 -20.23
N PHE A 805 8.32 41.88 -20.59
CA PHE A 805 9.31 41.65 -21.63
C PHE A 805 10.23 40.49 -21.28
N VAL A 806 10.78 40.51 -20.06
CA VAL A 806 11.66 39.42 -19.61
C VAL A 806 10.94 38.07 -19.60
N SER A 807 9.64 38.05 -19.32
CA SER A 807 8.91 36.77 -19.32
C SER A 807 8.62 36.30 -20.75
N VAL A 808 8.23 37.23 -21.63
CA VAL A 808 7.95 36.91 -23.02
C VAL A 808 9.21 36.48 -23.77
N ILE A 809 10.38 36.95 -23.36
CA ILE A 809 11.61 36.49 -24.01
C ILE A 809 11.70 34.97 -23.95
N TYR A 810 11.11 34.35 -22.93
CA TYR A 810 11.07 32.89 -22.87
C TYR A 810 10.20 32.31 -23.98
N SER A 811 9.09 32.97 -24.31
CA SER A 811 8.25 32.49 -25.41
C SER A 811 8.86 32.83 -26.77
N CYS A 812 9.63 33.91 -26.85
CA CYS A 812 10.21 34.40 -28.09
C CYS A 812 11.73 34.40 -28.02
N VAL A 813 12.30 33.29 -27.54
CA VAL A 813 13.73 33.22 -27.26
C VAL A 813 14.54 33.53 -28.51
N LYS A 814 14.08 33.06 -29.67
CA LYS A 814 14.86 33.18 -30.90
C LYS A 814 15.07 34.61 -31.36
N LEU A 815 14.25 35.56 -30.91
CA LEU A 815 14.34 36.93 -31.39
C LEU A 815 15.25 37.83 -30.56
N PHE A 816 15.78 37.33 -29.43
CA PHE A 816 16.50 38.19 -28.49
C PHE A 816 17.95 37.73 -28.33
N PRO A 817 18.85 38.62 -27.93
CA PRO A 817 20.26 38.24 -27.81
C PRO A 817 20.49 37.22 -26.69
N SER A 818 21.59 36.50 -26.83
CA SER A 818 21.88 35.36 -25.96
C SER A 818 21.79 35.67 -24.46
N PRO A 819 22.36 36.76 -23.94
CA PRO A 819 22.22 37.01 -22.49
C PRO A 819 20.78 37.17 -22.03
N LEU A 820 19.94 37.84 -22.81
CA LEU A 820 18.53 37.96 -22.45
C LEU A 820 17.81 36.63 -22.58
N GLN A 821 18.14 35.83 -23.59
CA GLN A 821 17.55 34.48 -23.67
C GLN A 821 17.92 33.66 -22.46
N THR A 822 19.16 33.79 -21.99
CA THR A 822 19.59 33.02 -20.83
C THR A 822 18.91 33.50 -19.56
N LEU A 823 18.79 34.82 -19.38
CA LEU A 823 18.07 35.35 -18.23
C LEU A 823 16.61 34.90 -18.22
N SER A 824 15.93 35.07 -19.36
CA SER A 824 14.52 34.67 -19.45
C SER A 824 14.32 33.19 -19.17
N ARG A 825 15.14 32.34 -19.80
CA ARG A 825 15.08 30.90 -19.52
C ARG A 825 15.38 30.59 -18.05
N LYS A 826 16.36 31.28 -17.45
CA LYS A 826 16.67 31.04 -16.06
C LYS A 826 15.54 31.47 -15.14
N ILE A 827 14.77 32.47 -15.55
CA ILE A 827 13.60 32.88 -14.76
C ILE A 827 12.47 31.87 -14.91
N VAL A 828 12.08 31.58 -16.16
CA VAL A 828 10.90 30.74 -16.35
C VAL A 828 11.20 29.30 -15.99
N ARG A 829 12.42 28.82 -16.29
CA ARG A 829 12.82 27.49 -15.88
C ARG A 829 12.96 27.37 -14.37
N SER A 830 13.02 28.49 -13.67
CA SER A 830 13.15 28.51 -12.21
C SER A 830 11.80 28.88 -11.63
N LYS A 831 11.09 27.88 -11.12
CA LYS A 831 9.82 28.15 -10.44
C LYS A 831 10.01 29.15 -9.31
N MET A 832 11.20 29.15 -8.68
CA MET A 832 11.49 30.13 -7.65
C MET A 832 11.55 31.54 -8.21
N ASN A 833 12.18 31.71 -9.37
CA ASN A 833 12.31 33.06 -9.93
C ASN A 833 10.97 33.58 -10.42
N SER A 834 10.19 32.73 -11.10
CA SER A 834 8.85 33.13 -11.53
C SER A 834 7.92 33.41 -10.35
N THR A 835 7.99 32.61 -9.30
CA THR A 835 7.21 32.89 -8.09
C THR A 835 7.60 34.23 -7.47
N LEU A 836 8.91 34.49 -7.33
CA LEU A 836 9.36 35.76 -6.80
C LEU A 836 8.90 36.93 -7.66
N VAL A 837 8.97 36.78 -8.98
CA VAL A 837 8.50 37.84 -9.87
C VAL A 837 7.00 38.05 -9.74
N GLY A 838 6.23 36.97 -9.60
CA GLY A 838 4.80 37.12 -9.36
C GLY A 838 4.48 37.86 -8.07
N VAL A 839 5.14 37.46 -6.98
CA VAL A 839 4.96 38.15 -5.69
C VAL A 839 5.33 39.63 -5.81
N PHE A 840 6.48 39.91 -6.41
CA PHE A 840 6.90 41.29 -6.62
C PHE A 840 5.88 42.08 -7.44
N THR A 841 5.35 41.47 -8.50
CA THR A 841 4.32 42.11 -9.32
C THR A 841 3.08 42.45 -8.51
N ILE A 842 2.60 41.48 -7.72
CA ILE A 842 1.41 41.72 -6.90
C ILE A 842 1.65 42.82 -5.88
N THR A 843 2.84 42.81 -5.25
CA THR A 843 3.16 43.86 -4.28
C THR A 843 3.21 45.23 -4.94
N LEU A 844 3.74 45.31 -6.15
CA LEU A 844 3.72 46.55 -6.90
C LEU A 844 2.30 47.01 -7.21
N VAL A 845 1.43 46.08 -7.61
CA VAL A 845 0.04 46.46 -7.89
C VAL A 845 -0.64 47.00 -6.64
N PHE A 846 -0.41 46.37 -5.49
CA PHE A 846 -1.01 46.87 -4.24
C PHE A 846 -0.48 48.27 -3.90
N LEU A 847 0.85 48.44 -3.99
CA LEU A 847 1.40 49.76 -3.75
C LEU A 847 0.79 50.80 -4.69
N ALA A 848 0.64 50.46 -5.97
CA ALA A 848 -0.02 51.40 -6.88
C ALA A 848 -1.46 51.63 -6.45
N ALA A 849 -2.06 50.64 -5.76
CA ALA A 849 -3.46 50.75 -5.35
C ALA A 849 -3.66 51.71 -4.19
N PHE A 850 -2.63 51.96 -3.37
CA PHE A 850 -2.85 52.84 -2.21
C PHE A 850 -1.84 53.97 -2.03
N VAL A 851 -0.66 53.91 -2.66
CA VAL A 851 0.29 55.00 -2.44
C VAL A 851 -0.38 56.30 -2.83
N ASN A 852 -1.21 56.27 -3.89
CA ASN A 852 -1.95 57.45 -4.26
C ASN A 852 -3.04 57.77 -3.24
N MET A 853 -3.50 56.76 -2.49
CA MET A 853 -4.49 57.03 -1.47
C MET A 853 -3.88 57.89 -0.38
N PHE A 854 -2.55 57.84 -0.26
CA PHE A 854 -1.88 58.74 0.70
C PHE A 854 -1.90 60.19 0.25
N THR A 855 -2.36 60.47 -0.98
CA THR A 855 -2.54 61.84 -1.44
C THR A 855 -3.99 62.29 -1.34
N CYS A 856 -4.84 61.49 -0.70
CA CYS A 856 -6.21 61.90 -0.43
C CYS A 856 -6.26 62.80 0.80
N ASN A 857 -7.32 63.60 0.88
CA ASN A 857 -7.44 64.53 2.00
C ASN A 857 -7.54 63.76 3.31
N SER A 858 -7.05 64.40 4.37
CA SER A 858 -7.06 63.81 5.70
C SER A 858 -7.51 64.79 6.76
N ARG A 859 -7.82 66.03 6.40
CA ARG A 859 -8.41 66.96 7.35
C ARG A 859 -9.84 66.54 7.66
N ASP A 860 -10.26 66.79 8.90
CA ASP A 860 -11.57 66.35 9.37
C ASP A 860 -12.64 67.36 8.96
N LEU A 861 -13.59 66.91 8.15
CA LEU A 861 -14.76 67.71 7.78
C LEU A 861 -15.79 67.79 8.90
N LEU A 862 -15.85 66.77 9.77
CA LEU A 862 -16.91 66.70 10.77
C LEU A 862 -16.71 67.71 11.89
N GLY A 863 -15.48 67.87 12.37
CA GLY A 863 -15.19 68.97 13.29
C GLY A 863 -15.40 70.33 12.65
N CYS A 864 -15.23 70.41 11.34
CA CYS A 864 -15.46 71.67 10.62
C CYS A 864 -16.94 72.03 10.58
N LEU A 865 -17.80 71.06 10.24
CA LEU A 865 -19.24 71.31 10.34
C LEU A 865 -19.68 71.56 11.78
N ALA A 866 -19.06 70.87 12.74
CA ALA A 866 -19.30 71.16 14.15
C ALA A 866 -18.98 72.61 14.50
N GLN A 867 -17.91 73.15 13.92
CA GLN A 867 -17.55 74.54 14.16
C GLN A 867 -18.48 75.51 13.46
N GLU A 868 -18.93 75.18 12.25
CA GLU A 868 -19.85 76.09 11.56
C GLU A 868 -21.21 76.10 12.25
N HIS A 869 -21.76 74.92 12.53
CA HIS A 869 -23.07 74.84 13.16
C HIS A 869 -23.00 75.02 14.68
N ASN A 870 -21.80 74.90 15.25
CA ASN A 870 -21.64 74.98 16.70
C ASN A 870 -22.56 74.00 17.41
N ILE A 871 -22.64 72.79 16.87
CA ILE A 871 -23.46 71.73 17.43
C ILE A 871 -22.55 70.56 17.78
N SER A 872 -23.03 69.73 18.70
CA SER A 872 -22.26 68.58 19.15
C SER A 872 -22.28 67.50 18.09
N ALA A 873 -21.16 66.77 17.96
CA ALA A 873 -21.05 65.76 16.92
C ALA A 873 -22.13 64.70 17.06
N SER A 874 -22.41 64.26 18.29
CA SER A 874 -23.46 63.27 18.46
C SER A 874 -24.84 63.83 18.10
N GLN A 875 -24.95 65.14 17.95
CA GLN A 875 -26.19 65.77 17.50
C GLN A 875 -26.13 66.15 16.02
N VAL A 876 -24.96 66.05 15.40
CA VAL A 876 -24.84 66.36 13.98
C VAL A 876 -25.56 65.27 13.20
N ASN A 877 -26.58 65.67 12.46
CA ASN A 877 -27.25 64.80 11.51
C ASN A 877 -27.11 65.41 10.13
N ALA A 878 -27.44 64.61 9.11
CA ALA A 878 -27.33 65.09 7.74
C ALA A 878 -28.22 66.29 7.50
N CYS A 879 -29.21 66.52 8.36
CA CYS A 879 -30.03 67.72 8.23
C CYS A 879 -29.27 68.96 8.67
N HIS A 880 -28.52 68.88 9.78
CA HIS A 880 -27.68 69.99 10.20
C HIS A 880 -26.61 70.27 9.17
N VAL A 881 -26.13 69.23 8.48
CA VAL A 881 -25.20 69.42 7.37
C VAL A 881 -25.90 70.14 6.23
N ALA A 882 -27.14 69.76 5.94
CA ALA A 882 -27.87 70.37 4.83
C ALA A 882 -28.20 71.82 5.14
N GLU A 883 -28.33 72.17 6.41
CA GLU A 883 -28.45 73.57 6.79
C GLU A 883 -27.17 74.33 6.44
N SER A 884 -26.01 73.75 6.69
CA SER A 884 -24.74 74.32 6.27
C SER A 884 -24.15 73.63 5.04
N ALA A 885 -24.96 72.90 4.27
CA ALA A 885 -24.45 72.26 3.06
C ALA A 885 -23.97 73.29 2.05
N VAL A 886 -24.34 74.56 2.21
CA VAL A 886 -23.91 75.58 1.27
C VAL A 886 -22.39 75.66 1.26
N ASN A 887 -21.75 75.31 2.36
CA ASN A 887 -20.30 75.44 2.48
C ASN A 887 -19.55 74.18 2.07
N TYR A 888 -20.18 73.00 2.17
CA TYR A 888 -19.48 71.73 1.97
C TYR A 888 -20.36 70.78 1.17
N SER A 889 -19.86 70.33 0.02
CA SER A 889 -20.57 69.38 -0.82
C SER A 889 -19.58 68.37 -1.40
N LEU A 890 -20.11 67.22 -1.84
CA LEU A 890 -19.27 66.20 -2.45
C LEU A 890 -18.66 66.67 -3.76
N GLY A 891 -19.23 67.69 -4.39
CA GLY A 891 -18.74 68.12 -5.69
C GLY A 891 -17.42 68.84 -5.64
N ASP A 892 -16.95 69.19 -4.45
CA ASP A 892 -15.73 69.96 -4.28
C ASP A 892 -14.54 69.02 -4.27
N GLU A 893 -13.68 69.13 -5.29
CA GLU A 893 -12.41 68.41 -5.31
C GLU A 893 -11.32 69.16 -4.55
N GLN A 894 -11.57 70.41 -4.20
CA GLN A 894 -10.65 71.18 -3.38
C GLN A 894 -10.76 70.73 -1.93
N GLY A 895 -9.63 70.58 -1.25
CA GLY A 895 -9.64 70.13 0.13
C GLY A 895 -10.56 70.99 0.99
N PHE A 896 -11.65 70.40 1.45
CA PHE A 896 -12.63 71.13 2.23
C PHE A 896 -11.99 71.77 3.45
N CYS A 897 -12.61 72.87 3.92
CA CYS A 897 -12.20 73.52 5.16
C CYS A 897 -10.74 73.96 5.09
N GLY A 898 -10.33 74.42 3.91
CA GLY A 898 -8.98 74.89 3.71
C GLY A 898 -7.91 73.83 3.76
N SER A 899 -8.26 72.57 3.46
CA SER A 899 -7.23 71.56 3.32
C SER A 899 -6.52 71.71 1.97
N PRO A 900 -5.20 71.54 1.92
CA PRO A 900 -4.51 71.59 0.63
C PRO A 900 -4.65 70.31 -0.17
N TRP A 901 -5.22 69.26 0.43
CA TRP A 901 -5.34 67.96 -0.19
C TRP A 901 -6.77 67.74 -0.69
N PRO A 902 -6.97 67.14 -1.86
CA PRO A 902 -8.32 66.99 -2.38
C PRO A 902 -9.07 65.83 -1.73
N ASN A 903 -10.40 65.90 -1.81
CA ASN A 903 -11.27 64.89 -1.25
C ASN A 903 -11.37 63.69 -2.19
N CYS A 904 -11.40 62.50 -1.61
CA CYS A 904 -11.56 61.25 -2.34
C CYS A 904 -12.89 60.63 -1.93
N ASN A 905 -13.95 61.00 -2.64
CA ASN A 905 -15.31 60.67 -2.23
C ASN A 905 -15.65 59.19 -2.40
N PHE A 906 -14.84 58.43 -3.12
CA PHE A 906 -15.17 57.05 -3.49
C PHE A 906 -14.01 56.12 -3.13
N PRO A 907 -13.71 55.97 -1.84
CA PRO A 907 -12.60 55.08 -1.45
C PRO A 907 -12.93 53.60 -1.55
N GLU A 908 -14.21 53.23 -1.61
CA GLU A 908 -14.57 51.82 -1.79
C GLU A 908 -13.99 51.24 -3.08
N TYR A 909 -13.76 52.07 -4.09
CA TYR A 909 -13.14 51.54 -5.30
C TYR A 909 -11.68 51.17 -5.10
N PHE A 910 -11.01 51.75 -4.10
CA PHE A 910 -9.73 51.18 -3.69
C PHE A 910 -9.94 49.79 -3.13
N THR A 911 -10.97 49.62 -2.31
CA THR A 911 -11.29 48.29 -1.84
C THR A 911 -11.59 47.39 -3.03
N TYR A 912 -12.38 47.90 -3.98
CA TYR A 912 -12.64 47.11 -5.18
C TYR A 912 -11.37 46.90 -5.98
N SER A 913 -10.50 47.91 -6.00
CA SER A 913 -9.20 47.72 -6.63
C SER A 913 -8.41 46.66 -5.89
N VAL A 914 -8.50 46.66 -4.56
CA VAL A 914 -7.86 45.61 -3.79
C VAL A 914 -8.53 44.28 -4.08
N LEU A 915 -9.85 44.28 -4.23
CA LEU A 915 -10.52 43.06 -4.67
C LEU A 915 -9.96 42.61 -6.01
N LEU A 916 -9.76 43.55 -6.94
CA LEU A 916 -9.13 43.21 -8.21
C LEU A 916 -7.73 42.65 -7.97
N SER A 917 -6.98 43.24 -7.04
CA SER A 917 -5.66 42.71 -6.72
C SER A 917 -5.77 41.33 -6.11
N LEU A 918 -6.81 41.09 -5.30
CA LEU A 918 -7.03 39.73 -4.81
C LEU A 918 -7.39 38.81 -5.96
N LEU A 919 -8.20 39.29 -6.90
CA LEU A 919 -8.46 38.52 -8.11
C LEU A 919 -7.16 38.28 -8.88
N ALA A 920 -6.25 39.26 -8.87
CA ALA A 920 -4.96 39.03 -9.51
C ALA A 920 -4.19 37.91 -8.85
N CYS A 921 -4.37 37.71 -7.54
CA CYS A 921 -3.72 36.57 -6.91
C CYS A 921 -4.23 35.26 -7.49
N SER A 922 -5.49 35.24 -7.91
CA SER A 922 -6.04 34.03 -8.52
C SER A 922 -5.30 33.70 -9.80
N VAL A 923 -4.88 34.73 -10.56
CA VAL A 923 -4.34 34.47 -11.88
C VAL A 923 -3.03 33.70 -11.80
N PHE A 924 -2.22 33.98 -10.78
CA PHE A 924 -0.98 33.25 -10.58
C PHE A 924 -1.31 31.90 -9.95
N LEU A 925 -1.94 31.02 -10.74
CA LEU A 925 -2.45 29.77 -10.19
C LEU A 925 -1.37 28.94 -9.51
N GLN A 926 -0.12 29.07 -9.96
CA GLN A 926 0.95 28.19 -9.51
C GLN A 926 1.67 28.70 -8.25
N ILE A 927 1.29 29.86 -7.72
CA ILE A 927 1.78 30.25 -6.40
C ILE A 927 1.22 29.29 -5.37
N SER A 928 2.08 28.82 -4.47
CA SER A 928 1.67 27.83 -3.49
C SER A 928 0.46 28.33 -2.71
N CYS A 929 -0.47 27.42 -2.43
CA CYS A 929 -1.68 27.82 -1.70
C CYS A 929 -1.32 28.48 -0.38
N ILE A 930 -0.24 28.03 0.26
CA ILE A 930 0.24 28.72 1.44
C ILE A 930 0.88 30.05 1.06
N GLY A 931 1.66 30.07 -0.01
CA GLY A 931 2.22 31.31 -0.50
C GLY A 931 1.16 32.32 -0.92
N LYS A 932 0.12 31.84 -1.61
CA LYS A 932 -1.02 32.69 -1.91
C LYS A 932 -1.70 33.18 -0.64
N LEU A 933 -1.91 32.28 0.31
CA LEU A 933 -2.56 32.66 1.56
C LEU A 933 -1.78 33.76 2.28
N VAL A 934 -0.46 33.60 2.39
CA VAL A 934 0.39 34.59 3.03
C VAL A 934 0.36 35.93 2.30
N LEU A 935 0.45 35.91 0.96
CA LEU A 935 0.40 37.15 0.20
C LEU A 935 -0.95 37.84 0.35
N MET A 936 -2.04 37.08 0.26
CA MET A 936 -3.37 37.66 0.36
C MET A 936 -3.65 38.20 1.75
N LEU A 937 -3.23 37.47 2.79
CA LEU A 937 -3.37 37.97 4.15
C LEU A 937 -2.52 39.21 4.42
N ALA A 938 -1.34 39.31 3.82
CA ALA A 938 -0.56 40.54 3.96
C ALA A 938 -1.24 41.73 3.28
N ILE A 939 -1.77 41.52 2.08
CA ILE A 939 -2.54 42.57 1.40
C ILE A 939 -3.73 42.99 2.25
N GLU A 940 -4.48 42.00 2.75
CA GLU A 940 -5.63 42.27 3.60
C GLU A 940 -5.25 43.08 4.84
N LEU A 941 -4.26 42.60 5.60
CA LEU A 941 -3.89 43.31 6.83
C LEU A 941 -3.44 44.74 6.55
N ILE A 942 -2.58 44.94 5.55
CA ILE A 942 -2.11 46.29 5.26
C ILE A 942 -3.27 47.20 4.86
N TYR A 943 -4.13 46.72 3.96
CA TYR A 943 -5.22 47.58 3.49
C TYR A 943 -6.24 47.86 4.59
N VAL A 944 -6.61 46.86 5.38
CA VAL A 944 -7.52 47.08 6.50
C VAL A 944 -6.92 48.05 7.51
N LEU A 945 -5.63 47.90 7.83
CA LEU A 945 -4.97 48.85 8.72
C LEU A 945 -4.97 50.26 8.15
N ILE A 946 -4.85 50.41 6.83
CA ILE A 946 -4.85 51.74 6.24
C ILE A 946 -6.26 52.32 6.18
N VAL A 947 -7.28 51.48 5.98
CA VAL A 947 -8.65 51.96 6.02
C VAL A 947 -9.05 52.36 7.44
N GLU A 948 -8.72 51.54 8.43
CA GLU A 948 -9.14 51.81 9.80
C GLU A 948 -8.32 52.91 10.45
N VAL A 949 -7.01 52.77 10.49
CA VAL A 949 -6.18 53.65 11.31
C VAL A 949 -6.08 55.06 10.72
N PRO A 950 -5.48 55.27 9.54
CA PRO A 950 -5.35 56.64 9.03
C PRO A 950 -6.58 57.15 8.30
N GLY A 951 -7.33 56.25 7.67
CA GLY A 951 -8.42 56.66 6.80
C GLY A 951 -9.75 56.92 7.50
N VAL A 952 -9.82 56.69 8.81
CA VAL A 952 -11.12 56.67 9.48
C VAL A 952 -11.84 58.00 9.33
N THR A 953 -11.10 59.12 9.44
CA THR A 953 -11.74 60.41 9.25
C THR A 953 -12.25 60.58 7.82
N LEU A 954 -11.48 60.10 6.84
CA LEU A 954 -11.93 60.18 5.45
C LEU A 954 -13.17 59.33 5.22
N PHE A 955 -13.22 58.15 5.85
CA PHE A 955 -14.37 57.28 5.70
C PHE A 955 -15.59 57.83 6.40
N ASP A 956 -15.44 58.37 7.61
CA ASP A 956 -16.59 58.97 8.28
C ASP A 956 -17.12 60.17 7.49
N ASN A 957 -16.22 61.00 6.96
CA ASN A 957 -16.65 62.11 6.12
C ASN A 957 -17.38 61.62 4.87
N ALA A 958 -16.86 60.56 4.24
CA ALA A 958 -17.49 60.05 3.03
C ALA A 958 -18.83 59.39 3.33
N ASP A 959 -18.91 58.60 4.39
CA ASP A 959 -20.20 58.01 4.80
C ASP A 959 -21.23 59.08 5.11
N LEU A 960 -20.83 60.15 5.80
CA LEU A 960 -21.78 61.23 6.09
C LEU A 960 -22.23 61.92 4.81
N LEU A 961 -21.29 62.28 3.95
CA LEU A 961 -21.63 62.95 2.69
C LEU A 961 -22.51 62.06 1.81
N VAL A 962 -22.14 60.78 1.68
CA VAL A 962 -22.93 59.83 0.90
C VAL A 962 -24.32 59.65 1.49
N THR A 963 -24.43 59.64 2.82
CA THR A 963 -25.74 59.54 3.44
C THR A 963 -26.59 60.77 3.11
N ALA A 964 -25.97 61.95 3.11
CA ALA A 964 -26.73 63.14 2.74
C ALA A 964 -27.14 63.10 1.28
N ASN A 965 -26.23 62.68 0.40
CA ASN A 965 -26.56 62.61 -1.03
C ASN A 965 -27.62 61.56 -1.31
N ALA A 966 -27.64 60.48 -0.51
CA ALA A 966 -28.66 59.46 -0.67
C ALA A 966 -30.04 60.02 -0.38
N ILE A 967 -30.12 60.95 0.58
CA ILE A 967 -31.34 61.70 0.79
C ILE A 967 -31.65 62.44 -0.49
N ASP A 968 -32.79 62.15 -1.10
CA ASP A 968 -33.20 62.89 -2.28
C ASP A 968 -33.64 64.27 -1.82
N PHE A 969 -32.68 65.09 -1.38
CA PHE A 969 -32.99 66.37 -0.76
C PHE A 969 -33.98 67.16 -1.60
N PHE A 970 -35.13 67.45 -1.02
CA PHE A 970 -36.23 68.13 -1.68
C PHE A 970 -36.78 69.12 -0.65
N ASN A 971 -38.03 69.56 -0.85
CA ASN A 971 -38.54 70.65 -0.03
C ASN A 971 -38.68 70.18 1.42
N ASN A 972 -37.54 70.01 2.08
CA ASN A 972 -37.48 69.56 3.47
C ASN A 972 -37.73 70.75 4.39
N GLY A 973 -39.00 71.13 4.49
CA GLY A 973 -39.41 72.24 5.32
C GLY A 973 -38.92 72.10 6.74
N THR A 974 -38.66 70.86 7.15
CA THR A 974 -38.18 70.56 8.49
C THR A 974 -36.92 69.73 8.40
N SER A 975 -36.06 69.87 9.41
CA SER A 975 -34.81 69.11 9.48
C SER A 975 -35.09 67.67 9.90
N GLN A 976 -35.88 66.99 9.07
CA GLN A 976 -36.26 65.59 9.30
C GLN A 976 -35.69 64.74 8.17
N CYS A 977 -34.44 64.33 8.34
CA CYS A 977 -33.78 63.42 7.42
C CYS A 977 -34.30 62.01 7.65
N PRO A 978 -34.12 61.10 6.68
CA PRO A 978 -34.59 59.72 6.88
C PRO A 978 -33.95 59.02 8.07
N GLU A 979 -32.80 59.50 8.54
CA GLU A 979 -32.13 58.93 9.71
C GLU A 979 -31.80 57.46 9.51
N HIS A 980 -31.25 56.82 10.54
CA HIS A 980 -30.75 55.47 10.43
C HIS A 980 -29.70 55.44 9.33
N ALA A 981 -28.48 54.99 9.64
CA ALA A 981 -27.44 54.95 8.62
C ALA A 981 -27.96 54.28 7.37
N THR A 982 -28.78 53.23 7.52
CA THR A 982 -29.38 52.52 6.40
C THR A 982 -28.32 51.67 5.69
N LYS A 983 -27.07 51.82 6.12
CA LYS A 983 -25.94 51.09 5.56
C LYS A 983 -25.00 50.72 6.70
N VAL A 984 -24.38 49.54 6.59
CA VAL A 984 -23.37 49.15 7.55
C VAL A 984 -22.12 49.98 7.31
N ALA A 985 -21.50 50.47 8.40
CA ALA A 985 -20.34 51.33 8.28
C ALA A 985 -19.33 50.73 7.31
N LEU A 986 -19.01 51.50 6.26
CA LEU A 986 -18.16 50.96 5.20
C LEU A 986 -16.81 50.50 5.75
N LYS A 987 -16.30 51.18 6.78
CA LYS A 987 -15.08 50.72 7.43
C LYS A 987 -15.23 49.32 7.99
N VAL A 988 -16.43 48.98 8.47
CA VAL A 988 -16.67 47.63 8.96
C VAL A 988 -16.96 46.66 7.83
N VAL A 989 -17.62 47.11 6.75
CA VAL A 989 -17.97 46.21 5.65
C VAL A 989 -16.73 45.80 4.87
N THR A 990 -15.80 46.73 4.64
CA THR A 990 -14.64 46.43 3.81
C THR A 990 -13.82 45.27 4.36
N PRO A 991 -13.44 45.25 5.63
CA PRO A 991 -12.71 44.09 6.17
C PRO A 991 -13.45 42.77 5.96
N ILE A 992 -14.75 42.74 6.24
CA ILE A 992 -15.50 41.49 6.11
C ILE A 992 -15.50 41.02 4.67
N ILE A 993 -15.71 41.95 3.73
CA ILE A 993 -15.65 41.61 2.31
C ILE A 993 -14.29 41.04 1.94
N ILE A 994 -13.23 41.67 2.42
CA ILE A 994 -11.88 41.24 2.07
C ILE A 994 -11.60 39.86 2.63
N SER A 995 -11.92 39.64 3.91
CA SER A 995 -11.74 38.32 4.52
C SER A 995 -12.53 37.24 3.78
N VAL A 996 -13.75 37.54 3.33
CA VAL A 996 -14.52 36.57 2.58
C VAL A 996 -13.85 36.25 1.24
N PHE A 997 -13.33 37.28 0.57
CA PHE A 997 -12.61 37.04 -0.67
C PHE A 997 -11.35 36.20 -0.44
N VAL A 998 -10.58 36.52 0.60
CA VAL A 998 -9.38 35.74 0.91
C VAL A 998 -9.73 34.28 1.20
N LEU A 999 -10.80 34.04 1.96
CA LEU A 999 -11.24 32.67 2.21
C LEU A 999 -11.58 31.95 0.91
N ALA A 1000 -12.37 32.59 0.05
CA ALA A 1000 -12.75 31.95 -1.21
C ALA A 1000 -11.53 31.69 -2.08
N LEU A 1001 -10.58 32.62 -2.11
CA LEU A 1001 -9.37 32.43 -2.90
C LEU A 1001 -8.50 31.32 -2.32
N TYR A 1002 -8.44 31.18 -1.00
CA TYR A 1002 -7.75 30.05 -0.40
C TYR A 1002 -8.39 28.73 -0.79
N LEU A 1003 -9.72 28.65 -0.72
CA LEU A 1003 -10.42 27.43 -1.11
C LEU A 1003 -10.24 27.11 -2.59
N HIS A 1004 -10.30 28.12 -3.45
CA HIS A 1004 -9.99 27.93 -4.86
C HIS A 1004 -8.57 27.44 -5.08
N ALA A 1005 -7.59 28.08 -4.45
CA ALA A 1005 -6.21 27.63 -4.60
C ALA A 1005 -6.05 26.21 -4.12
N GLN A 1006 -6.72 25.84 -3.03
CA GLN A 1006 -6.66 24.47 -2.54
C GLN A 1006 -7.25 23.48 -3.53
N GLN A 1007 -8.40 23.81 -4.13
CA GLN A 1007 -9.00 22.93 -5.13
C GLN A 1007 -8.12 22.82 -6.38
N VAL A 1008 -7.58 23.96 -6.85
CA VAL A 1008 -6.71 23.95 -8.02
C VAL A 1008 -5.48 23.09 -7.78
N GLU A 1009 -4.80 23.33 -6.65
CA GLU A 1009 -3.59 22.57 -6.36
C GLU A 1009 -3.89 21.08 -6.17
N SER A 1010 -4.99 20.76 -5.48
CA SER A 1010 -5.36 19.35 -5.33
C SER A 1010 -5.69 18.69 -6.67
N THR A 1011 -6.27 19.45 -7.59
CA THR A 1011 -6.60 18.89 -8.91
C THR A 1011 -5.33 18.65 -9.72
N ALA A 1012 -4.47 19.67 -9.81
CA ALA A 1012 -3.22 19.51 -10.55
C ALA A 1012 -2.38 18.38 -9.96
N ARG A 1013 -2.37 18.26 -8.62
CA ARG A 1013 -1.62 17.18 -8.00
C ARG A 1013 -2.25 15.81 -8.25
N LEU A 1014 -3.58 15.71 -8.32
CA LEU A 1014 -4.16 14.41 -8.63
C LEU A 1014 -3.92 14.02 -10.07
N ASP A 1015 -4.09 14.96 -11.00
CA ASP A 1015 -3.80 14.68 -12.40
C ASP A 1015 -2.34 14.26 -12.56
N PHE A 1016 -1.43 14.97 -11.87
CA PHE A 1016 -0.03 14.59 -11.86
C PHE A 1016 0.17 13.19 -11.28
N LEU A 1017 -0.51 12.89 -10.18
CA LEU A 1017 -0.35 11.58 -9.54
C LEU A 1017 -0.80 10.44 -10.44
N TRP A 1018 -1.95 10.61 -11.12
CA TRP A 1018 -2.36 9.59 -12.06
C TRP A 1018 -1.42 9.50 -13.26
N LYS A 1019 -0.94 10.64 -13.76
CA LYS A 1019 0.03 10.62 -14.84
C LYS A 1019 1.30 9.88 -14.41
N LEU A 1020 1.67 10.02 -13.15
CA LEU A 1020 2.84 9.33 -12.63
C LEU A 1020 2.60 7.83 -12.53
N GLN A 1021 1.47 7.42 -11.95
CA GLN A 1021 1.19 5.98 -11.90
C GLN A 1021 1.12 5.37 -13.30
N ALA A 1022 0.48 6.06 -14.25
CA ALA A 1022 0.48 5.62 -15.64
C ALA A 1022 1.89 5.48 -16.19
N THR A 1023 2.76 6.43 -15.90
CA THR A 1023 4.12 6.36 -16.42
C THR A 1023 4.92 5.26 -15.73
N GLU A 1024 4.75 5.09 -14.43
CA GLU A 1024 5.50 4.08 -13.70
C GLU A 1024 5.09 2.68 -14.13
N GLU A 1025 3.79 2.42 -14.22
CA GLU A 1025 3.32 1.15 -14.76
C GLU A 1025 3.72 0.96 -16.22
N LYS A 1026 3.87 2.05 -16.98
CA LYS A 1026 4.31 1.91 -18.36
C LYS A 1026 5.78 1.55 -18.42
N GLU A 1027 6.61 2.24 -17.63
CA GLU A 1027 8.02 1.93 -17.55
C GLU A 1027 8.25 0.51 -17.08
N GLU A 1028 7.52 0.09 -16.02
CA GLU A 1028 7.57 -1.30 -15.58
C GLU A 1028 7.19 -2.27 -16.70
N MET A 1029 6.21 -1.89 -17.52
CA MET A 1029 5.80 -2.78 -18.59
C MET A 1029 6.85 -2.83 -19.70
N GLU A 1030 7.47 -1.70 -20.01
CA GLU A 1030 8.55 -1.68 -20.99
C GLU A 1030 9.74 -2.48 -20.48
N GLU A 1031 10.04 -2.39 -19.19
CA GLU A 1031 11.07 -3.22 -18.58
C GLU A 1031 10.73 -4.70 -18.70
N LEU A 1032 9.48 -5.05 -18.40
CA LEU A 1032 9.05 -6.45 -18.50
C LEU A 1032 9.12 -6.95 -19.94
N GLN A 1033 8.75 -6.10 -20.89
CA GLN A 1033 8.87 -6.46 -22.30
C GLN A 1033 10.33 -6.68 -22.71
N ALA A 1034 11.20 -5.76 -22.30
CA ALA A 1034 12.63 -5.89 -22.59
C ALA A 1034 13.19 -7.13 -21.91
N TYR A 1035 12.71 -7.42 -20.72
CA TYR A 1035 13.03 -8.60 -19.95
C TYR A 1035 12.68 -9.89 -20.68
N ASN A 1036 11.41 -10.05 -21.06
CA ASN A 1036 11.00 -11.26 -21.77
C ASN A 1036 11.74 -11.39 -23.11
N ARG A 1037 11.94 -10.26 -23.79
CA ARG A 1037 12.66 -10.24 -25.05
C ARG A 1037 14.12 -10.62 -24.89
N ARG A 1038 14.77 -10.16 -23.82
CA ARG A 1038 16.13 -10.61 -23.53
C ARG A 1038 16.20 -12.12 -23.30
N LEU A 1039 15.25 -12.68 -22.54
CA LEU A 1039 15.36 -14.12 -22.32
C LEU A 1039 15.14 -14.88 -23.63
N LEU A 1040 14.19 -14.42 -24.45
CA LEU A 1040 14.05 -15.03 -25.76
C LEU A 1040 15.33 -14.89 -26.57
N HIS A 1041 15.95 -13.71 -26.53
CA HIS A 1041 17.26 -13.53 -27.14
C HIS A 1041 18.33 -14.32 -26.40
N ASN A 1042 18.19 -14.46 -25.08
CA ASN A 1042 19.10 -15.27 -24.27
C ASN A 1042 18.59 -16.71 -24.20
N LEU A 1062 -5.02 -15.89 -40.49
CA LEU A 1062 -3.69 -16.50 -40.45
C LEU A 1062 -2.64 -15.52 -40.96
N TYR A 1063 -1.51 -15.47 -40.24
CA TYR A 1063 -0.37 -14.64 -40.65
C TYR A 1063 0.47 -15.41 -41.65
N TYR A 1064 0.60 -14.87 -42.86
CA TYR A 1064 1.46 -15.45 -43.89
C TYR A 1064 2.14 -14.34 -44.67
N GLN A 1065 3.35 -14.63 -45.17
CA GLN A 1065 4.10 -13.69 -45.99
C GLN A 1065 4.91 -14.47 -47.02
N SER A 1066 4.89 -14.01 -48.27
CA SER A 1066 5.73 -14.56 -49.32
C SER A 1066 6.98 -13.69 -49.46
N CYS A 1067 8.16 -14.30 -49.25
CA CYS A 1067 9.42 -13.58 -49.28
C CYS A 1067 10.22 -14.11 -50.46
N GLU A 1068 10.49 -13.25 -51.44
CA GLU A 1068 11.03 -13.72 -52.71
C GLU A 1068 12.51 -14.08 -52.62
N CYS A 1069 13.29 -13.41 -51.75
CA CYS A 1069 14.74 -13.58 -51.70
C CYS A 1069 15.20 -13.70 -50.25
N VAL A 1070 15.24 -14.94 -49.76
CA VAL A 1070 15.77 -15.27 -48.44
C VAL A 1070 17.03 -16.09 -48.62
N ALA A 1071 18.04 -15.81 -47.81
CA ALA A 1071 19.21 -16.67 -47.68
C ALA A 1071 19.05 -17.57 -46.47
N VAL A 1072 19.33 -18.86 -46.64
CA VAL A 1072 19.15 -19.86 -45.58
C VAL A 1072 20.46 -20.58 -45.34
N MET A 1073 20.81 -20.73 -44.05
CA MET A 1073 21.97 -21.45 -43.57
C MET A 1073 21.50 -22.57 -42.65
N PHE A 1074 22.05 -23.76 -42.85
CA PHE A 1074 22.07 -24.83 -41.86
C PHE A 1074 23.50 -25.12 -41.44
N ALA A 1075 23.78 -25.09 -40.13
CA ALA A 1075 25.10 -25.45 -39.61
C ALA A 1075 24.94 -26.60 -38.62
N SER A 1076 25.50 -27.75 -38.97
CA SER A 1076 25.36 -28.99 -38.21
C SER A 1076 26.72 -29.42 -37.66
N ILE A 1077 26.71 -29.89 -36.41
CA ILE A 1077 27.88 -30.54 -35.82
C ILE A 1077 27.87 -32.01 -36.25
N ALA A 1078 28.80 -32.36 -37.15
CA ALA A 1078 28.70 -33.64 -37.84
C ALA A 1078 28.95 -34.82 -36.91
N ASN A 1079 29.89 -34.67 -35.97
CA ASN A 1079 30.29 -35.76 -35.10
C ASN A 1079 29.69 -35.65 -33.70
N PHE A 1080 28.69 -34.79 -33.50
CA PHE A 1080 28.05 -34.68 -32.20
C PHE A 1080 27.34 -35.97 -31.81
N SER A 1081 26.86 -36.74 -32.80
CA SER A 1081 26.28 -38.05 -32.49
C SER A 1081 27.32 -39.01 -31.95
N GLU A 1082 28.59 -38.80 -32.27
CA GLU A 1082 29.66 -39.61 -31.69
C GLU A 1082 30.03 -39.16 -30.28
N PHE A 1083 29.90 -37.86 -30.01
CA PHE A 1083 30.12 -37.32 -28.67
C PHE A 1083 28.96 -37.60 -27.73
N TYR A 1084 27.74 -37.71 -28.24
CA TYR A 1084 26.56 -37.90 -27.41
C TYR A 1084 26.49 -39.35 -26.93
N VAL A 1085 26.84 -39.58 -25.66
CA VAL A 1085 26.85 -40.90 -25.06
C VAL A 1085 25.91 -40.89 -23.86
N GLU A 1086 24.86 -41.70 -23.91
CA GLU A 1086 23.86 -41.76 -22.84
C GLU A 1086 24.27 -42.75 -21.74
N LEU A 1087 25.43 -42.49 -21.14
CA LEU A 1087 25.91 -43.27 -20.01
C LEU A 1087 25.61 -42.56 -18.69
N GLU A 1088 25.45 -43.36 -17.63
CA GLU A 1088 25.22 -42.82 -16.30
C GLU A 1088 26.32 -41.83 -15.90
N ALA A 1089 27.56 -42.14 -16.25
CA ALA A 1089 28.67 -41.24 -15.94
C ALA A 1089 28.53 -39.88 -16.62
N ASN A 1090 27.63 -39.75 -17.60
CA ASN A 1090 27.43 -38.50 -18.31
C ASN A 1090 26.03 -37.94 -18.03
N ASN A 1091 25.44 -38.31 -16.89
CA ASN A 1091 24.03 -38.03 -16.61
C ASN A 1091 23.18 -38.44 -17.81
N GLU A 1092 23.46 -39.62 -18.34
CA GLU A 1092 22.78 -40.19 -19.49
C GLU A 1092 22.78 -39.27 -20.70
N GLY A 1093 23.74 -38.34 -20.78
CA GLY A 1093 23.85 -37.44 -21.90
C GLY A 1093 23.40 -36.03 -21.62
N VAL A 1094 22.81 -35.76 -20.45
CA VAL A 1094 22.35 -34.41 -20.15
C VAL A 1094 23.52 -33.43 -20.14
N GLU A 1095 24.70 -33.89 -19.72
CA GLU A 1095 25.87 -33.01 -19.75
C GLU A 1095 26.27 -32.69 -21.18
N CYS A 1096 26.16 -33.68 -22.07
CA CYS A 1096 26.37 -33.40 -23.48
C CYS A 1096 25.36 -32.39 -24.00
N LEU A 1097 24.11 -32.49 -23.53
CA LEU A 1097 23.12 -31.50 -23.92
C LEU A 1097 23.42 -30.13 -23.32
N ARG A 1098 24.09 -30.10 -22.18
CA ARG A 1098 24.56 -28.82 -21.67
C ARG A 1098 25.65 -28.24 -22.57
N LEU A 1099 26.62 -29.07 -22.97
CA LEU A 1099 27.65 -28.58 -23.88
C LEU A 1099 27.07 -28.11 -25.21
N LEU A 1100 26.13 -28.85 -25.78
CA LEU A 1100 25.47 -28.37 -26.99
C LEU A 1100 24.76 -27.05 -26.74
N ASN A 1101 24.20 -26.89 -25.53
CA ASN A 1101 23.58 -25.61 -25.20
C ASN A 1101 24.61 -24.49 -25.29
N GLU A 1102 25.78 -24.72 -24.71
CA GLU A 1102 26.82 -23.70 -24.77
C GLU A 1102 27.24 -23.46 -26.21
N ILE A 1103 27.39 -24.54 -27.00
CA ILE A 1103 27.69 -24.36 -28.41
C ILE A 1103 26.61 -23.53 -29.07
N ILE A 1104 25.35 -23.80 -28.74
CA ILE A 1104 24.26 -22.99 -29.30
C ILE A 1104 24.26 -21.59 -28.70
N ALA A 1105 24.65 -21.47 -27.43
CA ALA A 1105 24.71 -20.15 -26.81
C ALA A 1105 25.75 -19.27 -27.48
N ASP A 1106 26.96 -19.79 -27.66
CA ASP A 1106 27.94 -19.06 -28.45
C ASP A 1106 27.36 -18.62 -29.78
N PHE A 1107 26.66 -19.54 -30.47
CA PHE A 1107 26.08 -19.18 -31.75
C PHE A 1107 24.97 -18.17 -31.60
N ASP A 1108 24.22 -18.24 -30.51
CA ASP A 1108 23.19 -17.24 -30.25
C ASP A 1108 23.81 -15.91 -29.84
N GLU A 1109 24.99 -15.92 -29.22
CA GLU A 1109 25.71 -14.68 -28.99
C GLU A 1109 26.25 -14.08 -30.28
N ILE A 1110 26.91 -14.88 -31.09
CA ILE A 1110 27.45 -14.39 -32.37
C ILE A 1110 26.33 -13.80 -33.23
N ILE A 1111 25.23 -14.52 -33.38
CA ILE A 1111 24.10 -14.04 -34.17
C ILE A 1111 23.40 -12.86 -33.53
N SER A 1112 23.83 -12.47 -32.33
CA SER A 1112 23.35 -11.25 -31.69
C SER A 1112 24.19 -10.01 -32.02
N GLU A 1113 25.34 -10.18 -32.67
CA GLU A 1113 26.13 -9.03 -33.08
C GLU A 1113 25.33 -8.11 -34.00
N ASP A 1114 25.50 -6.81 -33.81
CA ASP A 1114 24.77 -5.83 -34.61
C ASP A 1114 25.01 -6.04 -36.10
N ARG A 1115 26.19 -6.52 -36.48
CA ARG A 1115 26.45 -6.80 -37.89
C ARG A 1115 25.56 -7.93 -38.41
N PHE A 1116 25.04 -8.78 -37.52
CA PHE A 1116 24.16 -9.86 -37.91
C PHE A 1116 22.70 -9.56 -37.57
N ARG A 1117 22.38 -8.31 -37.24
CA ARG A 1117 21.00 -7.94 -36.96
C ARG A 1117 20.09 -8.19 -38.16
N GLN A 1118 20.67 -8.31 -39.36
CA GLN A 1118 19.90 -8.68 -40.54
C GLN A 1118 19.62 -10.17 -40.60
N LEU A 1119 20.24 -10.95 -39.72
CA LEU A 1119 20.04 -12.39 -39.63
C LEU A 1119 19.04 -12.70 -38.52
N GLU A 1120 18.15 -13.65 -38.78
CA GLU A 1120 17.28 -14.21 -37.75
C GLU A 1120 17.52 -15.70 -37.65
N LYS A 1121 17.78 -16.16 -36.43
CA LYS A 1121 17.72 -17.59 -36.13
C LYS A 1121 16.28 -18.08 -36.28
N ILE A 1122 16.11 -19.19 -37.00
CA ILE A 1122 14.80 -19.79 -37.17
C ILE A 1122 14.57 -20.83 -36.08
N LYS A 1123 15.46 -21.82 -35.99
CA LYS A 1123 15.32 -22.85 -34.97
C LYS A 1123 16.64 -23.59 -34.84
N THR A 1124 16.79 -24.28 -33.72
CA THR A 1124 17.74 -25.39 -33.60
C THR A 1124 17.02 -26.72 -33.79
N ILE A 1125 17.77 -27.70 -34.30
CA ILE A 1125 17.27 -29.04 -34.51
C ILE A 1125 18.38 -30.00 -34.09
N GLY A 1126 18.27 -30.55 -32.89
CA GLY A 1126 19.38 -31.31 -32.33
C GLY A 1126 20.62 -30.43 -32.27
N SER A 1127 21.69 -30.88 -32.91
CA SER A 1127 22.93 -30.12 -33.01
C SER A 1127 22.96 -29.19 -34.22
N THR A 1128 21.81 -28.91 -34.82
CA THR A 1128 21.73 -28.12 -36.04
C THR A 1128 21.23 -26.71 -35.74
N TYR A 1129 21.99 -25.71 -36.18
CA TYR A 1129 21.64 -24.30 -36.07
C TYR A 1129 21.06 -23.87 -37.41
N MET A 1130 19.85 -23.32 -37.38
CA MET A 1130 19.17 -22.86 -38.58
C MET A 1130 19.05 -21.34 -38.52
N ALA A 1131 19.59 -20.67 -39.53
CA ALA A 1131 19.49 -19.22 -39.62
C ALA A 1131 19.05 -18.82 -41.02
N ALA A 1132 18.43 -17.65 -41.11
CA ALA A 1132 18.03 -17.11 -42.40
C ALA A 1132 18.16 -15.59 -42.37
N SER A 1133 18.18 -15.00 -43.56
CA SER A 1133 18.33 -13.56 -43.70
C SER A 1133 17.45 -13.09 -44.84
N GLY A 1134 16.99 -11.84 -44.71
CA GLY A 1134 16.03 -11.29 -45.65
C GLY A 1134 14.58 -11.58 -45.32
N LEU A 1135 14.28 -12.00 -44.10
CA LEU A 1135 12.90 -12.28 -43.70
C LEU A 1135 12.15 -11.07 -43.16
N ASN A 1136 12.85 -9.96 -42.90
CA ASN A 1136 12.23 -8.78 -42.29
C ASN A 1136 12.49 -7.57 -43.18
N ASP A 1137 11.41 -6.90 -43.60
CA ASP A 1137 11.54 -5.76 -44.51
C ASP A 1137 12.35 -4.63 -43.89
N SER A 1138 12.38 -4.53 -42.55
CA SER A 1138 13.11 -3.44 -41.92
C SER A 1138 14.62 -3.60 -42.04
N THR A 1139 15.10 -4.80 -42.34
CA THR A 1139 16.52 -5.06 -42.52
C THR A 1139 16.86 -5.57 -43.92
N TYR A 1140 15.86 -5.81 -44.77
CA TYR A 1140 16.07 -6.38 -46.10
C TYR A 1140 16.48 -5.26 -47.06
N ASP A 1141 17.77 -5.19 -47.37
CA ASP A 1141 18.29 -4.29 -48.39
C ASP A 1141 17.98 -4.88 -49.77
N LYS A 1142 17.00 -4.28 -50.46
CA LYS A 1142 16.59 -4.79 -51.77
C LYS A 1142 17.71 -4.72 -52.80
N VAL A 1143 18.68 -3.81 -52.62
CA VAL A 1143 19.65 -3.52 -53.67
C VAL A 1143 20.94 -4.28 -53.44
N GLY A 1144 21.55 -4.11 -52.26
CA GLY A 1144 22.85 -4.70 -52.01
C GLY A 1144 22.85 -6.12 -51.53
N LYS A 1145 21.69 -6.68 -51.16
CA LYS A 1145 21.62 -8.04 -50.63
C LYS A 1145 22.64 -8.25 -49.51
N THR A 1146 22.85 -7.20 -48.73
CA THR A 1146 23.83 -7.23 -47.65
C THR A 1146 23.57 -8.37 -46.68
N HIS A 1147 22.29 -8.69 -46.45
CA HIS A 1147 21.94 -9.82 -45.58
C HIS A 1147 22.57 -11.12 -46.04
N ILE A 1148 22.86 -11.26 -47.34
CA ILE A 1148 23.53 -12.46 -47.82
C ILE A 1148 25.01 -12.45 -47.39
N LYS A 1149 25.64 -11.28 -47.48
CA LYS A 1149 27.01 -11.15 -47.01
C LYS A 1149 27.07 -11.43 -45.51
N ALA A 1150 26.17 -10.81 -44.75
CA ALA A 1150 26.09 -11.05 -43.31
C ALA A 1150 25.89 -12.53 -42.99
N LEU A 1151 25.10 -13.25 -43.79
CA LEU A 1151 24.92 -14.68 -43.56
C LEU A 1151 26.16 -15.49 -43.88
N ALA A 1152 26.89 -15.14 -44.94
CA ALA A 1152 28.14 -15.82 -45.24
C ALA A 1152 29.20 -15.55 -44.16
N ASP A 1153 29.28 -14.29 -43.71
CA ASP A 1153 30.19 -13.94 -42.63
C ASP A 1153 29.79 -14.60 -41.33
N PHE A 1154 28.50 -14.76 -41.08
CA PHE A 1154 28.04 -15.52 -39.92
C PHE A 1154 28.44 -16.98 -40.02
N ALA A 1155 28.24 -17.61 -41.18
CA ALA A 1155 28.67 -19.00 -41.37
C ALA A 1155 30.16 -19.17 -41.11
N MET A 1156 30.98 -18.24 -41.62
CA MET A 1156 32.42 -18.29 -41.33
C MET A 1156 32.73 -18.04 -39.85
N LYS A 1157 32.07 -17.07 -39.23
CA LYS A 1157 32.27 -16.82 -37.81
C LYS A 1157 31.85 -18.01 -36.97
N LEU A 1158 30.80 -18.72 -37.38
CA LEU A 1158 30.44 -19.98 -36.72
C LEU A 1158 31.53 -21.02 -36.89
N MET A 1159 32.08 -21.18 -38.10
CA MET A 1159 33.18 -22.13 -38.27
C MET A 1159 34.36 -21.79 -37.35
N ASP A 1160 34.65 -20.50 -37.19
CA ASP A 1160 35.70 -20.10 -36.27
C ASP A 1160 35.30 -20.28 -34.81
N GLN A 1161 34.04 -20.05 -34.48
CA GLN A 1161 33.56 -20.34 -33.13
C GLN A 1161 33.65 -21.83 -32.83
N MET A 1162 33.36 -22.68 -33.83
CA MET A 1162 33.51 -24.12 -33.64
C MET A 1162 34.96 -24.50 -33.41
N LYS A 1163 35.87 -23.84 -34.11
CA LYS A 1163 37.30 -24.04 -33.84
C LYS A 1163 37.65 -23.62 -32.42
N TYR A 1164 37.18 -22.45 -32.00
CA TYR A 1164 37.39 -21.95 -30.65
C TYR A 1164 36.83 -22.92 -29.59
N ILE A 1165 35.60 -23.40 -29.80
CA ILE A 1165 34.99 -24.37 -28.91
C ILE A 1165 35.81 -25.66 -28.86
N ASN A 1166 36.28 -26.14 -30.01
CA ASN A 1166 37.10 -27.34 -30.02
C ASN A 1166 38.39 -27.14 -29.24
N GLU A 1167 39.06 -26.00 -29.46
CA GLU A 1167 40.27 -25.69 -28.71
C GLU A 1167 40.05 -25.63 -27.20
N HIS A 1168 38.92 -25.05 -26.76
CA HIS A 1168 38.71 -24.83 -25.34
C HIS A 1168 38.01 -25.98 -24.62
N SER A 1169 37.23 -26.77 -25.34
CA SER A 1169 36.53 -27.93 -24.76
C SER A 1169 37.29 -29.22 -24.95
N PHE A 1170 38.46 -29.19 -25.59
CA PHE A 1170 39.25 -30.38 -25.88
C PHE A 1170 38.46 -31.37 -26.74
N ASN A 1171 37.59 -30.85 -27.60
CA ASN A 1171 36.85 -31.67 -28.56
C ASN A 1171 37.33 -31.37 -29.96
N ASN A 1172 36.82 -32.15 -30.92
CA ASN A 1172 37.13 -31.98 -32.34
C ASN A 1172 35.80 -31.98 -33.11
N PHE A 1173 34.87 -31.14 -32.68
CA PHE A 1173 33.61 -31.01 -33.38
C PHE A 1173 33.85 -30.51 -34.79
N GLN A 1174 33.43 -31.29 -35.78
CA GLN A 1174 33.52 -30.89 -37.17
C GLN A 1174 32.16 -30.35 -37.59
N MET A 1175 32.15 -29.16 -38.18
CA MET A 1175 30.92 -28.49 -38.55
C MET A 1175 30.78 -28.46 -40.07
N LYS A 1176 29.56 -28.75 -40.52
CA LYS A 1176 29.15 -28.59 -41.90
C LYS A 1176 28.18 -27.42 -41.96
N ILE A 1177 28.28 -26.61 -43.00
CA ILE A 1177 27.32 -25.52 -43.22
C ILE A 1177 26.85 -25.57 -44.66
N GLY A 1178 25.53 -25.56 -44.84
CA GLY A 1178 24.90 -25.43 -46.14
C GLY A 1178 24.23 -24.08 -46.32
N LEU A 1179 24.58 -23.37 -47.38
CA LEU A 1179 23.97 -22.09 -47.73
C LEU A 1179 23.23 -22.20 -49.04
N ASN A 1180 22.05 -21.60 -49.10
CA ASN A 1180 21.32 -21.41 -50.34
C ASN A 1180 20.54 -20.10 -50.29
N ILE A 1181 20.19 -19.58 -51.46
CA ILE A 1181 19.33 -18.41 -51.56
C ILE A 1181 18.11 -18.76 -52.40
N GLY A 1182 17.02 -18.03 -52.18
CA GLY A 1182 15.82 -18.17 -52.96
C GLY A 1182 14.53 -17.84 -52.23
N PRO A 1183 13.40 -18.02 -52.89
CA PRO A 1183 12.11 -17.66 -52.29
C PRO A 1183 11.64 -18.67 -51.26
N VAL A 1184 10.92 -18.15 -50.25
CA VAL A 1184 10.27 -18.96 -49.22
C VAL A 1184 8.94 -18.31 -48.85
N VAL A 1185 8.07 -19.11 -48.25
CA VAL A 1185 6.87 -18.62 -47.58
C VAL A 1185 7.12 -18.69 -46.08
N ALA A 1186 7.05 -17.55 -45.40
CA ALA A 1186 7.06 -17.52 -43.95
C ALA A 1186 5.65 -17.44 -43.40
N GLY A 1187 5.46 -17.99 -42.21
CA GLY A 1187 4.14 -17.97 -41.60
C GLY A 1187 4.19 -18.52 -40.20
N VAL A 1188 3.06 -18.40 -39.51
CA VAL A 1188 2.87 -18.99 -38.19
C VAL A 1188 1.74 -20.02 -38.29
N ILE A 1189 2.06 -21.27 -37.98
CA ILE A 1189 1.09 -22.36 -37.99
C ILE A 1189 0.64 -22.66 -36.57
N GLY A 1190 -0.65 -22.94 -36.41
CA GLY A 1190 -1.20 -23.36 -35.13
C GLY A 1190 -1.89 -22.25 -34.37
N ALA A 1191 -3.21 -22.20 -34.47
CA ALA A 1191 -3.98 -21.18 -33.76
C ALA A 1191 -3.85 -21.32 -32.25
N ARG A 1192 -3.49 -22.51 -31.75
CA ARG A 1192 -3.35 -22.74 -30.31
C ARG A 1192 -1.90 -22.96 -29.89
N LYS A 1193 -0.98 -23.07 -30.84
CA LYS A 1193 0.45 -23.14 -30.56
C LYS A 1193 1.19 -22.49 -31.71
N PRO A 1194 1.13 -21.16 -31.80
CA PRO A 1194 1.68 -20.48 -32.98
C PRO A 1194 3.18 -20.69 -33.08
N GLN A 1195 3.59 -21.39 -34.13
CA GLN A 1195 5.00 -21.61 -34.44
C GLN A 1195 5.32 -20.82 -35.70
N TYR A 1196 6.23 -19.85 -35.57
CA TYR A 1196 6.78 -19.16 -36.72
C TYR A 1196 7.80 -20.04 -37.42
N ASP A 1197 7.67 -20.14 -38.74
CA ASP A 1197 8.55 -20.99 -39.54
C ASP A 1197 8.54 -20.51 -40.98
N ILE A 1198 9.45 -21.08 -41.77
CA ILE A 1198 9.59 -20.78 -43.19
C ILE A 1198 9.59 -22.09 -43.95
N TRP A 1199 8.87 -22.12 -45.07
CA TRP A 1199 8.74 -23.29 -45.93
C TRP A 1199 9.18 -22.94 -47.34
N GLY A 1200 9.53 -23.97 -48.11
CA GLY A 1200 9.83 -23.79 -49.52
C GLY A 1200 11.01 -24.62 -50.00
N ASN A 1201 11.11 -24.72 -51.33
CA ASN A 1201 12.21 -25.48 -51.94
C ASN A 1201 13.57 -24.93 -51.53
N THR A 1202 13.66 -23.63 -51.31
CA THR A 1202 14.93 -23.02 -50.89
C THR A 1202 15.44 -23.62 -49.59
N VAL A 1203 14.55 -23.80 -48.61
CA VAL A 1203 14.94 -24.40 -47.33
C VAL A 1203 15.38 -25.83 -47.53
N ASN A 1204 14.63 -26.61 -48.30
CA ASN A 1204 14.99 -28.00 -48.56
C ASN A 1204 16.35 -28.10 -49.25
N VAL A 1205 16.62 -27.24 -50.23
CA VAL A 1205 17.92 -27.25 -50.89
C VAL A 1205 19.04 -26.85 -49.92
N ALA A 1206 18.81 -25.83 -49.08
CA ALA A 1206 19.80 -25.48 -48.07
C ALA A 1206 20.10 -26.66 -47.14
N SER A 1207 19.04 -27.32 -46.65
CA SER A 1207 19.20 -28.51 -45.83
C SER A 1207 19.95 -29.64 -46.55
N ARG A 1208 19.77 -29.79 -47.87
CA ARG A 1208 20.57 -30.78 -48.59
C ARG A 1208 22.01 -30.34 -48.78
N MET A 1209 22.26 -29.03 -48.88
CA MET A 1209 23.65 -28.54 -48.90
C MET A 1209 24.35 -28.79 -47.57
N ASP A 1210 23.63 -28.65 -46.47
CA ASP A 1210 24.19 -29.02 -45.16
C ASP A 1210 24.38 -30.53 -45.04
N SER A 1211 23.36 -31.31 -45.37
CA SER A 1211 23.47 -32.76 -45.29
C SER A 1211 24.61 -33.28 -46.17
N THR A 1212 24.89 -32.62 -47.28
CA THR A 1212 25.98 -33.01 -48.16
C THR A 1212 27.27 -32.25 -47.89
N GLY A 1213 27.29 -31.37 -46.88
CA GLY A 1213 28.49 -30.61 -46.60
C GLY A 1213 29.65 -31.52 -46.21
N VAL A 1214 30.85 -31.12 -46.60
CA VAL A 1214 32.07 -31.77 -46.13
C VAL A 1214 32.37 -31.25 -44.73
N PRO A 1215 32.83 -32.09 -43.80
CA PRO A 1215 33.15 -31.60 -42.46
C PRO A 1215 34.15 -30.44 -42.52
N ASP A 1216 33.94 -29.45 -41.65
CA ASP A 1216 34.80 -28.27 -41.58
C ASP A 1216 34.86 -27.54 -42.91
N ARG A 1217 33.81 -27.66 -43.72
CA ARG A 1217 33.69 -26.94 -44.98
C ARG A 1217 32.30 -26.33 -45.09
N ILE A 1218 32.23 -25.17 -45.72
CA ILE A 1218 30.98 -24.48 -45.99
C ILE A 1218 30.60 -24.75 -47.43
N GLN A 1219 29.51 -25.48 -47.63
CA GLN A 1219 28.97 -25.79 -48.95
C GLN A 1219 27.89 -24.76 -49.27
N VAL A 1220 27.93 -24.23 -50.49
CA VAL A 1220 27.01 -23.21 -50.96
C VAL A 1220 26.45 -23.67 -52.30
N THR A 1221 25.24 -23.20 -52.60
CA THR A 1221 24.64 -23.47 -53.89
C THR A 1221 25.24 -22.57 -54.97
N THR A 1222 24.91 -22.88 -56.23
CA THR A 1222 25.38 -22.09 -57.35
C THR A 1222 24.90 -20.64 -57.26
N ASP A 1223 23.65 -20.42 -56.83
CA ASP A 1223 23.16 -19.05 -56.72
C ASP A 1223 23.91 -18.30 -55.62
N MET A 1224 24.15 -18.97 -54.50
CA MET A 1224 24.94 -18.37 -53.43
C MET A 1224 26.38 -18.16 -53.87
N TYR A 1225 26.95 -19.12 -54.59
CA TYR A 1225 28.28 -18.91 -55.16
C TYR A 1225 28.31 -17.67 -56.04
N GLN A 1226 27.32 -17.51 -56.92
CA GLN A 1226 27.28 -16.35 -57.80
C GLN A 1226 27.21 -15.04 -57.02
N VAL A 1227 26.40 -15.01 -55.96
CA VAL A 1227 26.29 -13.78 -55.16
C VAL A 1227 27.57 -13.52 -54.39
N LEU A 1228 28.17 -14.55 -53.80
CA LEU A 1228 29.38 -14.32 -53.00
C LEU A 1228 30.57 -13.99 -53.89
N ALA A 1229 30.70 -14.67 -55.03
CA ALA A 1229 31.76 -14.39 -55.99
C ALA A 1229 31.64 -12.97 -56.53
N ALA A 1230 30.42 -12.50 -56.79
CA ALA A 1230 30.24 -11.11 -57.18
C ALA A 1230 30.67 -10.15 -56.09
N ASN A 1231 30.85 -10.62 -54.85
CA ASN A 1231 31.26 -9.80 -53.74
C ASN A 1231 32.65 -10.21 -53.23
N THR A 1232 33.49 -10.73 -54.12
CA THR A 1232 34.90 -11.01 -53.86
C THR A 1232 35.10 -12.02 -52.73
N TYR A 1233 34.11 -12.89 -52.48
CA TYR A 1233 34.33 -14.02 -51.59
C TYR A 1233 35.20 -15.07 -52.28
N GLN A 1234 36.01 -15.77 -51.48
CA GLN A 1234 36.82 -16.88 -51.97
C GLN A 1234 35.97 -18.14 -51.87
N LEU A 1235 35.59 -18.67 -53.02
CA LEU A 1235 34.75 -19.86 -53.16
C LEU A 1235 35.44 -20.91 -54.01
N GLU A 1236 35.31 -22.17 -53.61
CA GLU A 1236 35.90 -23.30 -54.30
C GLU A 1236 34.77 -24.14 -54.89
N CYS A 1237 34.94 -24.58 -56.13
CA CYS A 1237 33.96 -25.45 -56.79
C CYS A 1237 34.07 -26.86 -56.25
N ARG A 1238 33.01 -27.31 -55.57
CA ARG A 1238 32.94 -28.70 -55.12
C ARG A 1238 32.56 -29.63 -56.26
N GLY A 1239 31.76 -29.18 -57.20
CA GLY A 1239 31.30 -30.02 -58.30
C GLY A 1239 29.86 -30.44 -58.17
N VAL A 1240 29.52 -31.49 -58.93
CA VAL A 1240 28.13 -31.93 -59.04
C VAL A 1240 27.80 -32.84 -57.87
N VAL A 1241 26.75 -32.49 -57.13
CA VAL A 1241 26.24 -33.29 -56.02
C VAL A 1241 24.82 -33.73 -56.36
N LYS A 1242 24.49 -34.98 -56.04
CA LYS A 1242 23.16 -35.52 -56.28
C LYS A 1242 22.22 -35.11 -55.15
N VAL A 1243 21.28 -34.21 -55.45
CA VAL A 1243 20.36 -33.65 -54.48
C VAL A 1243 19.00 -34.30 -54.70
N LYS A 1244 18.47 -34.94 -53.66
CA LYS A 1244 17.17 -35.60 -53.75
C LYS A 1244 16.09 -34.61 -54.17
N GLY A 1245 15.36 -34.96 -55.21
CA GLY A 1245 14.30 -34.12 -55.73
C GLY A 1245 14.76 -33.08 -56.73
N LYS A 1246 16.06 -32.92 -56.94
CA LYS A 1246 16.60 -32.00 -57.93
C LYS A 1246 17.52 -32.66 -58.95
N GLY A 1247 17.98 -33.89 -58.69
CA GLY A 1247 18.88 -34.53 -59.63
C GLY A 1247 20.31 -34.13 -59.37
N GLU A 1248 21.00 -33.66 -60.40
CA GLU A 1248 22.38 -33.21 -60.29
C GLU A 1248 22.43 -31.70 -60.15
N MET A 1249 23.18 -31.22 -59.15
CA MET A 1249 23.24 -29.79 -58.85
C MET A 1249 24.71 -29.41 -58.68
N MET A 1250 25.11 -28.31 -59.31
CA MET A 1250 26.45 -27.78 -59.10
C MET A 1250 26.55 -27.09 -57.75
N THR A 1251 27.61 -27.40 -57.01
CA THR A 1251 27.80 -26.92 -55.65
C THR A 1251 29.23 -26.41 -55.51
N TYR A 1252 29.43 -25.51 -54.57
CA TYR A 1252 30.70 -24.85 -54.34
C TYR A 1252 31.02 -24.86 -52.85
N PHE A 1253 32.30 -24.73 -52.53
CA PHE A 1253 32.68 -24.42 -51.17
C PHE A 1253 32.99 -22.95 -51.05
N LEU A 1254 32.53 -22.35 -49.96
CA LEU A 1254 32.94 -21.03 -49.53
C LEU A 1254 34.12 -21.19 -48.59
N ASN A 1255 35.28 -20.68 -49.00
CA ASN A 1255 36.52 -20.89 -48.27
C ASN A 1255 36.98 -19.66 -47.53
N GLY A 1256 36.49 -18.48 -47.89
CA GLY A 1256 36.90 -17.28 -47.20
C GLY A 1256 36.08 -16.08 -47.61
N GLY A 1257 36.04 -15.09 -46.72
CA GLY A 1257 35.34 -13.86 -46.98
C GLY A 1257 36.15 -12.91 -47.83
N PRO A 1258 35.52 -11.80 -48.22
CA PRO A 1258 36.27 -10.72 -48.83
C PRO A 1258 37.29 -10.17 -47.86
N PRO A 1259 38.42 -9.66 -48.34
CA PRO A 1259 39.41 -9.07 -47.44
C PRO A 1259 38.81 -7.91 -46.65
N LEU A 1260 39.11 -7.87 -45.35
CA LEU A 1260 38.63 -6.78 -44.51
C LEU A 1260 39.13 -5.45 -45.02
N SER A 1261 38.20 -4.55 -45.32
CA SER A 1261 38.55 -3.22 -45.83
C SER A 1261 38.86 -2.27 -44.68
N LEU B 205 -16.81 3.60 53.55
CA LEU B 205 -16.41 4.93 53.98
C LEU B 205 -14.89 5.03 54.09
N GLY B 206 -14.25 3.92 54.44
CA GLY B 206 -12.81 3.88 54.55
C GLY B 206 -12.14 3.05 53.48
N ALA B 207 -12.81 1.99 53.04
CA ALA B 207 -12.26 1.16 51.97
C ALA B 207 -12.22 1.92 50.64
N CYS B 208 -13.23 2.76 50.39
CA CYS B 208 -13.19 3.62 49.21
C CYS B 208 -12.03 4.61 49.26
N CYS B 209 -11.78 5.19 50.43
CA CYS B 209 -10.63 6.06 50.59
C CYS B 209 -9.31 5.32 50.40
N LEU B 210 -9.23 4.07 50.88
CA LEU B 210 -8.03 3.28 50.65
C LEU B 210 -7.83 2.95 49.18
N ALA B 211 -8.91 2.62 48.47
CA ALA B 211 -8.81 2.40 47.03
C ALA B 211 -8.40 3.67 46.30
N LEU B 212 -8.94 4.82 46.71
CA LEU B 212 -8.49 6.10 46.15
C LEU B 212 -7.01 6.36 46.42
N LEU B 213 -6.52 6.03 47.61
CA LEU B 213 -5.09 6.16 47.88
C LEU B 213 -4.27 5.20 47.04
N GLN B 214 -4.81 4.01 46.76
CA GLN B 214 -4.13 3.10 45.84
C GLN B 214 -4.08 3.68 44.43
N ILE B 215 -5.12 4.41 44.02
CA ILE B 215 -5.12 5.09 42.74
C ILE B 215 -3.99 6.10 42.63
N PHE B 216 -3.60 6.72 43.76
CA PHE B 216 -2.61 7.79 43.73
C PHE B 216 -1.18 7.30 43.56
N ARG B 217 -0.96 5.99 43.49
CA ARG B 217 0.36 5.46 43.18
C ARG B 217 0.56 5.58 41.68
N SER B 218 1.45 6.49 41.27
CA SER B 218 1.71 6.72 39.86
C SER B 218 2.11 5.42 39.17
N LYS B 219 1.27 4.96 38.24
CA LYS B 219 1.60 3.77 37.48
C LYS B 219 2.85 4.01 36.64
N LYS B 220 3.75 3.02 36.65
CA LYS B 220 4.96 3.08 35.86
C LYS B 220 5.29 1.66 35.40
N PHE B 221 5.72 1.53 34.16
CA PHE B 221 6.15 0.23 33.68
C PHE B 221 7.48 -0.14 34.34
N PRO B 222 7.61 -1.38 34.83
CA PRO B 222 8.77 -1.69 35.70
C PRO B 222 10.12 -1.58 35.00
N SER B 223 10.21 -1.96 33.74
CA SER B 223 11.49 -2.01 33.05
C SER B 223 11.88 -0.62 32.57
N ASP B 224 13.05 -0.14 33.01
CA ASP B 224 13.52 1.15 32.54
C ASP B 224 13.82 1.13 31.04
N LYS B 225 14.20 -0.02 30.49
CA LYS B 225 14.38 -0.08 29.04
C LYS B 225 13.03 -0.02 28.33
N LEU B 226 12.05 -0.80 28.82
CA LEU B 226 10.71 -0.76 28.23
C LEU B 226 10.07 0.60 28.45
N GLU B 227 10.24 1.17 29.65
CA GLU B 227 9.75 2.51 29.91
C GLU B 227 10.41 3.54 29.02
N ARG B 228 11.72 3.42 28.80
CA ARG B 228 12.41 4.30 27.86
C ARG B 228 11.86 4.14 26.44
N LEU B 229 11.60 2.91 26.00
CA LEU B 229 11.04 2.73 24.65
C LEU B 229 9.64 3.31 24.55
N TYR B 230 8.82 3.11 25.58
CA TYR B 230 7.52 3.75 25.63
C TYR B 230 7.65 5.26 25.59
N GLN B 231 8.56 5.81 26.39
CA GLN B 231 8.80 7.26 26.37
C GLN B 231 9.25 7.73 25.00
N ARG B 232 10.12 6.97 24.33
CA ARG B 232 10.56 7.34 22.99
C ARG B 232 9.40 7.38 22.02
N TYR B 233 8.51 6.39 22.09
CA TYR B 233 7.28 6.42 21.30
C TYR B 233 6.41 7.62 21.66
N PHE B 234 6.11 7.77 22.94
CA PHE B 234 5.23 8.83 23.40
C PHE B 234 5.76 10.21 23.01
N PHE B 235 7.07 10.42 23.16
CA PHE B 235 7.69 11.68 22.75
C PHE B 235 7.68 11.85 21.23
N ARG B 236 7.89 10.78 20.46
CA ARG B 236 7.83 10.95 19.01
C ARG B 236 6.42 11.31 18.57
N LEU B 237 5.43 10.63 19.15
CA LEU B 237 4.02 10.92 18.88
C LEU B 237 3.62 12.31 19.32
N ASN B 238 4.10 12.74 20.48
CA ASN B 238 3.71 14.01 21.06
C ASN B 238 4.64 15.17 20.76
N GLN B 239 5.69 15.00 19.95
CA GLN B 239 6.50 16.17 19.64
C GLN B 239 5.65 17.24 18.97
N SER B 240 4.79 16.81 18.04
CA SER B 240 3.82 17.71 17.43
C SER B 240 2.82 18.23 18.46
N SER B 241 2.37 17.36 19.37
CA SER B 241 1.48 17.79 20.43
C SER B 241 2.12 18.87 21.31
N LEU B 242 3.39 18.70 21.65
CA LEU B 242 4.10 19.69 22.45
C LEU B 242 4.21 21.01 21.71
N THR B 243 4.41 20.96 20.39
CA THR B 243 4.54 22.21 19.65
C THR B 243 3.18 22.89 19.46
N MET B 244 2.12 22.11 19.26
CA MET B 244 0.78 22.66 19.29
C MET B 244 0.45 23.26 20.64
N LEU B 245 0.85 22.59 21.73
CA LEU B 245 0.69 23.14 23.06
C LEU B 245 1.38 24.50 23.17
N MET B 246 2.64 24.58 22.75
CA MET B 246 3.35 25.85 22.79
C MET B 246 2.62 26.92 21.98
N ALA B 247 2.12 26.56 20.80
CA ALA B 247 1.39 27.52 19.96
C ALA B 247 0.09 28.00 20.61
N VAL B 248 -0.66 27.10 21.24
CA VAL B 248 -1.90 27.52 21.89
C VAL B 248 -1.62 28.37 23.12
N LEU B 249 -0.57 28.04 23.88
CA LEU B 249 -0.21 28.87 25.01
C LEU B 249 0.25 30.25 24.56
N VAL B 250 0.97 30.33 23.43
CA VAL B 250 1.31 31.61 22.81
C VAL B 250 0.05 32.38 22.43
N LEU B 251 -0.92 31.72 21.81
CA LEU B 251 -2.17 32.37 21.45
C LEU B 251 -2.88 32.97 22.66
N VAL B 252 -3.00 32.19 23.74
CA VAL B 252 -3.63 32.70 24.96
C VAL B 252 -2.86 33.87 25.55
N CYS B 253 -1.52 33.79 25.54
CA CYS B 253 -0.73 34.91 26.03
C CYS B 253 -0.95 36.16 25.19
N LEU B 254 -1.10 36.00 23.88
CA LEU B 254 -1.38 37.15 23.01
C LEU B 254 -2.76 37.73 23.31
N VAL B 255 -3.74 36.88 23.61
CA VAL B 255 -5.05 37.37 23.99
C VAL B 255 -4.99 38.18 25.29
N MET B 256 -4.27 37.66 26.28
CA MET B 256 -4.08 38.42 27.52
C MET B 256 -3.36 39.73 27.28
N LEU B 257 -2.35 39.73 26.41
CA LEU B 257 -1.66 40.97 26.07
C LEU B 257 -2.59 41.97 25.42
N ALA B 258 -3.47 41.52 24.53
CA ALA B 258 -4.39 42.45 23.89
C ALA B 258 -5.40 43.00 24.88
N PHE B 259 -5.93 42.17 25.77
CA PHE B 259 -6.83 42.65 26.81
C PHE B 259 -6.18 43.66 27.74
N HIS B 260 -4.95 43.39 28.20
CA HIS B 260 -4.27 44.34 29.08
C HIS B 260 -3.76 45.60 28.35
N ALA B 261 -3.39 45.49 27.09
CA ALA B 261 -2.93 46.65 26.33
C ALA B 261 -4.05 47.56 25.86
N ALA B 262 -5.29 47.06 25.80
CA ALA B 262 -6.40 47.90 25.36
C ALA B 262 -6.68 49.05 26.32
N ARG B 263 -6.12 49.02 27.53
CA ARG B 263 -6.39 50.06 28.51
C ARG B 263 -5.11 50.47 29.24
N PRO B 264 -4.60 51.69 29.04
CA PRO B 264 -3.50 52.18 29.86
C PRO B 264 -3.92 52.36 31.31
N PRO B 265 -2.98 52.60 32.23
CA PRO B 265 -1.55 52.85 32.01
C PRO B 265 -0.75 51.57 31.77
N LEU B 266 0.13 51.60 30.77
CA LEU B 266 0.97 50.45 30.44
C LEU B 266 2.15 50.39 31.39
N GLN B 267 2.16 49.39 32.28
CA GLN B 267 3.29 49.18 33.18
C GLN B 267 4.41 48.47 32.44
N LEU B 268 5.58 49.11 32.38
CA LEU B 268 6.73 48.54 31.69
C LEU B 268 7.10 47.13 32.14
N PRO B 269 7.10 46.80 33.43
CA PRO B 269 7.50 45.43 33.82
C PRO B 269 6.55 44.36 33.31
N TYR B 270 5.25 44.67 33.25
CA TYR B 270 4.29 43.70 32.71
C TYR B 270 4.62 43.36 31.26
N LEU B 271 4.85 44.38 30.44
CA LEU B 271 5.18 44.17 29.04
C LEU B 271 6.50 43.42 28.89
N ALA B 272 7.51 43.81 29.68
CA ALA B 272 8.82 43.15 29.59
C ALA B 272 8.74 41.68 29.98
N VAL B 273 8.01 41.36 31.05
CA VAL B 273 7.92 39.98 31.50
C VAL B 273 7.15 39.12 30.49
N LEU B 274 6.05 39.66 29.95
CA LEU B 274 5.33 38.90 28.92
C LEU B 274 6.18 38.67 27.67
N ALA B 275 6.91 39.70 27.23
CA ALA B 275 7.78 39.53 26.07
C ALA B 275 8.87 38.49 26.32
N ALA B 276 9.47 38.49 27.51
CA ALA B 276 10.47 37.46 27.83
C ALA B 276 9.86 36.06 27.86
N ALA B 277 8.67 35.91 28.44
CA ALA B 277 8.01 34.60 28.44
C ALA B 277 7.73 34.10 27.03
N VAL B 278 7.18 34.96 26.17
CA VAL B 278 6.96 34.60 24.77
C VAL B 278 8.27 34.20 24.10
N GLY B 279 9.34 34.96 24.31
CA GLY B 279 10.62 34.62 23.72
C GLY B 279 11.12 33.24 24.13
N VAL B 280 11.05 32.95 25.43
CA VAL B 280 11.50 31.65 25.93
C VAL B 280 10.66 30.53 25.32
N ILE B 281 9.33 30.69 25.29
CA ILE B 281 8.47 29.64 24.75
C ILE B 281 8.76 29.41 23.27
N LEU B 282 8.95 30.48 22.50
CA LEU B 282 9.29 30.32 21.08
C LEU B 282 10.65 29.64 20.88
N ILE B 283 11.66 30.02 21.66
CA ILE B 283 12.96 29.36 21.57
C ILE B 283 12.82 27.87 21.87
N MET B 284 12.10 27.51 22.93
CA MET B 284 11.91 26.10 23.25
C MET B 284 11.14 25.37 22.16
N ALA B 285 10.13 26.00 21.57
CA ALA B 285 9.40 25.39 20.47
C ALA B 285 10.29 25.15 19.24
N VAL B 286 11.21 26.09 18.97
CA VAL B 286 12.12 25.89 17.85
C VAL B 286 13.11 24.77 18.15
N LEU B 287 13.62 24.71 19.38
CA LEU B 287 14.53 23.63 19.73
C LEU B 287 13.84 22.27 19.62
N CYS B 288 12.64 22.17 20.22
CA CYS B 288 11.89 20.91 20.17
C CYS B 288 11.43 20.57 18.75
N ASN B 289 11.39 21.54 17.84
CA ASN B 289 11.05 21.25 16.46
C ASN B 289 12.27 20.85 15.63
N ARG B 290 13.47 21.08 16.16
CA ARG B 290 14.67 20.51 15.57
C ARG B 290 14.77 19.04 15.95
N ALA B 291 14.98 18.18 14.96
CA ALA B 291 15.01 16.75 15.22
C ALA B 291 16.14 16.36 16.17
N ALA B 292 17.13 17.23 16.35
CA ALA B 292 18.31 16.92 17.15
C ALA B 292 18.10 17.13 18.64
N PHE B 293 16.95 17.66 19.07
CA PHE B 293 16.68 17.86 20.49
C PHE B 293 16.26 16.54 21.11
N HIS B 294 17.02 16.08 22.11
CA HIS B 294 16.79 14.77 22.67
C HIS B 294 15.44 14.70 23.36
N GLN B 295 14.76 13.56 23.21
CA GLN B 295 13.40 13.43 23.72
C GLN B 295 13.37 13.36 25.24
N ASP B 296 14.44 12.86 25.87
CA ASP B 296 14.47 12.84 27.33
C ASP B 296 14.36 14.23 27.92
N HIS B 297 14.73 15.28 27.18
CA HIS B 297 14.60 16.63 27.72
C HIS B 297 13.21 17.20 27.52
N MET B 298 12.35 16.56 26.71
CA MET B 298 11.00 17.07 26.57
C MET B 298 10.29 17.12 27.91
N GLY B 299 10.52 16.12 28.77
CA GLY B 299 9.93 16.17 30.09
C GLY B 299 10.41 17.40 30.83
N LEU B 300 11.71 17.67 30.77
CA LEU B 300 12.22 18.87 31.40
C LEU B 300 11.64 20.09 30.71
N ALA B 301 11.53 20.02 29.37
CA ALA B 301 10.90 21.12 28.63
C ALA B 301 9.49 21.37 29.14
N CYS B 302 8.78 20.30 29.53
CA CYS B 302 7.45 20.51 30.08
C CYS B 302 7.54 21.18 31.44
N TYR B 303 8.47 20.74 32.29
CA TYR B 303 8.59 21.39 33.59
C TYR B 303 9.04 22.83 33.44
N ALA B 304 9.96 23.09 32.51
CA ALA B 304 10.34 24.47 32.22
C ALA B 304 9.14 25.26 31.75
N LEU B 305 8.28 24.64 30.94
CA LEU B 305 7.09 25.34 30.50
C LEU B 305 6.18 25.65 31.67
N ILE B 306 6.03 24.70 32.60
CA ILE B 306 5.24 25.00 33.79
C ILE B 306 5.83 26.20 34.52
N ALA B 307 7.15 26.26 34.62
CA ALA B 307 7.77 27.39 35.29
C ALA B 307 7.50 28.68 34.53
N VAL B 308 7.56 28.62 33.19
CA VAL B 308 7.22 29.80 32.41
C VAL B 308 5.77 30.18 32.66
N VAL B 309 4.89 29.18 32.67
CA VAL B 309 3.48 29.45 32.94
C VAL B 309 3.33 30.06 34.33
N LEU B 310 4.06 29.52 35.30
CA LEU B 310 4.03 30.10 36.64
C LEU B 310 4.42 31.57 36.61
N ALA B 311 5.50 31.90 35.90
CA ALA B 311 5.91 33.30 35.82
C ALA B 311 4.81 34.14 35.18
N VAL B 312 4.22 33.63 34.10
CA VAL B 312 3.13 34.35 33.44
C VAL B 312 1.98 34.55 34.41
N GLN B 313 1.70 33.57 35.26
CA GLN B 313 0.63 33.74 36.23
C GLN B 313 0.94 34.87 37.23
N VAL B 314 2.15 34.91 37.77
CA VAL B 314 2.43 35.92 38.80
C VAL B 314 2.22 37.33 38.26
N VAL B 315 2.83 37.63 37.12
CA VAL B 315 2.63 38.96 36.56
C VAL B 315 1.21 39.09 36.05
N GLY B 316 0.63 38.00 35.56
CA GLY B 316 -0.78 38.02 35.22
C GLY B 316 -1.69 38.42 36.36
N LEU B 317 -1.32 38.10 37.60
CA LEU B 317 -2.24 38.34 38.71
C LEU B 317 -1.90 39.54 39.58
N LEU B 318 -0.64 39.97 39.65
CA LEU B 318 -0.30 41.08 40.53
C LEU B 318 -0.57 42.45 39.89
N LEU B 319 -0.12 42.64 38.66
CA LEU B 319 -0.09 43.97 38.04
C LEU B 319 -1.44 44.46 37.50
N PRO B 320 -2.29 43.59 36.96
CA PRO B 320 -3.47 44.08 36.23
C PRO B 320 -4.30 45.07 37.05
N GLN B 321 -4.83 46.06 36.35
CA GLN B 321 -5.79 47.01 36.90
C GLN B 321 -7.00 47.08 35.97
N PRO B 322 -8.21 47.25 36.52
CA PRO B 322 -8.57 47.36 37.94
C PRO B 322 -8.47 46.02 38.67
N ARG B 323 -8.30 46.04 39.99
CA ARG B 323 -8.22 44.82 40.76
C ARG B 323 -9.61 44.22 40.93
N SER B 324 -9.72 42.91 40.71
CA SER B 324 -10.96 42.19 41.00
C SER B 324 -10.63 40.73 41.26
N ALA B 325 -11.47 40.09 42.07
CA ALA B 325 -11.36 38.65 42.27
C ALA B 325 -11.82 37.86 41.05
N SER B 326 -12.54 38.49 40.13
CA SER B 326 -12.95 37.84 38.90
C SER B 326 -11.94 37.97 37.77
N GLU B 327 -11.00 38.91 37.90
CA GLU B 327 -10.01 39.12 36.84
C GLU B 327 -9.08 37.93 36.73
N GLY B 328 -8.79 37.52 35.49
CA GLY B 328 -7.81 36.51 35.21
C GLY B 328 -8.20 35.09 35.56
N ILE B 329 -9.42 34.85 36.00
CA ILE B 329 -9.88 33.48 36.23
C ILE B 329 -9.84 32.69 34.92
N TRP B 330 -10.31 33.30 33.84
CA TRP B 330 -10.44 32.58 32.57
C TRP B 330 -9.10 32.07 32.04
N TRP B 331 -8.05 32.90 32.06
CA TRP B 331 -6.76 32.42 31.56
C TRP B 331 -6.11 31.44 32.52
N THR B 332 -6.36 31.55 33.82
CA THR B 332 -5.85 30.57 34.77
C THR B 332 -6.50 29.21 34.56
N VAL B 333 -7.82 29.19 34.44
CA VAL B 333 -8.53 27.95 34.11
C VAL B 333 -8.03 27.37 32.80
N PHE B 334 -7.84 28.21 31.77
CA PHE B 334 -7.31 27.71 30.51
C PHE B 334 -5.97 27.01 30.72
N PHE B 335 -5.01 27.72 31.32
CA PHE B 335 -3.68 27.16 31.51
C PHE B 335 -3.72 25.86 32.31
N ILE B 336 -4.52 25.82 33.37
CA ILE B 336 -4.67 24.60 34.16
C ILE B 336 -5.14 23.45 33.27
N TYR B 337 -6.27 23.66 32.58
CA TYR B 337 -6.82 22.59 31.75
C TYR B 337 -5.83 22.15 30.67
N THR B 338 -5.13 23.10 30.06
CA THR B 338 -4.15 22.77 29.03
C THR B 338 -2.99 21.96 29.59
N ILE B 339 -2.56 22.28 30.81
CA ILE B 339 -1.52 21.47 31.46
C ILE B 339 -2.03 20.07 31.77
N TYR B 340 -3.30 19.94 32.14
CA TYR B 340 -3.87 18.61 32.36
C TYR B 340 -4.05 17.83 31.07
N THR B 341 -4.27 18.51 29.94
CA THR B 341 -4.74 17.85 28.73
C THR B 341 -3.74 17.89 27.60
N LEU B 342 -2.98 18.98 27.46
CA LEU B 342 -1.99 19.10 26.40
C LEU B 342 -0.56 19.01 26.89
N LEU B 343 -0.29 19.21 28.17
CA LEU B 343 1.05 19.07 28.72
C LEU B 343 1.26 17.63 29.18
N PRO B 344 2.21 16.88 28.62
CA PRO B 344 2.45 15.49 29.05
C PRO B 344 3.40 15.40 30.25
N VAL B 345 2.88 15.72 31.43
CA VAL B 345 3.65 15.66 32.66
C VAL B 345 3.11 14.54 33.54
N ARG B 346 3.96 14.07 34.45
CA ARG B 346 3.58 13.00 35.36
C ARG B 346 2.46 13.46 36.28
N MET B 347 1.64 12.50 36.71
CA MET B 347 0.45 12.79 37.50
C MET B 347 0.78 13.63 38.73
N ARG B 348 1.81 13.23 39.47
CA ARG B 348 2.21 14.00 40.65
C ARG B 348 2.60 15.43 40.28
N ALA B 349 3.30 15.60 39.16
CA ALA B 349 3.72 16.94 38.75
C ALA B 349 2.55 17.77 38.26
N ALA B 350 1.62 17.16 37.53
CA ALA B 350 0.41 17.88 37.11
C ALA B 350 -0.39 18.35 38.32
N VAL B 351 -0.61 17.45 39.28
CA VAL B 351 -1.37 17.80 40.48
C VAL B 351 -0.66 18.92 41.25
N LEU B 352 0.64 18.77 41.47
CA LEU B 352 1.40 19.81 42.18
C LEU B 352 1.34 21.15 41.46
N SER B 353 1.43 21.16 40.13
CA SER B 353 1.37 22.42 39.40
C SER B 353 -0.01 23.06 39.49
N GLY B 354 -1.07 22.27 39.34
CA GLY B 354 -2.41 22.83 39.45
C GLY B 354 -2.72 23.37 40.82
N VAL B 355 -2.33 22.65 41.87
CA VAL B 355 -2.52 23.12 43.23
C VAL B 355 -1.71 24.40 43.49
N LEU B 356 -0.46 24.44 43.02
CA LEU B 356 0.35 25.64 43.21
C LEU B 356 -0.27 26.86 42.51
N LEU B 357 -0.68 26.70 41.24
CA LEU B 357 -1.32 27.79 40.53
C LEU B 357 -2.60 28.26 41.25
N SER B 358 -3.37 27.33 41.79
CA SER B 358 -4.61 27.70 42.48
C SER B 358 -4.32 28.47 43.77
N ALA B 359 -3.43 27.93 44.60
CA ALA B 359 -3.12 28.59 45.87
C ALA B 359 -2.50 29.97 45.64
N LEU B 360 -1.65 30.09 44.62
CA LEU B 360 -1.05 31.39 44.33
C LEU B 360 -2.08 32.41 43.86
N HIS B 361 -3.01 32.01 42.99
CA HIS B 361 -4.09 32.92 42.62
C HIS B 361 -4.89 33.35 43.85
N LEU B 362 -5.36 32.40 44.65
CA LEU B 362 -6.15 32.75 45.83
C LEU B 362 -5.38 33.66 46.79
N ALA B 363 -4.09 33.41 47.00
CA ALA B 363 -3.30 34.25 47.88
C ALA B 363 -3.14 35.66 47.33
N ILE B 364 -2.95 35.80 46.02
CA ILE B 364 -2.84 37.13 45.44
C ILE B 364 -4.17 37.88 45.58
N ALA B 365 -5.26 37.24 45.20
CA ALA B 365 -6.58 37.88 45.31
C ALA B 365 -6.89 38.27 46.76
N LEU B 366 -6.51 37.42 47.73
CA LEU B 366 -6.68 37.75 49.13
C LEU B 366 -5.82 38.95 49.55
N ARG B 367 -4.61 39.05 49.01
CA ARG B 367 -3.75 40.16 49.41
C ARG B 367 -4.18 41.48 48.80
N THR B 368 -4.56 41.48 47.52
CA THR B 368 -4.88 42.73 46.84
C THR B 368 -6.28 43.24 47.17
N ASN B 369 -7.25 42.35 47.37
CA ASN B 369 -8.66 42.73 47.47
C ASN B 369 -9.24 42.50 48.86
N ALA B 370 -8.39 42.56 49.89
CA ALA B 370 -8.86 42.23 51.24
C ALA B 370 -9.93 43.19 51.74
N GLN B 371 -10.10 44.33 51.09
CA GLN B 371 -10.99 45.38 51.59
C GLN B 371 -12.41 45.29 51.06
N ASP B 372 -12.68 44.37 50.13
CA ASP B 372 -14.01 44.28 49.52
C ASP B 372 -14.92 43.44 50.40
N GLN B 373 -16.09 43.99 50.74
CA GLN B 373 -16.99 43.31 51.66
C GLN B 373 -17.54 42.02 51.05
N PHE B 374 -17.84 42.03 49.75
CA PHE B 374 -18.34 40.84 49.08
C PHE B 374 -17.23 39.90 48.63
N LEU B 375 -15.98 40.19 49.03
CA LEU B 375 -14.85 39.38 48.61
C LEU B 375 -15.08 37.89 48.89
N LEU B 376 -15.71 37.58 50.02
CA LEU B 376 -15.87 36.18 50.38
C LEU B 376 -16.68 35.44 49.33
N LYS B 377 -17.75 36.05 48.83
CA LYS B 377 -18.53 35.35 47.82
C LYS B 377 -17.70 35.11 46.59
N GLN B 378 -16.98 36.14 46.14
CA GLN B 378 -16.12 35.96 44.99
C GLN B 378 -15.06 34.93 45.31
N LEU B 379 -14.43 35.07 46.48
CA LEU B 379 -13.37 34.14 46.81
C LEU B 379 -13.90 32.72 46.85
N VAL B 380 -15.06 32.53 47.49
CA VAL B 380 -15.62 31.19 47.51
C VAL B 380 -15.90 30.69 46.11
N SER B 381 -16.47 31.56 45.27
CA SER B 381 -16.76 31.11 43.91
C SER B 381 -15.48 30.85 43.14
N ASN B 382 -14.45 31.67 43.36
CA ASN B 382 -13.19 31.38 42.71
C ASN B 382 -12.62 30.07 43.20
N VAL B 383 -12.69 29.83 44.51
CA VAL B 383 -12.29 28.54 45.03
C VAL B 383 -13.06 27.43 44.35
N LEU B 384 -14.38 27.58 44.27
CA LEU B 384 -15.17 26.54 43.63
C LEU B 384 -14.74 26.33 42.18
N ILE B 385 -14.51 27.41 41.45
CA ILE B 385 -14.11 27.26 40.05
C ILE B 385 -12.79 26.49 39.99
N PHE B 386 -11.83 26.90 40.80
CA PHE B 386 -10.54 26.26 40.75
C PHE B 386 -10.61 24.82 41.25
N SER B 387 -11.46 24.57 42.25
CA SER B 387 -11.69 23.20 42.67
C SER B 387 -12.21 22.35 41.52
N CYS B 388 -13.22 22.85 40.80
CA CYS B 388 -13.71 22.09 39.67
C CYS B 388 -12.59 21.81 38.68
N THR B 389 -11.80 22.85 38.37
CA THR B 389 -10.74 22.66 37.39
C THR B 389 -9.71 21.66 37.89
N ASN B 390 -9.39 21.68 39.18
CA ASN B 390 -8.47 20.68 39.70
C ASN B 390 -9.04 19.28 39.62
N ILE B 391 -10.33 19.11 39.94
CA ILE B 391 -10.97 17.81 39.79
C ILE B 391 -11.01 17.34 38.34
N VAL B 392 -11.82 18.04 37.51
CA VAL B 392 -12.02 17.65 36.12
C VAL B 392 -10.72 17.31 35.40
N GLY B 393 -9.66 18.09 35.63
CA GLY B 393 -8.38 17.77 35.00
C GLY B 393 -7.83 16.41 35.40
N VAL B 394 -7.92 16.07 36.68
CA VAL B 394 -7.54 14.73 37.10
C VAL B 394 -8.42 13.70 36.42
N CYS B 395 -9.73 13.95 36.40
CA CYS B 395 -10.63 12.99 35.80
C CYS B 395 -10.46 12.93 34.29
N THR B 396 -9.80 13.93 33.71
CA THR B 396 -9.46 13.84 32.30
C THR B 396 -8.07 13.23 32.16
N HIS B 397 -7.12 13.69 32.99
CA HIS B 397 -5.75 13.19 32.89
C HIS B 397 -5.65 11.73 33.29
N TYR B 398 -6.23 11.37 34.43
CA TYR B 398 -6.04 10.02 34.95
C TYR B 398 -6.58 8.94 34.01
N PRO B 399 -7.81 9.01 33.50
CA PRO B 399 -8.23 7.97 32.55
C PRO B 399 -7.39 7.96 31.28
N ALA B 400 -6.96 9.12 30.81
CA ALA B 400 -6.15 9.18 29.60
C ALA B 400 -4.78 8.57 29.85
N GLU B 401 -4.11 9.01 30.92
CA GLU B 401 -2.83 8.42 31.26
C GLU B 401 -2.97 6.93 31.45
N VAL B 402 -4.16 6.47 31.86
CA VAL B 402 -4.33 5.04 32.02
C VAL B 402 -4.57 4.37 30.67
N SER B 403 -5.47 4.94 29.86
CA SER B 403 -5.78 4.27 28.61
C SER B 403 -4.62 4.27 27.64
N GLN B 404 -3.76 5.28 27.69
CA GLN B 404 -2.63 5.27 26.78
C GLN B 404 -1.65 4.20 27.22
N ARG B 405 -1.44 4.08 28.53
CA ARG B 405 -0.62 2.99 29.01
C ARG B 405 -1.28 1.67 28.65
N GLN B 406 -2.60 1.62 28.82
CA GLN B 406 -3.31 0.42 28.46
C GLN B 406 -3.15 0.15 26.97
N ALA B 407 -3.36 1.18 26.14
CA ALA B 407 -3.20 0.95 24.71
C ALA B 407 -1.79 0.50 24.39
N PHE B 408 -0.78 1.12 25.02
CA PHE B 408 0.58 0.64 24.82
C PHE B 408 0.78 -0.75 25.38
N GLN B 409 0.26 -1.00 26.58
CA GLN B 409 0.44 -2.30 27.22
C GLN B 409 -0.28 -3.41 26.48
N GLU B 410 -1.53 -3.16 26.07
CA GLU B 410 -2.24 -4.12 25.25
C GLU B 410 -1.47 -4.42 23.96
N THR B 411 -0.79 -3.42 23.39
CA THR B 411 -0.01 -3.73 22.20
C THR B 411 1.12 -4.68 22.52
N ARG B 412 1.81 -4.45 23.64
CA ARG B 412 2.86 -5.38 24.05
C ARG B 412 2.31 -6.76 24.32
N GLU B 413 1.08 -6.84 24.84
CA GLU B 413 0.38 -8.13 24.79
C GLU B 413 0.43 -8.80 23.42
N CYS B 414 -0.36 -8.29 22.46
CA CYS B 414 -0.46 -8.96 21.17
C CYS B 414 0.87 -9.20 20.48
N ILE B 415 1.76 -8.21 20.52
CA ILE B 415 3.07 -8.39 19.88
C ILE B 415 3.83 -9.54 20.52
N GLN B 416 3.77 -9.65 21.85
CA GLN B 416 4.40 -10.77 22.52
C GLN B 416 3.79 -12.08 22.04
N ALA B 417 2.46 -12.14 21.95
CA ALA B 417 1.83 -13.35 21.44
C ALA B 417 2.33 -13.64 20.03
N ARG B 418 2.44 -12.61 19.20
CA ARG B 418 2.95 -12.85 17.86
C ARG B 418 4.34 -13.42 17.94
N LEU B 419 5.21 -12.76 18.69
CA LEU B 419 6.57 -13.23 18.82
C LEU B 419 6.59 -14.58 19.52
N HIS B 420 5.74 -14.74 20.54
CA HIS B 420 5.65 -16.02 21.21
C HIS B 420 5.25 -17.09 20.22
N SER B 421 4.25 -16.82 19.39
CA SER B 421 3.83 -17.88 18.49
C SER B 421 4.90 -18.13 17.44
N GLN B 422 5.57 -17.05 17.00
CA GLN B 422 6.75 -17.24 16.15
C GLN B 422 7.81 -18.04 16.88
N ARG B 423 8.00 -17.76 18.15
CA ARG B 423 8.99 -18.49 18.92
C ARG B 423 8.64 -19.96 18.99
N GLU B 424 7.36 -20.27 19.19
CA GLU B 424 6.97 -21.66 19.17
C GLU B 424 7.21 -22.28 17.81
N ASN B 425 6.85 -21.58 16.73
CA ASN B 425 7.17 -22.11 15.42
C ASN B 425 8.66 -22.27 15.18
N GLN B 426 9.49 -21.41 15.79
CA GLN B 426 10.90 -21.48 15.44
C GLN B 426 11.48 -22.82 15.88
N GLN B 427 11.40 -23.14 17.17
CA GLN B 427 12.02 -24.37 17.59
C GLN B 427 11.41 -25.52 16.81
N GLN B 428 10.08 -25.48 16.59
CA GLN B 428 9.44 -26.47 15.75
C GLN B 428 10.26 -26.59 14.49
N GLU B 429 10.17 -25.56 13.64
CA GLU B 429 10.88 -25.55 12.38
C GLU B 429 12.31 -26.05 12.56
N ARG B 430 13.00 -25.56 13.59
CA ARG B 430 14.35 -26.04 13.85
C ARG B 430 14.32 -27.55 13.86
N LEU B 431 13.77 -28.14 14.93
CA LEU B 431 13.81 -29.59 15.04
C LEU B 431 13.19 -30.24 13.82
N LEU B 432 12.21 -29.58 13.19
CA LEU B 432 11.54 -30.13 12.01
C LEU B 432 12.57 -30.50 10.94
N LEU B 433 13.26 -29.50 10.39
CA LEU B 433 14.19 -29.73 9.30
C LEU B 433 15.33 -30.64 9.74
N PRO B 437 16.40 -30.93 3.23
CA PRO B 437 17.18 -29.96 2.46
C PRO B 437 16.44 -28.65 2.21
N ARG B 438 17.17 -27.54 2.28
CA ARG B 438 16.54 -26.22 2.17
C ARG B 438 15.78 -26.07 0.85
N HIS B 439 16.27 -26.68 -0.22
CA HIS B 439 15.55 -26.59 -1.49
C HIS B 439 14.22 -27.33 -1.42
N VAL B 440 14.22 -28.56 -0.93
CA VAL B 440 12.96 -29.29 -0.76
C VAL B 440 12.02 -28.53 0.18
N ALA B 441 12.52 -28.10 1.33
CA ALA B 441 11.68 -27.38 2.29
C ALA B 441 11.08 -26.09 1.71
N MET B 442 11.85 -25.40 0.86
CA MET B 442 11.35 -24.17 0.24
C MET B 442 10.38 -24.45 -0.90
N GLU B 443 10.61 -25.53 -1.66
CA GLU B 443 9.65 -25.93 -2.68
C GLU B 443 8.33 -26.30 -2.01
N MET B 444 8.38 -27.19 -1.03
CA MET B 444 7.20 -27.53 -0.26
C MET B 444 6.51 -26.29 0.32
N LYS B 445 7.29 -25.32 0.81
CA LYS B 445 6.69 -24.09 1.33
C LYS B 445 5.98 -23.30 0.23
N ALA B 446 6.50 -23.34 -1.00
CA ALA B 446 5.84 -22.70 -2.14
C ALA B 446 4.56 -23.45 -2.47
N ASP B 447 4.62 -24.77 -2.45
CA ASP B 447 3.50 -25.62 -2.83
C ASP B 447 2.37 -25.43 -1.82
N ILE B 448 2.69 -25.34 -0.53
CA ILE B 448 1.64 -25.14 0.44
C ILE B 448 0.96 -23.81 0.13
N ASN B 449 1.74 -22.80 -0.31
CA ASN B 449 1.10 -21.55 -0.72
C ASN B 449 0.24 -21.78 -1.95
N ALA B 450 0.54 -22.82 -2.73
CA ALA B 450 -0.31 -23.06 -3.90
C ALA B 450 -1.66 -23.63 -3.49
N LYS B 451 -1.80 -24.13 -2.26
CA LYS B 451 -3.00 -24.80 -1.78
C LYS B 451 -3.58 -25.70 -2.88
N GLN B 452 -2.76 -26.69 -3.27
CA GLN B 452 -3.11 -27.64 -4.31
C GLN B 452 -4.14 -28.63 -3.76
N GLU B 453 -5.32 -28.12 -3.43
CA GLU B 453 -6.48 -28.96 -3.22
C GLU B 453 -6.98 -29.52 -4.55
N ASP B 454 -7.54 -30.73 -4.50
CA ASP B 454 -8.05 -31.38 -5.70
C ASP B 454 -6.92 -31.71 -6.67
N MET B 455 -5.97 -32.53 -6.22
CA MET B 455 -5.01 -33.19 -7.09
C MET B 455 -5.24 -34.69 -7.02
N MET B 456 -5.27 -35.34 -8.18
CA MET B 456 -5.51 -36.77 -8.20
C MET B 456 -4.34 -37.58 -7.66
N PHE B 457 -3.20 -36.95 -7.45
CA PHE B 457 -2.05 -37.60 -6.85
C PHE B 457 -1.36 -36.63 -5.89
N HIS B 458 -0.79 -37.17 -4.82
CA HIS B 458 0.00 -36.36 -3.91
C HIS B 458 1.35 -36.06 -4.55
N LYS B 459 1.75 -34.79 -4.52
CA LYS B 459 2.97 -34.37 -5.20
C LYS B 459 4.18 -35.07 -4.61
N ILE B 460 4.90 -35.82 -5.44
CA ILE B 460 6.15 -36.46 -5.06
C ILE B 460 7.28 -35.47 -5.26
N TYR B 461 8.25 -35.48 -4.35
CA TYR B 461 9.40 -34.59 -4.39
C TYR B 461 10.65 -35.44 -4.64
N ILE B 462 10.91 -35.71 -5.93
CA ILE B 462 12.01 -36.57 -6.34
C ILE B 462 12.87 -35.81 -7.35
N GLN B 463 14.19 -35.88 -7.15
CA GLN B 463 15.19 -35.32 -8.07
C GLN B 463 16.20 -36.42 -8.38
N LYS B 464 16.53 -36.59 -9.65
CA LYS B 464 17.54 -37.55 -10.04
C LYS B 464 18.94 -36.94 -9.97
N HIS B 465 19.88 -37.71 -9.40
CA HIS B 465 21.30 -37.37 -9.44
C HIS B 465 22.08 -38.60 -9.88
N ASP B 466 22.84 -38.47 -10.96
CA ASP B 466 23.80 -39.48 -11.36
C ASP B 466 25.19 -39.10 -10.85
N ASN B 467 26.12 -40.05 -10.93
CA ASN B 467 27.49 -39.84 -10.47
C ASN B 467 27.52 -39.55 -8.96
N VAL B 468 26.92 -40.45 -8.20
CA VAL B 468 27.02 -40.40 -6.75
C VAL B 468 27.83 -41.60 -6.28
N SER B 469 28.37 -41.49 -5.07
CA SER B 469 28.95 -42.62 -4.36
C SER B 469 28.19 -42.87 -3.07
N ILE B 470 27.80 -44.11 -2.84
CA ILE B 470 26.98 -44.51 -1.71
C ILE B 470 27.86 -45.33 -0.78
N LEU B 471 27.93 -44.91 0.48
CA LEU B 471 28.69 -45.58 1.53
C LEU B 471 27.69 -46.05 2.58
N PHE B 472 27.73 -47.35 2.88
CA PHE B 472 27.08 -47.93 4.04
C PHE B 472 28.16 -48.39 5.01
N ALA B 473 28.01 -48.06 6.29
CA ALA B 473 28.99 -48.48 7.28
C ALA B 473 28.26 -49.01 8.51
N ASP B 474 28.46 -50.29 8.80
CA ASP B 474 27.79 -50.97 9.90
C ASP B 474 28.77 -51.35 11.00
N ILE B 475 28.30 -51.27 12.24
CA ILE B 475 29.11 -51.57 13.42
C ILE B 475 29.00 -53.06 13.71
N GLU B 476 30.07 -53.80 13.42
CA GLU B 476 30.12 -55.22 13.76
C GLU B 476 30.17 -55.39 15.27
N GLY B 477 29.29 -56.24 15.80
CA GLY B 477 29.25 -56.50 17.23
C GLY B 477 28.41 -55.55 18.04
N PHE B 478 27.81 -54.54 17.39
CA PHE B 478 27.07 -53.52 18.11
C PHE B 478 25.95 -54.10 18.95
N THR B 479 25.26 -55.13 18.44
CA THR B 479 24.20 -55.76 19.22
C THR B 479 24.69 -56.30 20.57
N SER B 480 25.96 -56.68 20.66
CA SER B 480 26.48 -57.11 21.95
C SER B 480 26.65 -55.93 22.90
N LEU B 481 27.24 -54.83 22.43
CA LEU B 481 27.34 -53.65 23.29
C LEU B 481 25.96 -53.17 23.72
N ALA B 482 25.05 -53.04 22.76
CA ALA B 482 23.68 -52.63 23.04
C ALA B 482 22.95 -53.61 23.94
N SER B 483 23.46 -54.83 24.10
CA SER B 483 22.89 -55.77 25.05
C SER B 483 23.54 -55.68 26.42
N GLN B 484 24.61 -54.90 26.57
CA GLN B 484 25.29 -54.72 27.84
C GLN B 484 25.18 -53.31 28.41
N CYS B 485 25.09 -52.29 27.57
CA CYS B 485 24.96 -50.93 28.06
C CYS B 485 23.52 -50.62 28.44
N THR B 486 23.37 -49.70 29.40
CA THR B 486 22.07 -49.13 29.71
C THR B 486 21.60 -48.23 28.58
N ALA B 487 20.29 -47.94 28.58
CA ALA B 487 19.72 -47.09 27.54
C ALA B 487 20.41 -45.74 27.50
N GLN B 488 20.71 -45.15 28.65
CA GLN B 488 21.39 -43.87 28.66
C GLN B 488 22.81 -43.99 28.13
N GLU B 489 23.60 -44.92 28.67
CA GLU B 489 24.96 -45.10 28.20
C GLU B 489 25.00 -45.45 26.71
N LEU B 490 24.05 -46.28 26.28
CA LEU B 490 23.94 -46.66 24.87
C LEU B 490 23.66 -45.45 23.99
N VAL B 491 22.67 -44.64 24.35
CA VAL B 491 22.33 -43.47 23.54
C VAL B 491 23.44 -42.43 23.58
N MET B 492 24.10 -42.25 24.73
CA MET B 492 25.24 -41.33 24.78
C MET B 492 26.37 -41.80 23.88
N THR B 493 26.71 -43.08 23.93
CA THR B 493 27.78 -43.61 23.08
C THR B 493 27.41 -43.50 21.60
N LEU B 494 26.19 -43.87 21.25
CA LEU B 494 25.71 -43.73 19.88
C LEU B 494 25.73 -42.28 19.42
N ASN B 495 25.26 -41.36 20.25
CA ASN B 495 25.22 -39.95 19.84
C ASN B 495 26.62 -39.37 19.70
N GLU B 496 27.56 -39.77 20.56
CA GLU B 496 28.94 -39.35 20.37
C GLU B 496 29.54 -39.92 19.10
N LEU B 497 29.34 -41.21 18.85
CA LEU B 497 29.84 -41.84 17.63
C LEU B 497 29.27 -41.21 16.38
N PHE B 498 27.94 -41.06 16.32
CA PHE B 498 27.31 -40.48 15.15
C PHE B 498 27.55 -38.98 15.00
N ALA B 499 27.76 -38.24 16.10
CA ALA B 499 28.21 -36.86 15.95
C ALA B 499 29.63 -36.76 15.41
N ARG B 500 30.49 -37.70 15.78
CA ARG B 500 31.80 -37.78 15.16
C ARG B 500 31.71 -38.13 13.68
N PHE B 501 30.83 -39.07 13.32
CA PHE B 501 30.64 -39.40 11.91
C PHE B 501 29.99 -38.25 11.15
N ASP B 502 29.03 -37.54 11.75
CA ASP B 502 28.46 -36.34 11.16
C ASP B 502 29.53 -35.28 10.88
N LYS B 503 30.49 -35.14 11.79
CA LYS B 503 31.59 -34.21 11.56
C LYS B 503 32.49 -34.67 10.42
N LEU B 504 32.91 -35.94 10.45
CA LEU B 504 33.73 -36.46 9.37
C LEU B 504 33.02 -36.37 8.02
N ALA B 505 31.71 -36.61 8.01
CA ALA B 505 30.92 -36.49 6.79
C ALA B 505 30.87 -35.06 6.27
N ALA B 506 30.70 -34.09 7.16
CA ALA B 506 30.76 -32.69 6.73
C ALA B 506 32.16 -32.32 6.24
N GLU B 507 33.20 -32.83 6.90
CA GLU B 507 34.56 -32.54 6.46
C GLU B 507 34.88 -33.24 5.15
N ASN B 508 34.34 -34.44 4.94
CA ASN B 508 34.57 -35.21 3.72
C ASN B 508 33.54 -34.94 2.64
N HIS B 509 32.70 -33.91 2.82
CA HIS B 509 31.68 -33.56 1.84
C HIS B 509 30.78 -34.76 1.52
N CYS B 510 30.51 -35.57 2.54
CA CYS B 510 29.55 -36.67 2.44
C CYS B 510 28.25 -36.25 3.13
N LEU B 511 27.14 -36.41 2.43
CA LEU B 511 25.82 -36.14 2.98
C LEU B 511 25.32 -37.39 3.69
N ARG B 512 25.16 -37.31 5.01
CA ARG B 512 24.40 -38.33 5.72
C ARG B 512 22.97 -38.35 5.23
N ILE B 513 22.50 -39.54 4.83
CA ILE B 513 21.10 -39.67 4.45
C ILE B 513 20.33 -40.16 5.66
N LYS B 514 20.72 -41.31 6.21
CA LYS B 514 19.95 -41.93 7.26
C LYS B 514 20.89 -42.72 8.16
N ILE B 515 20.42 -42.99 9.37
CA ILE B 515 21.01 -43.99 10.26
C ILE B 515 20.05 -45.15 10.36
N LEU B 516 20.56 -46.36 10.17
CA LEU B 516 19.76 -47.60 10.16
C LEU B 516 20.31 -48.48 11.28
N GLY B 517 19.83 -48.23 12.49
CA GLY B 517 20.33 -48.94 13.66
C GLY B 517 21.75 -48.52 13.99
N ASP B 518 22.69 -49.45 13.87
CA ASP B 518 24.10 -49.12 13.99
C ASP B 518 24.68 -48.59 12.69
N CYS B 519 23.97 -48.75 11.57
CA CYS B 519 24.52 -48.43 10.27
C CYS B 519 24.35 -46.94 9.94
N TYR B 520 25.47 -46.30 9.62
CA TYR B 520 25.51 -44.95 9.08
C TYR B 520 25.66 -45.03 7.57
N TYR B 521 24.78 -44.37 6.82
CA TYR B 521 24.95 -44.35 5.37
C TYR B 521 24.86 -42.93 4.83
N CYS B 522 25.73 -42.66 3.87
CA CYS B 522 25.87 -41.33 3.30
C CYS B 522 26.20 -41.43 1.83
N VAL B 523 25.91 -40.34 1.11
CA VAL B 523 26.13 -40.25 -0.32
C VAL B 523 26.98 -39.02 -0.58
N SER B 524 28.00 -39.18 -1.43
CA SER B 524 28.76 -38.09 -1.98
C SER B 524 28.28 -37.81 -3.40
N GLY B 525 28.24 -36.53 -3.76
CA GLY B 525 27.60 -36.09 -4.98
C GLY B 525 26.18 -35.64 -4.82
N LEU B 526 25.68 -35.54 -3.59
CA LEU B 526 24.34 -35.04 -3.31
C LEU B 526 24.43 -33.82 -2.40
N PRO B 527 23.60 -32.80 -2.61
CA PRO B 527 22.67 -32.59 -3.73
C PRO B 527 23.39 -32.00 -4.94
N GLU B 528 24.61 -31.51 -4.75
CA GLU B 528 25.40 -30.94 -5.84
C GLU B 528 26.39 -31.98 -6.33
N ALA B 529 26.35 -32.27 -7.63
CA ALA B 529 27.24 -33.25 -8.22
C ALA B 529 28.70 -32.82 -8.10
N ARG B 530 29.57 -33.79 -7.83
CA ARG B 530 31.00 -33.55 -7.70
C ARG B 530 31.76 -34.73 -8.29
N ALA B 531 32.94 -34.43 -8.84
CA ALA B 531 33.72 -35.45 -9.54
C ALA B 531 34.49 -36.39 -8.62
N ASP B 532 34.81 -35.94 -7.40
CA ASP B 532 35.57 -36.75 -6.46
C ASP B 532 34.68 -37.50 -5.48
N HIS B 533 33.42 -37.74 -5.86
CA HIS B 533 32.46 -38.40 -4.97
C HIS B 533 32.97 -39.76 -4.50
N ALA B 534 33.60 -40.54 -5.38
CA ALA B 534 34.13 -41.84 -4.98
C ALA B 534 35.30 -41.68 -4.01
N HIS B 535 36.20 -40.74 -4.27
CA HIS B 535 37.28 -40.47 -3.34
C HIS B 535 36.74 -39.96 -2.00
N CYS B 536 35.77 -39.06 -2.05
CA CYS B 536 35.11 -38.58 -0.84
C CYS B 536 34.54 -39.72 0.00
N CYS B 537 33.81 -40.65 -0.62
CA CYS B 537 33.26 -41.78 0.12
C CYS B 537 34.35 -42.73 0.63
N VAL B 538 35.41 -42.95 -0.13
CA VAL B 538 36.48 -43.82 0.35
C VAL B 538 37.17 -43.20 1.57
N GLU B 539 37.46 -41.89 1.52
CA GLU B 539 38.09 -41.22 2.64
C GLU B 539 37.15 -41.16 3.85
N MET B 540 35.87 -40.89 3.63
CA MET B 540 34.88 -41.00 4.69
C MET B 540 34.90 -42.38 5.35
N GLY B 541 34.92 -43.45 4.55
CA GLY B 541 34.99 -44.79 5.13
C GLY B 541 36.26 -45.06 5.90
N MET B 542 37.37 -44.47 5.46
CA MET B 542 38.62 -44.62 6.22
C MET B 542 38.53 -43.89 7.55
N ASP B 543 38.09 -42.64 7.53
CA ASP B 543 37.99 -41.86 8.76
C ASP B 543 36.97 -42.47 9.71
N MET B 544 35.89 -43.07 9.18
CA MET B 544 34.94 -43.81 10.00
C MET B 544 35.58 -45.03 10.66
N ILE B 545 36.40 -45.78 9.93
CA ILE B 545 37.06 -46.94 10.53
C ILE B 545 38.07 -46.52 11.59
N GLU B 546 38.78 -45.41 11.35
CA GLU B 546 39.66 -44.86 12.38
C GLU B 546 38.89 -44.39 13.61
N ALA B 547 37.79 -43.66 13.40
CA ALA B 547 37.00 -43.18 14.52
C ALA B 547 36.42 -44.31 15.35
N ILE B 548 35.94 -45.39 14.70
CA ILE B 548 35.42 -46.50 15.48
C ILE B 548 36.54 -47.28 16.15
N SER B 549 37.73 -47.34 15.56
CA SER B 549 38.87 -47.93 16.27
C SER B 549 39.20 -47.14 17.53
N LEU B 550 39.18 -45.81 17.43
CA LEU B 550 39.39 -44.97 18.60
C LEU B 550 38.28 -45.15 19.64
N VAL B 551 37.03 -45.27 19.21
CA VAL B 551 35.94 -45.52 20.14
C VAL B 551 36.11 -46.89 20.83
N ARG B 552 36.55 -47.90 20.08
CA ARG B 552 36.87 -49.18 20.71
C ARG B 552 37.97 -49.04 21.75
N GLU B 553 39.02 -48.28 21.43
CA GLU B 553 40.12 -48.06 22.38
C GLU B 553 39.66 -47.31 23.63
N VAL B 554 38.78 -46.32 23.47
CA VAL B 554 38.34 -45.54 24.62
C VAL B 554 37.30 -46.27 25.46
N THR B 555 36.35 -46.96 24.82
CA THR B 555 35.28 -47.62 25.55
C THR B 555 35.64 -49.02 26.00
N GLY B 556 36.72 -49.60 25.48
CA GLY B 556 37.06 -50.98 25.76
C GLY B 556 36.16 -52.00 25.10
N VAL B 557 35.17 -51.56 24.32
CA VAL B 557 34.25 -52.45 23.63
C VAL B 557 34.84 -52.80 22.28
N ASN B 558 35.00 -54.09 22.01
CA ASN B 558 35.60 -54.52 20.75
C ASN B 558 34.62 -54.34 19.59
N VAL B 559 34.36 -53.09 19.22
CA VAL B 559 33.57 -52.76 18.05
C VAL B 559 34.48 -52.58 16.85
N ASN B 560 33.93 -52.86 15.67
CA ASN B 560 34.62 -52.64 14.41
C ASN B 560 33.59 -52.18 13.39
N MET B 561 34.05 -51.81 12.20
CA MET B 561 33.14 -51.28 11.18
C MET B 561 33.39 -51.94 9.84
N ARG B 562 32.30 -52.38 9.20
CA ARG B 562 32.30 -52.76 7.80
C ARG B 562 31.85 -51.56 6.97
N VAL B 563 32.55 -51.32 5.86
CA VAL B 563 32.23 -50.21 4.97
C VAL B 563 32.07 -50.75 3.55
N GLY B 564 30.90 -50.52 2.95
CA GLY B 564 30.63 -50.83 1.56
C GLY B 564 30.44 -49.54 0.77
N ILE B 565 31.13 -49.46 -0.37
CA ILE B 565 31.05 -48.29 -1.24
C ILE B 565 30.75 -48.72 -2.68
N HIS B 566 29.68 -48.17 -3.23
CA HIS B 566 29.30 -48.30 -4.63
C HIS B 566 29.22 -46.92 -5.27
N SER B 567 29.37 -46.87 -6.59
CA SER B 567 29.31 -45.61 -7.32
C SER B 567 28.42 -45.78 -8.54
N GLY B 568 27.46 -44.87 -8.70
CA GLY B 568 26.37 -45.06 -9.63
C GLY B 568 25.38 -43.91 -9.67
N ARG B 569 24.10 -44.22 -9.78
CA ARG B 569 23.03 -43.22 -9.84
C ARG B 569 22.04 -43.43 -8.70
N VAL B 570 21.31 -42.37 -8.36
CA VAL B 570 20.25 -42.42 -7.37
C VAL B 570 19.16 -41.43 -7.73
N HIS B 571 17.92 -41.78 -7.44
CA HIS B 571 16.86 -40.80 -7.25
C HIS B 571 16.82 -40.44 -5.76
N CYS B 572 16.88 -39.16 -5.44
CA CYS B 572 16.81 -38.71 -4.06
C CYS B 572 15.60 -37.80 -3.88
N GLY B 573 15.01 -37.84 -2.69
CA GLY B 573 13.75 -37.15 -2.51
C GLY B 573 13.06 -37.51 -1.21
N VAL B 574 11.77 -37.18 -1.16
CA VAL B 574 10.91 -37.47 -0.01
C VAL B 574 9.65 -38.16 -0.46
N LEU B 575 9.22 -39.16 0.31
CA LEU B 575 7.99 -39.90 0.08
C LEU B 575 7.12 -39.88 1.33
N GLY B 576 5.82 -40.14 1.17
CA GLY B 576 4.89 -40.14 2.27
C GLY B 576 4.36 -38.74 2.57
N LEU B 577 3.53 -38.67 3.61
CA LEU B 577 2.96 -37.40 4.05
C LEU B 577 3.51 -36.88 5.37
N ARG B 578 3.90 -37.77 6.29
CA ARG B 578 4.29 -37.37 7.64
C ARG B 578 5.67 -37.93 7.98
N LYS B 579 6.38 -37.20 8.84
CA LYS B 579 7.74 -37.54 9.25
C LYS B 579 8.65 -37.68 8.03
N TRP B 580 8.57 -36.68 7.16
CA TRP B 580 9.37 -36.63 5.95
C TRP B 580 10.86 -36.71 6.25
N GLN B 581 11.55 -37.58 5.52
CA GLN B 581 12.99 -37.71 5.59
C GLN B 581 13.56 -37.79 4.18
N PHE B 582 14.69 -37.13 3.98
CA PHE B 582 15.39 -37.19 2.70
C PHE B 582 16.03 -38.57 2.53
N ASP B 583 15.70 -39.24 1.42
CA ASP B 583 16.20 -40.59 1.19
C ASP B 583 16.65 -40.72 -0.26
N VAL B 584 17.26 -41.87 -0.55
CA VAL B 584 17.79 -42.20 -1.87
C VAL B 584 17.36 -43.59 -2.27
N TRP B 585 16.97 -43.76 -3.53
CA TRP B 585 16.52 -45.04 -4.08
C TRP B 585 17.26 -45.30 -5.38
N SER B 586 17.81 -46.51 -5.49
CA SER B 586 18.28 -47.04 -6.77
C SER B 586 18.78 -48.46 -6.55
N ASN B 587 18.87 -49.20 -7.65
CA ASN B 587 19.59 -50.47 -7.62
C ASN B 587 21.02 -50.29 -7.13
N ASP B 588 21.61 -49.13 -7.42
CA ASP B 588 22.96 -48.83 -6.96
C ASP B 588 23.02 -48.68 -5.44
N VAL B 589 21.94 -48.23 -4.81
CA VAL B 589 21.89 -48.21 -3.34
C VAL B 589 21.78 -49.61 -2.78
N THR B 590 20.95 -50.45 -3.38
CA THR B 590 20.86 -51.85 -2.96
C THR B 590 22.21 -52.55 -3.10
N LEU B 591 22.90 -52.34 -4.21
CA LEU B 591 24.23 -52.91 -4.38
C LEU B 591 25.22 -52.36 -3.35
N ALA B 592 25.16 -51.06 -3.06
CA ALA B 592 26.01 -50.49 -2.01
C ALA B 592 25.75 -51.15 -0.65
N ASN B 593 24.48 -51.40 -0.34
CA ASN B 593 24.14 -52.11 0.89
C ASN B 593 24.68 -53.53 0.92
N HIS B 594 24.49 -54.29 -0.18
CA HIS B 594 25.09 -55.62 -0.25
C HIS B 594 26.61 -55.57 -0.22
N MET B 595 27.21 -54.48 -0.68
CA MET B 595 28.66 -54.31 -0.58
C MET B 595 29.10 -54.08 0.85
N GLU B 596 28.32 -53.34 1.63
CA GLU B 596 28.58 -53.27 3.07
C GLU B 596 28.42 -54.64 3.70
N ALA B 597 27.28 -55.30 3.45
CA ALA B 597 27.02 -56.58 4.10
C ALA B 597 28.02 -57.63 3.67
N GLY B 598 28.57 -57.52 2.46
CA GLY B 598 29.64 -58.36 1.99
C GLY B 598 31.03 -57.84 2.28
N GLY B 599 31.14 -56.70 2.94
CA GLY B 599 32.43 -56.15 3.28
C GLY B 599 33.08 -56.90 4.43
N LYS B 600 34.33 -56.52 4.70
CA LYS B 600 35.09 -57.06 5.82
C LYS B 600 35.27 -55.95 6.86
N ALA B 601 35.12 -56.32 8.13
CA ALA B 601 35.21 -55.34 9.20
C ALA B 601 36.60 -54.73 9.24
N GLY B 602 36.66 -53.41 9.45
CA GLY B 602 37.91 -52.70 9.38
C GLY B 602 38.47 -52.54 7.98
N ARG B 603 37.69 -52.88 6.95
CA ARG B 603 38.13 -52.78 5.57
C ARG B 603 37.02 -52.15 4.73
N ILE B 604 37.44 -51.39 3.73
CA ILE B 604 36.50 -50.78 2.79
C ILE B 604 36.36 -51.67 1.57
N HIS B 605 35.12 -52.10 1.31
CA HIS B 605 34.76 -52.99 0.22
C HIS B 605 34.09 -52.12 -0.84
N ILE B 606 34.67 -52.07 -2.04
CA ILE B 606 34.24 -51.16 -3.08
C ILE B 606 33.89 -51.97 -4.32
N THR B 607 32.95 -51.43 -5.10
CA THR B 607 32.66 -52.03 -6.39
C THR B 607 33.67 -51.61 -7.46
N LYS B 608 33.67 -52.37 -8.56
CA LYS B 608 34.39 -51.95 -9.76
C LYS B 608 34.01 -50.55 -10.21
N ALA B 609 32.74 -50.19 -10.09
CA ALA B 609 32.33 -48.82 -10.43
C ALA B 609 33.07 -47.80 -9.61
N THR B 610 33.08 -47.96 -8.29
CA THR B 610 33.87 -47.07 -7.43
C THR B 610 35.34 -47.11 -7.81
N LEU B 611 35.92 -48.30 -8.01
CA LEU B 611 37.32 -48.37 -8.38
C LEU B 611 37.60 -47.58 -9.65
N ASN B 612 36.69 -47.65 -10.62
CA ASN B 612 36.83 -46.90 -11.86
C ASN B 612 36.79 -45.40 -11.59
N TYR B 613 35.93 -44.97 -10.67
CA TYR B 613 35.90 -43.55 -10.30
C TYR B 613 37.11 -43.12 -9.47
N LEU B 614 37.83 -44.07 -8.87
CA LEU B 614 39.01 -43.72 -8.08
C LEU B 614 40.26 -43.51 -8.93
N ASN B 615 40.18 -43.75 -10.24
CA ASN B 615 41.28 -43.48 -11.17
C ASN B 615 42.56 -44.20 -10.77
N GLY B 616 42.47 -45.26 -9.97
CA GLY B 616 43.63 -46.02 -9.56
C GLY B 616 44.45 -45.38 -8.46
N ASP B 617 43.93 -44.34 -7.80
CA ASP B 617 44.69 -43.65 -6.76
C ASP B 617 44.83 -44.49 -5.49
N TYR B 618 44.12 -45.61 -5.38
CA TYR B 618 44.15 -46.44 -4.19
C TYR B 618 44.54 -47.87 -4.56
N GLU B 619 45.38 -48.48 -3.74
CA GLU B 619 45.72 -49.88 -3.89
C GLU B 619 44.56 -50.75 -3.43
N VAL B 620 44.17 -51.69 -4.27
CA VAL B 620 43.04 -52.58 -4.00
C VAL B 620 43.45 -54.02 -4.25
N GLU B 621 42.91 -54.91 -3.45
CA GLU B 621 43.00 -56.35 -3.63
C GLU B 621 41.64 -56.91 -4.05
N PRO B 622 41.62 -58.08 -4.68
CA PRO B 622 40.33 -58.74 -4.93
C PRO B 622 39.55 -58.92 -3.64
N GLY B 623 38.32 -58.40 -3.62
CA GLY B 623 37.52 -58.46 -2.42
C GLY B 623 36.83 -59.80 -2.23
N CYS B 624 36.64 -60.55 -3.31
CA CYS B 624 35.91 -61.81 -3.26
C CYS B 624 34.55 -61.63 -2.60
N GLY B 625 33.88 -60.53 -2.93
CA GLY B 625 32.60 -60.23 -2.30
C GLY B 625 31.56 -61.30 -2.57
N GLY B 626 31.60 -61.92 -3.75
CA GLY B 626 30.67 -62.98 -4.05
C GLY B 626 30.85 -64.23 -3.22
N GLU B 627 31.98 -64.37 -2.53
CA GLU B 627 32.15 -65.44 -1.56
C GLU B 627 31.41 -65.16 -0.25
N ARG B 628 31.18 -63.88 0.07
CA ARG B 628 30.59 -63.49 1.34
C ARG B 628 29.16 -62.97 1.21
N ASN B 629 28.74 -62.56 0.01
CA ASN B 629 27.41 -62.01 -0.20
C ASN B 629 26.76 -62.71 -1.39
N ALA B 630 25.57 -63.26 -1.18
CA ALA B 630 24.87 -63.97 -2.24
C ALA B 630 24.50 -63.02 -3.39
N TYR B 631 24.07 -61.81 -3.06
CA TYR B 631 23.69 -60.85 -4.10
C TYR B 631 24.87 -60.50 -4.99
N LEU B 632 26.03 -60.24 -4.38
CA LEU B 632 27.24 -59.95 -5.15
C LEU B 632 27.67 -61.14 -6.00
N LYS B 633 27.40 -62.37 -5.54
CA LYS B 633 27.74 -63.55 -6.32
C LYS B 633 26.80 -63.72 -7.52
N GLU B 634 25.49 -63.65 -7.29
CA GLU B 634 24.53 -63.85 -8.37
C GLU B 634 24.71 -62.82 -9.48
N HIS B 635 24.89 -61.56 -9.13
CA HIS B 635 25.10 -60.51 -10.12
C HIS B 635 26.54 -60.43 -10.60
N SER B 636 27.41 -61.33 -10.15
CA SER B 636 28.80 -61.38 -10.61
C SER B 636 29.46 -60.00 -10.50
N ILE B 637 29.18 -59.30 -9.41
CA ILE B 637 29.72 -57.97 -9.21
C ILE B 637 31.20 -58.09 -8.87
N GLU B 638 32.05 -57.51 -9.72
CA GLU B 638 33.47 -57.47 -9.42
C GLU B 638 33.71 -56.53 -8.24
N THR B 639 34.41 -57.03 -7.23
CA THR B 639 34.50 -56.34 -5.95
C THR B 639 35.94 -56.33 -5.48
N PHE B 640 36.30 -55.26 -4.76
CA PHE B 640 37.67 -55.03 -4.34
C PHE B 640 37.66 -54.57 -2.88
N LEU B 641 38.75 -54.84 -2.18
CA LEU B 641 38.98 -54.29 -0.85
C LEU B 641 40.14 -53.31 -0.94
N ILE B 642 39.94 -52.11 -0.40
CA ILE B 642 41.01 -51.13 -0.35
C ILE B 642 42.04 -51.55 0.70
N LEU B 643 43.31 -51.50 0.33
CA LEU B 643 44.38 -51.78 1.27
C LEU B 643 44.89 -50.47 1.85
N ARG B 644 45.45 -49.62 1.01
CA ARG B 644 46.08 -48.38 1.43
C ARG B 644 46.00 -47.37 0.30
N CYS B 645 46.10 -46.10 0.65
CA CYS B 645 46.14 -45.03 -0.34
C CYS B 645 47.47 -45.05 -1.10
N ASN B 711 18.55 -12.85 25.65
CA ASN B 711 17.24 -12.87 26.26
C ASN B 711 16.15 -12.74 25.19
N PRO B 712 15.18 -13.65 25.17
CA PRO B 712 14.08 -13.50 24.20
C PRO B 712 13.30 -12.22 24.35
N GLU B 713 13.23 -11.64 25.55
CA GLU B 713 12.61 -10.33 25.69
C GLU B 713 13.43 -9.26 25.00
N ASP B 714 14.76 -9.39 24.98
CA ASP B 714 15.56 -8.38 24.30
C ASP B 714 15.36 -8.44 22.80
N GLU B 715 15.17 -9.65 22.26
CA GLU B 715 14.84 -9.79 20.85
C GLU B 715 13.46 -9.25 20.54
N VAL B 716 12.49 -9.47 21.43
CA VAL B 716 11.17 -8.86 21.28
C VAL B 716 11.28 -7.34 21.26
N ASP B 717 12.01 -6.78 22.22
CA ASP B 717 12.15 -5.33 22.33
C ASP B 717 12.89 -4.75 21.12
N GLU B 718 13.90 -5.46 20.61
CA GLU B 718 14.60 -5.00 19.42
C GLU B 718 13.71 -5.05 18.18
N PHE B 719 12.98 -6.15 17.97
CA PHE B 719 12.08 -6.20 16.83
C PHE B 719 11.00 -5.13 16.92
N LEU B 720 10.42 -4.94 18.11
CA LEU B 720 9.45 -3.86 18.31
C LEU B 720 10.05 -2.48 18.10
N GLY B 721 11.28 -2.25 18.58
CA GLY B 721 11.94 -0.99 18.29
C GLY B 721 12.12 -0.74 16.81
N ARG B 722 12.59 -1.76 16.08
CA ARG B 722 12.74 -1.64 14.64
C ARG B 722 11.40 -1.37 13.95
N ALA B 723 10.33 -2.00 14.44
CA ALA B 723 9.01 -1.75 13.86
C ALA B 723 8.50 -0.35 14.18
N ILE B 724 8.69 0.11 15.41
CA ILE B 724 8.37 1.49 15.77
C ILE B 724 9.13 2.46 14.87
N ASP B 725 10.40 2.16 14.57
CA ASP B 725 11.17 3.07 13.75
C ASP B 725 10.68 3.04 12.31
N ALA B 726 10.39 1.83 11.79
CA ALA B 726 10.00 1.69 10.40
C ALA B 726 8.55 2.07 10.22
N ARG B 727 7.74 1.86 11.25
CA ARG B 727 6.34 2.27 11.27
C ARG B 727 6.35 3.70 11.79
N SER B 728 6.76 4.64 10.91
CA SER B 728 6.81 6.04 11.28
C SER B 728 5.40 6.55 11.59
N ILE B 729 5.30 7.46 12.54
CA ILE B 729 4.00 7.75 13.12
C ILE B 729 3.23 8.78 12.32
N ASP B 730 3.88 9.86 11.88
CA ASP B 730 3.17 10.83 11.07
C ASP B 730 2.78 10.26 9.72
N ARG B 731 3.61 9.36 9.17
CA ARG B 731 3.29 8.73 7.90
C ARG B 731 2.13 7.75 8.04
N LEU B 732 2.20 6.83 9.00
CA LEU B 732 1.08 5.93 9.25
C LEU B 732 -0.21 6.67 9.51
N ARG B 733 -0.15 7.73 10.32
CA ARG B 733 -1.31 8.60 10.52
C ARG B 733 -1.85 9.13 9.20
N SER B 734 -0.98 9.67 8.36
CA SER B 734 -1.40 10.26 7.10
C SER B 734 -1.87 9.21 6.09
N GLU B 735 -1.39 7.98 6.21
CA GLU B 735 -1.75 6.92 5.27
C GLU B 735 -3.09 6.27 5.61
N HIS B 736 -3.31 5.92 6.88
CA HIS B 736 -4.46 5.09 7.20
C HIS B 736 -5.66 5.88 7.72
N VAL B 737 -5.62 7.21 7.66
CA VAL B 737 -6.74 8.05 8.05
C VAL B 737 -6.91 9.14 6.99
N ARG B 738 -8.15 9.49 6.68
CA ARG B 738 -8.41 10.55 5.73
C ARG B 738 -8.03 11.92 6.30
N LYS B 739 -7.61 12.83 5.42
CA LYS B 739 -7.05 14.10 5.87
C LYS B 739 -7.98 14.95 6.75
N PHE B 740 -9.22 15.18 6.30
CA PHE B 740 -10.15 16.05 7.02
C PHE B 740 -11.16 15.28 7.85
N LEU B 741 -11.81 14.27 7.26
CA LEU B 741 -12.86 13.55 7.96
C LEU B 741 -12.32 12.75 9.14
N LEU B 742 -11.04 12.40 9.12
CA LEU B 742 -10.39 11.59 10.16
C LEU B 742 -10.98 10.18 10.28
N THR B 743 -11.95 9.85 9.44
CA THR B 743 -12.40 8.47 9.36
C THR B 743 -11.34 7.64 8.64
N PHE B 744 -11.21 6.38 9.05
CA PHE B 744 -10.33 5.47 8.34
C PHE B 744 -10.79 5.37 6.89
N ARG B 745 -9.82 5.38 5.98
CA ARG B 745 -10.14 5.40 4.54
C ARG B 745 -10.90 4.16 4.11
N GLU B 746 -10.59 3.02 4.69
CA GLU B 746 -11.36 1.82 4.42
C GLU B 746 -12.58 1.77 5.34
N PRO B 747 -13.79 1.53 4.81
CA PRO B 747 -14.95 1.43 5.69
C PRO B 747 -14.79 0.31 6.73
N ASP B 748 -14.05 -0.76 6.41
CA ASP B 748 -13.89 -1.85 7.35
C ASP B 748 -13.00 -1.43 8.52
N LEU B 749 -11.99 -0.61 8.24
CA LEU B 749 -11.19 -0.02 9.32
C LEU B 749 -12.05 0.83 10.24
N GLU B 750 -12.93 1.64 9.65
CA GLU B 750 -13.84 2.46 10.46
C GLU B 750 -14.82 1.60 11.24
N LYS B 751 -15.25 0.47 10.68
CA LYS B 751 -16.13 -0.44 11.41
C LYS B 751 -15.42 -1.11 12.59
N LYS B 752 -14.15 -1.48 12.41
CA LYS B 752 -13.38 -2.00 13.54
C LYS B 752 -13.21 -0.93 14.61
N TYR B 753 -12.86 0.29 14.21
CA TYR B 753 -12.69 1.35 15.20
C TYR B 753 -14.01 1.66 15.90
N SER B 754 -15.13 1.63 15.15
CA SER B 754 -16.44 1.89 15.73
C SER B 754 -16.88 0.77 16.66
N LYS B 755 -16.28 -0.42 16.54
CA LYS B 755 -16.56 -1.50 17.48
C LYS B 755 -15.78 -1.37 18.78
N GLN B 756 -14.84 -0.42 18.88
CA GLN B 756 -14.13 -0.22 20.13
C GLN B 756 -15.06 0.44 21.13
N VAL B 757 -15.22 -0.18 22.29
CA VAL B 757 -16.23 0.21 23.27
C VAL B 757 -15.59 0.96 24.41
N ASP B 758 -16.35 1.88 25.00
CA ASP B 758 -15.93 2.56 26.20
C ASP B 758 -16.41 1.79 27.43
N ASP B 759 -15.61 1.85 28.48
CA ASP B 759 -15.90 1.15 29.73
C ASP B 759 -15.86 2.07 30.93
N ARG B 760 -15.15 3.19 30.85
CA ARG B 760 -15.10 4.19 31.90
C ARG B 760 -16.13 5.28 31.66
N PHE B 761 -17.01 5.09 30.67
CA PHE B 761 -18.04 6.09 30.40
C PHE B 761 -18.78 6.45 31.67
N GLY B 762 -19.15 5.44 32.47
CA GLY B 762 -19.87 5.72 33.70
C GLY B 762 -19.05 6.57 34.65
N ALA B 763 -17.72 6.42 34.62
CA ALA B 763 -16.86 7.26 35.46
C ALA B 763 -16.88 8.70 34.95
N TYR B 764 -16.96 8.88 33.64
CA TYR B 764 -17.06 10.22 33.08
C TYR B 764 -18.41 10.85 33.42
N VAL B 765 -19.49 10.06 33.36
CA VAL B 765 -20.80 10.55 33.78
C VAL B 765 -20.77 10.95 35.25
N ALA B 766 -20.13 10.14 36.10
CA ALA B 766 -19.99 10.50 37.51
C ALA B 766 -19.22 11.80 37.69
N CYS B 767 -18.14 11.97 36.93
CA CYS B 767 -17.38 13.22 36.99
C CYS B 767 -18.22 14.41 36.54
N ALA B 768 -18.98 14.24 35.45
CA ALA B 768 -19.86 15.31 34.99
C ALA B 768 -20.93 15.65 36.03
N SER B 769 -21.45 14.63 36.72
CA SER B 769 -22.41 14.88 37.79
C SER B 769 -21.77 15.61 38.97
N LEU B 770 -20.52 15.29 39.29
CA LEU B 770 -19.82 16.05 40.32
C LEU B 770 -19.58 17.50 39.89
N VAL B 771 -19.23 17.71 38.63
CA VAL B 771 -19.11 19.07 38.09
C VAL B 771 -20.44 19.80 38.18
N PHE B 772 -21.53 19.10 37.85
CA PHE B 772 -22.86 19.66 38.02
C PHE B 772 -23.13 20.08 39.46
N LEU B 773 -22.76 19.24 40.42
CA LEU B 773 -22.92 19.58 41.83
C LEU B 773 -22.12 20.82 42.20
N PHE B 774 -20.88 20.93 41.73
CA PHE B 774 -20.09 22.13 41.97
C PHE B 774 -20.73 23.38 41.35
N ILE B 775 -21.25 23.25 40.13
CA ILE B 775 -21.96 24.35 39.49
C ILE B 775 -23.16 24.77 40.32
N CYS B 776 -23.94 23.80 40.79
CA CYS B 776 -25.08 24.09 41.65
C CYS B 776 -24.66 24.83 42.91
N PHE B 777 -23.57 24.40 43.55
CA PHE B 777 -23.12 25.08 44.76
C PHE B 777 -22.68 26.51 44.46
N VAL B 778 -22.00 26.73 43.33
CA VAL B 778 -21.64 28.09 42.95
C VAL B 778 -22.89 28.94 42.74
N GLN B 779 -23.86 28.42 42.00
CA GLN B 779 -25.06 29.19 41.71
C GLN B 779 -25.86 29.49 42.97
N ILE B 780 -25.96 28.53 43.88
CA ILE B 780 -26.63 28.74 45.16
C ILE B 780 -25.87 29.71 46.05
N THR B 781 -24.55 29.82 45.86
CA THR B 781 -23.79 30.74 46.71
C THR B 781 -23.83 32.16 46.18
N ILE B 782 -23.79 32.34 44.87
CA ILE B 782 -23.75 33.67 44.28
C ILE B 782 -25.16 34.18 43.97
N VAL B 783 -26.04 33.32 43.47
CA VAL B 783 -27.35 33.72 43.00
C VAL B 783 -28.36 33.52 44.14
N PRO B 784 -29.19 34.51 44.46
CA PRO B 784 -30.14 34.35 45.56
C PRO B 784 -31.10 33.20 45.29
N HIS B 785 -31.55 32.57 46.38
CA HIS B 785 -32.38 31.38 46.29
C HIS B 785 -33.76 31.76 45.79
N SER B 786 -34.15 31.18 44.65
CA SER B 786 -35.48 31.38 44.06
C SER B 786 -36.17 30.03 43.95
N ILE B 787 -37.48 30.01 44.21
CA ILE B 787 -38.22 28.76 44.09
C ILE B 787 -38.15 28.24 42.65
N PHE B 788 -38.17 29.16 41.67
CA PHE B 788 -38.00 28.73 40.29
C PHE B 788 -36.62 28.14 40.07
N MET B 789 -35.58 28.83 40.56
CA MET B 789 -34.21 28.33 40.43
C MET B 789 -34.04 27.00 41.14
N LEU B 790 -34.48 26.92 42.39
CA LEU B 790 -34.31 25.69 43.16
C LEU B 790 -35.07 24.54 42.53
N SER B 791 -36.29 24.78 42.03
CA SER B 791 -37.05 23.73 41.36
C SER B 791 -36.38 23.28 40.06
N PHE B 792 -35.86 24.23 39.28
CA PHE B 792 -35.18 23.88 38.04
C PHE B 792 -33.91 23.07 38.31
N TYR B 793 -33.11 23.50 39.30
CA TYR B 793 -31.92 22.75 39.66
C TYR B 793 -32.26 21.37 40.21
N LEU B 794 -33.32 21.26 41.01
CA LEU B 794 -33.79 19.95 41.47
C LEU B 794 -34.17 19.04 40.32
N THR B 795 -34.88 19.57 39.32
CA THR B 795 -35.26 18.76 38.16
C THR B 795 -34.05 18.27 37.39
N CYS B 796 -33.10 19.17 37.14
CA CYS B 796 -31.87 18.76 36.46
C CYS B 796 -31.09 17.74 37.28
N SER B 797 -31.02 17.92 38.59
CA SER B 797 -30.35 16.96 39.46
C SER B 797 -30.99 15.58 39.40
N LEU B 798 -32.33 15.52 39.45
CA LEU B 798 -33.01 14.23 39.33
C LEU B 798 -32.76 13.56 37.99
N LEU B 799 -32.82 14.32 36.89
CA LEU B 799 -32.54 13.72 35.58
C LEU B 799 -31.11 13.21 35.51
N LEU B 800 -30.15 14.03 35.95
CA LEU B 800 -28.75 13.62 35.92
C LEU B 800 -28.51 12.41 36.80
N THR B 801 -29.11 12.37 38.00
CA THR B 801 -29.01 11.20 38.85
C THR B 801 -29.58 9.97 38.19
N LEU B 802 -30.70 10.11 37.46
CA LEU B 802 -31.24 8.97 36.72
C LEU B 802 -30.26 8.49 35.65
N VAL B 803 -29.63 9.42 34.94
CA VAL B 803 -28.65 9.04 33.92
C VAL B 803 -27.43 8.38 34.56
N VAL B 804 -26.96 8.91 35.69
CA VAL B 804 -25.87 8.29 36.43
C VAL B 804 -26.25 6.88 36.86
N PHE B 805 -27.45 6.73 37.41
CA PHE B 805 -27.92 5.41 37.83
C PHE B 805 -27.94 4.43 36.68
N VAL B 806 -28.52 4.84 35.54
CA VAL B 806 -28.55 3.99 34.36
C VAL B 806 -27.15 3.66 33.85
N SER B 807 -26.20 4.58 33.99
CA SER B 807 -24.84 4.29 33.53
C SER B 807 -24.10 3.37 34.51
N VAL B 808 -24.27 3.59 35.81
CA VAL B 808 -23.63 2.74 36.80
C VAL B 808 -24.22 1.34 36.76
N ILE B 809 -25.49 1.20 36.34
CA ILE B 809 -26.04 -0.14 36.19
C ILE B 809 -25.16 -0.93 35.24
N TYR B 810 -24.51 -0.25 34.30
CA TYR B 810 -23.55 -0.93 33.43
C TYR B 810 -22.35 -1.42 34.20
N SER B 811 -21.85 -0.61 35.14
CA SER B 811 -20.74 -1.04 35.98
C SER B 811 -21.20 -1.99 37.08
N CYS B 812 -22.44 -1.86 37.52
CA CYS B 812 -23.01 -2.64 38.62
C CYS B 812 -24.21 -3.45 38.15
N VAL B 813 -24.07 -4.12 37.01
CA VAL B 813 -25.20 -4.81 36.37
C VAL B 813 -25.85 -5.78 37.34
N LYS B 814 -25.05 -6.47 38.14
CA LYS B 814 -25.53 -7.54 39.00
C LYS B 814 -26.48 -7.06 40.11
N LEU B 815 -26.48 -5.78 40.45
CA LEU B 815 -27.28 -5.30 41.57
C LEU B 815 -28.67 -4.81 41.18
N PHE B 816 -29.02 -4.80 39.89
CA PHE B 816 -30.26 -4.15 39.47
C PHE B 816 -31.13 -5.07 38.64
N PRO B 817 -32.45 -4.82 38.59
CA PRO B 817 -33.35 -5.73 37.87
C PRO B 817 -33.10 -5.75 36.38
N SER B 818 -33.49 -6.86 35.77
CA SER B 818 -33.16 -7.16 34.37
C SER B 818 -33.52 -6.06 33.38
N PRO B 819 -34.73 -5.47 33.40
CA PRO B 819 -35.01 -4.41 32.42
C PRO B 819 -34.08 -3.22 32.52
N LEU B 820 -33.72 -2.80 33.73
CA LEU B 820 -32.77 -1.72 33.87
C LEU B 820 -31.36 -2.12 33.43
N GLN B 821 -30.96 -3.36 33.72
CA GLN B 821 -29.67 -3.83 33.20
C GLN B 821 -29.65 -3.81 31.68
N THR B 822 -30.77 -4.19 31.05
CA THR B 822 -30.82 -4.21 29.60
C THR B 822 -30.79 -2.81 29.02
N LEU B 823 -31.54 -1.88 29.62
CA LEU B 823 -31.48 -0.49 29.18
C LEU B 823 -30.07 0.07 29.31
N SER B 824 -29.45 -0.11 30.48
CA SER B 824 -28.11 0.40 30.71
C SER B 824 -27.09 -0.19 29.73
N ARG B 825 -27.11 -1.51 29.53
CA ARG B 825 -26.24 -2.12 28.54
C ARG B 825 -26.52 -1.60 27.13
N LYS B 826 -27.79 -1.43 26.77
CA LYS B 826 -28.12 -0.93 25.44
C LYS B 826 -27.66 0.51 25.25
N ILE B 827 -27.60 1.28 26.33
CA ILE B 827 -27.08 2.63 26.24
C ILE B 827 -25.56 2.62 26.12
N VAL B 828 -24.88 1.94 27.05
CA VAL B 828 -23.42 2.00 27.10
C VAL B 828 -22.83 1.20 25.95
N ARG B 829 -23.42 0.05 25.61
CA ARG B 829 -22.95 -0.72 24.47
C ARG B 829 -23.18 -0.01 23.15
N SER B 830 -24.08 0.97 23.12
CA SER B 830 -24.41 1.71 21.91
C SER B 830 -23.69 3.04 21.99
N LYS B 831 -22.59 3.18 21.25
CA LYS B 831 -21.91 4.46 21.20
C LYS B 831 -22.87 5.57 20.78
N MET B 832 -23.87 5.25 19.97
CA MET B 832 -24.86 6.26 19.64
C MET B 832 -25.67 6.66 20.86
N ASN B 833 -26.09 5.68 21.66
CA ASN B 833 -26.91 5.99 22.83
C ASN B 833 -26.09 6.72 23.91
N SER B 834 -24.87 6.25 24.16
CA SER B 834 -23.99 6.93 25.12
C SER B 834 -23.61 8.32 24.65
N THR B 835 -23.37 8.49 23.35
CA THR B 835 -23.13 9.82 22.79
C THR B 835 -24.34 10.72 22.98
N LEU B 836 -25.54 10.20 22.68
CA LEU B 836 -26.75 10.97 22.88
C LEU B 836 -26.93 11.37 24.33
N VAL B 837 -26.65 10.46 25.25
CA VAL B 837 -26.74 10.78 26.68
C VAL B 837 -25.72 11.84 27.08
N GLY B 838 -24.50 11.75 26.55
CA GLY B 838 -23.52 12.80 26.81
C GLY B 838 -23.94 14.16 26.30
N VAL B 839 -24.40 14.22 25.06
CA VAL B 839 -24.90 15.46 24.48
C VAL B 839 -26.06 16.01 25.31
N PHE B 840 -27.02 15.16 25.63
CA PHE B 840 -28.15 15.56 26.47
C PHE B 840 -27.69 16.09 27.81
N THR B 841 -26.73 15.42 28.46
CA THR B 841 -26.19 15.88 29.73
C THR B 841 -25.57 17.27 29.60
N ILE B 842 -24.74 17.47 28.58
CA ILE B 842 -24.09 18.77 28.39
C ILE B 842 -25.13 19.86 28.13
N THR B 843 -26.14 19.56 27.31
CA THR B 843 -27.19 20.53 27.04
C THR B 843 -27.96 20.89 28.31
N LEU B 844 -28.22 19.89 29.15
CA LEU B 844 -28.84 20.15 30.44
C LEU B 844 -27.96 21.03 31.33
N VAL B 845 -26.65 20.77 31.36
CA VAL B 845 -25.76 21.60 32.17
C VAL B 845 -25.76 23.04 31.68
N PHE B 846 -25.73 23.26 30.37
CA PHE B 846 -25.78 24.63 29.85
C PHE B 846 -27.10 25.32 30.21
N LEU B 847 -28.21 24.60 30.03
CA LEU B 847 -29.49 25.17 30.41
C LEU B 847 -29.49 25.52 31.90
N ALA B 848 -28.96 24.65 32.75
CA ALA B 848 -28.86 25.00 34.16
C ALA B 848 -27.97 26.21 34.36
N ALA B 849 -27.02 26.42 33.45
CA ALA B 849 -26.09 27.53 33.58
C ALA B 849 -26.72 28.88 33.27
N PHE B 850 -27.80 28.93 32.48
CA PHE B 850 -28.37 30.25 32.14
C PHE B 850 -29.88 30.40 32.33
N VAL B 851 -30.65 29.32 32.44
CA VAL B 851 -32.08 29.51 32.59
C VAL B 851 -32.31 30.35 33.83
N ASN B 852 -31.49 30.16 34.86
CA ASN B 852 -31.59 31.00 36.04
C ASN B 852 -31.12 32.41 35.75
N MET B 853 -30.27 32.58 34.73
CA MET B 853 -29.84 33.92 34.37
C MET B 853 -31.02 34.71 33.84
N PHE B 854 -32.03 33.99 33.33
CA PHE B 854 -33.25 34.67 32.89
C PHE B 854 -34.08 35.21 34.05
N THR B 855 -33.71 34.89 35.30
CA THR B 855 -34.36 35.46 36.48
C THR B 855 -33.58 36.62 37.06
N CYS B 856 -32.55 37.11 36.35
CA CYS B 856 -31.85 38.31 36.76
C CYS B 856 -32.60 39.55 36.28
N ASN B 857 -32.33 40.68 36.92
CA ASN B 857 -33.02 41.91 36.58
C ASN B 857 -32.73 42.31 35.14
N SER B 858 -33.68 43.04 34.55
CA SER B 858 -33.55 43.46 33.15
C SER B 858 -33.92 44.92 32.94
N ARG B 859 -34.34 45.64 33.97
CA ARG B 859 -34.55 47.07 33.84
C ARG B 859 -33.21 47.79 33.74
N ASP B 860 -33.17 48.85 32.95
CA ASP B 860 -31.91 49.55 32.66
C ASP B 860 -31.60 50.53 33.78
N LEU B 861 -30.48 50.29 34.48
CA LEU B 861 -29.99 51.19 35.51
C LEU B 861 -29.33 52.45 34.94
N LEU B 862 -28.76 52.36 33.74
CA LEU B 862 -27.99 53.49 33.22
C LEU B 862 -28.89 54.64 32.77
N GLY B 863 -29.99 54.33 32.09
CA GLY B 863 -31.01 55.34 31.84
C GLY B 863 -31.64 55.86 33.12
N CYS B 864 -31.66 55.03 34.16
CA CYS B 864 -32.20 55.46 35.45
C CYS B 864 -31.29 56.48 36.12
N LEU B 865 -29.98 56.23 36.14
CA LEU B 865 -29.04 57.25 36.62
C LEU B 865 -29.05 58.50 35.74
N ALA B 866 -29.22 58.33 34.43
CA ALA B 866 -29.39 59.47 33.53
C ALA B 866 -30.58 60.32 33.93
N GLN B 867 -31.66 59.68 34.36
CA GLN B 867 -32.85 60.39 34.81
C GLN B 867 -32.65 61.03 36.18
N GLU B 868 -31.92 60.38 37.06
CA GLU B 868 -31.67 60.94 38.40
C GLU B 868 -30.74 62.15 38.35
N HIS B 869 -29.62 62.07 37.65
CA HIS B 869 -28.71 63.20 37.62
C HIS B 869 -29.09 64.30 36.64
N ASN B 870 -30.01 64.04 35.73
CA ASN B 870 -30.37 65.03 34.71
C ASN B 870 -29.13 65.48 33.94
N ILE B 871 -28.26 64.52 33.66
CA ILE B 871 -27.08 64.76 32.83
C ILE B 871 -27.18 63.80 31.65
N SER B 872 -26.48 64.14 30.58
CA SER B 872 -26.52 63.29 29.40
C SER B 872 -25.74 62.02 29.67
N ALA B 873 -26.19 60.92 29.06
CA ALA B 873 -25.51 59.65 29.26
C ALA B 873 -24.02 59.79 28.94
N SER B 874 -23.69 60.53 27.89
CA SER B 874 -22.29 60.75 27.55
C SER B 874 -21.55 61.57 28.59
N GLN B 875 -22.26 62.18 29.53
CA GLN B 875 -21.64 62.89 30.65
C GLN B 875 -21.64 62.07 31.92
N VAL B 876 -22.34 60.94 31.96
CA VAL B 876 -22.33 60.12 33.15
C VAL B 876 -20.95 59.49 33.28
N ASN B 877 -20.23 59.91 34.31
CA ASN B 877 -18.95 59.32 34.67
C ASN B 877 -19.08 58.74 36.07
N ALA B 878 -18.07 57.96 36.47
CA ALA B 878 -18.15 57.34 37.77
C ALA B 878 -18.20 58.38 38.88
N CYS B 879 -17.80 59.62 38.59
CA CYS B 879 -17.94 60.67 39.60
C CYS B 879 -19.40 61.10 39.72
N HIS B 880 -20.09 61.25 38.58
CA HIS B 880 -21.53 61.55 38.60
C HIS B 880 -22.32 60.42 39.22
N VAL B 881 -21.86 59.18 39.05
CA VAL B 881 -22.46 58.04 39.73
C VAL B 881 -22.21 58.16 41.22
N ALA B 882 -21.00 58.54 41.62
CA ALA B 882 -20.68 58.63 43.03
C ALA B 882 -21.44 59.78 43.68
N GLU B 883 -21.80 60.79 42.91
CA GLU B 883 -22.70 61.82 43.40
C GLU B 883 -24.08 61.23 43.71
N SER B 884 -24.57 60.32 42.86
CA SER B 884 -25.81 59.60 43.10
C SER B 884 -25.60 58.14 43.48
N ALA B 885 -24.41 57.78 43.97
CA ALA B 885 -24.17 56.39 44.35
C ALA B 885 -25.04 55.96 45.53
N VAL B 886 -25.64 56.91 46.24
CA VAL B 886 -26.41 56.56 47.43
C VAL B 886 -27.57 55.64 47.07
N ASN B 887 -28.12 55.77 45.87
CA ASN B 887 -29.32 55.03 45.49
C ASN B 887 -29.03 53.69 44.84
N TYR B 888 -27.85 53.51 44.24
CA TYR B 888 -27.55 52.29 43.48
C TYR B 888 -26.16 51.80 43.85
N SER B 889 -26.10 50.59 44.42
CA SER B 889 -24.84 49.96 44.80
C SER B 889 -24.90 48.48 44.47
N LEU B 890 -23.71 47.86 44.37
CA LEU B 890 -23.64 46.43 44.11
C LEU B 890 -24.22 45.62 45.27
N GLY B 891 -24.38 46.22 46.45
CA GLY B 891 -24.91 45.49 47.58
C GLY B 891 -26.40 45.25 47.51
N ASP B 892 -27.10 45.88 46.57
CA ASP B 892 -28.54 45.78 46.46
C ASP B 892 -28.91 44.54 45.67
N GLU B 893 -29.52 43.56 46.34
CA GLU B 893 -30.11 42.42 45.67
C GLU B 893 -31.55 42.65 45.25
N GLN B 894 -32.17 43.73 45.75
CA GLN B 894 -33.51 44.09 45.31
C GLN B 894 -33.43 44.89 44.00
N GLY B 895 -34.33 44.57 43.07
CA GLY B 895 -34.31 45.19 41.76
C GLY B 895 -34.27 46.70 41.78
N PHE B 896 -33.16 47.27 41.31
CA PHE B 896 -33.00 48.71 41.26
C PHE B 896 -34.04 49.36 40.35
N CYS B 897 -34.34 50.62 40.62
CA CYS B 897 -35.21 51.43 39.76
C CYS B 897 -36.59 50.79 39.60
N GLY B 898 -37.09 50.21 40.70
CA GLY B 898 -38.40 49.59 40.72
C GLY B 898 -38.57 48.33 39.90
N SER B 899 -37.49 47.59 39.64
CA SER B 899 -37.67 46.27 39.08
C SER B 899 -38.03 45.28 40.19
N PRO B 900 -38.95 44.35 39.95
CA PRO B 900 -39.25 43.33 40.96
C PRO B 900 -38.22 42.21 41.00
N TRP B 901 -37.27 42.22 40.09
CA TRP B 901 -36.29 41.15 39.90
C TRP B 901 -34.98 41.52 40.58
N PRO B 902 -34.25 40.55 41.13
CA PRO B 902 -33.02 40.88 41.86
C PRO B 902 -31.84 41.16 40.93
N ASN B 903 -30.85 41.85 41.50
CA ASN B 903 -29.63 42.18 40.76
C ASN B 903 -28.65 41.00 40.78
N CYS B 904 -27.98 40.79 39.66
CA CYS B 904 -26.96 39.75 39.51
C CYS B 904 -25.63 40.44 39.22
N ASN B 905 -24.91 40.79 40.28
CA ASN B 905 -23.74 41.65 40.15
C ASN B 905 -22.54 40.97 39.53
N PHE B 906 -22.53 39.63 39.44
CA PHE B 906 -21.36 38.88 38.99
C PHE B 906 -21.79 37.90 37.90
N PRO B 907 -22.21 38.41 36.74
CA PRO B 907 -22.60 37.52 35.65
C PRO B 907 -21.43 36.83 34.96
N GLU B 908 -20.20 37.33 35.15
CA GLU B 908 -19.04 36.67 34.57
C GLU B 908 -18.89 35.24 35.07
N TYR B 909 -19.39 34.93 36.27
CA TYR B 909 -19.32 33.55 36.73
C TYR B 909 -20.24 32.63 35.95
N PHE B 910 -21.28 33.16 35.32
CA PHE B 910 -21.99 32.37 34.32
C PHE B 910 -21.08 32.05 33.16
N THR B 911 -20.31 33.05 32.70
CA THR B 911 -19.35 32.77 31.66
C THR B 911 -18.37 31.71 32.15
N TYR B 912 -17.88 31.88 33.38
CA TYR B 912 -16.99 30.88 33.95
C TYR B 912 -17.69 29.54 34.11
N SER B 913 -18.98 29.57 34.48
CA SER B 913 -19.75 28.34 34.54
C SER B 913 -19.85 27.71 33.16
N VAL B 914 -20.02 28.53 32.12
CA VAL B 914 -20.02 28.01 30.78
C VAL B 914 -18.65 27.45 30.42
N LEU B 915 -17.58 28.11 30.88
CA LEU B 915 -16.26 27.54 30.72
C LEU B 915 -16.18 26.17 31.37
N LEU B 916 -16.75 26.02 32.58
CA LEU B 916 -16.79 24.72 33.21
C LEU B 916 -17.57 23.72 32.37
N SER B 917 -18.66 24.15 31.75
CA SER B 917 -19.39 23.25 30.86
C SER B 917 -18.54 22.87 29.65
N LEU B 918 -17.74 23.80 29.14
CA LEU B 918 -16.81 23.43 28.08
C LEU B 918 -15.76 22.46 28.60
N LEU B 919 -15.30 22.66 29.84
CA LEU B 919 -14.43 21.67 30.44
C LEU B 919 -15.14 20.34 30.59
N ALA B 920 -16.45 20.38 30.88
CA ALA B 920 -17.22 19.14 30.92
C ALA B 920 -17.24 18.45 29.56
N CYS B 921 -17.20 19.22 28.47
CA CYS B 921 -17.11 18.61 27.16
C CYS B 921 -15.81 17.83 27.02
N SER B 922 -14.75 18.27 27.70
CA SER B 922 -13.50 17.54 27.63
C SER B 922 -13.67 16.15 28.24
N VAL B 923 -14.49 16.04 29.29
CA VAL B 923 -14.55 14.79 30.03
C VAL B 923 -15.13 13.68 29.15
N PHE B 924 -16.10 14.00 28.30
CA PHE B 924 -16.64 13.02 27.36
C PHE B 924 -15.66 12.85 26.21
N LEU B 925 -14.52 12.22 26.50
CA LEU B 925 -13.43 12.14 25.54
C LEU B 925 -13.87 11.53 24.22
N GLN B 926 -14.85 10.64 24.24
CA GLN B 926 -15.19 9.83 23.07
C GLN B 926 -16.25 10.48 22.18
N ILE B 927 -16.74 11.67 22.52
CA ILE B 927 -17.59 12.41 21.58
C ILE B 927 -16.73 12.82 20.39
N SER B 928 -17.27 12.61 19.19
CA SER B 928 -16.50 12.87 17.97
C SER B 928 -16.00 14.30 17.97
N CYS B 929 -14.77 14.49 17.48
CA CYS B 929 -14.18 15.83 17.47
C CYS B 929 -15.06 16.80 16.68
N ILE B 930 -15.71 16.32 15.63
CA ILE B 930 -16.68 17.15 14.93
C ILE B 930 -17.93 17.31 15.79
N GLY B 931 -18.39 16.22 16.41
CA GLY B 931 -19.51 16.32 17.32
C GLY B 931 -19.24 17.25 18.50
N LYS B 932 -18.04 17.14 19.08
CA LYS B 932 -17.64 18.09 20.12
C LYS B 932 -17.60 19.50 19.58
N LEU B 933 -17.02 19.69 18.40
CA LEU B 933 -16.93 21.03 17.82
C LEU B 933 -18.33 21.63 17.64
N VAL B 934 -19.26 20.86 17.08
CA VAL B 934 -20.63 21.35 16.89
C VAL B 934 -21.32 21.66 18.22
N LEU B 935 -21.16 20.79 19.21
CA LEU B 935 -21.78 21.06 20.52
C LEU B 935 -21.19 22.29 21.18
N MET B 936 -19.87 22.42 21.14
CA MET B 936 -19.20 23.56 21.77
C MET B 936 -19.51 24.86 21.06
N LEU B 937 -19.55 24.84 19.72
CA LEU B 937 -19.95 26.02 18.96
C LEU B 937 -21.41 26.41 19.22
N ALA B 938 -22.30 25.43 19.41
CA ALA B 938 -23.68 25.76 19.78
C ALA B 938 -23.76 26.39 21.16
N ILE B 939 -23.02 25.85 22.12
CA ILE B 939 -22.95 26.46 23.46
C ILE B 939 -22.42 27.88 23.37
N GLU B 940 -21.32 28.07 22.63
CA GLU B 940 -20.74 29.39 22.44
C GLU B 940 -21.74 30.36 21.83
N LEU B 941 -22.34 30.00 20.70
CA LEU B 941 -23.26 30.90 20.03
C LEU B 941 -24.44 31.28 20.91
N ILE B 942 -25.06 30.29 21.58
CA ILE B 942 -26.21 30.60 22.43
C ILE B 942 -25.81 31.51 23.58
N TYR B 943 -24.72 31.19 24.26
CA TYR B 943 -24.35 32.01 25.42
C TYR B 943 -23.89 33.40 25.01
N VAL B 944 -23.10 33.52 23.96
CA VAL B 944 -22.69 34.84 23.47
C VAL B 944 -23.90 35.67 23.04
N LEU B 945 -24.85 35.05 22.34
CA LEU B 945 -26.08 35.76 21.98
C LEU B 945 -26.86 36.21 23.20
N ILE B 946 -26.83 35.43 24.27
CA ILE B 946 -27.56 35.82 25.49
C ILE B 946 -26.80 36.91 26.24
N VAL B 947 -25.47 36.89 26.21
CA VAL B 947 -24.69 37.94 26.83
C VAL B 947 -24.83 39.25 26.07
N GLU B 948 -24.76 39.21 24.74
CA GLU B 948 -24.79 40.42 23.93
C GLU B 948 -26.19 41.00 23.82
N VAL B 949 -27.15 40.21 23.32
CA VAL B 949 -28.44 40.77 22.91
C VAL B 949 -29.30 41.17 24.11
N PRO B 950 -29.76 40.24 24.97
CA PRO B 950 -30.67 40.65 26.05
C PRO B 950 -29.96 41.25 27.26
N GLY B 951 -28.73 40.82 27.51
CA GLY B 951 -28.02 41.21 28.72
C GLY B 951 -27.31 42.53 28.66
N VAL B 952 -27.34 43.22 27.51
CA VAL B 952 -26.44 44.35 27.31
C VAL B 952 -26.69 45.42 28.37
N THR B 953 -27.96 45.68 28.70
CA THR B 953 -28.23 46.65 29.75
C THR B 953 -27.71 46.17 31.09
N LEU B 954 -27.84 44.88 31.37
CA LEU B 954 -27.33 44.33 32.62
C LEU B 954 -25.81 44.43 32.69
N PHE B 955 -25.14 44.18 31.57
CA PHE B 955 -23.68 44.27 31.54
C PHE B 955 -23.19 45.71 31.66
N ASP B 956 -23.83 46.64 30.96
CA ASP B 956 -23.44 48.05 31.08
C ASP B 956 -23.68 48.55 32.51
N ASN B 957 -24.81 48.15 33.11
CA ASN B 957 -25.10 48.51 34.49
C ASN B 957 -24.06 47.93 35.44
N ALA B 958 -23.66 46.68 35.21
CA ALA B 958 -22.69 46.03 36.07
C ALA B 958 -21.30 46.64 35.89
N ASP B 959 -20.90 46.92 34.66
CA ASP B 959 -19.62 47.59 34.42
C ASP B 959 -19.58 48.96 35.09
N LEU B 960 -20.67 49.72 35.04
CA LEU B 960 -20.68 51.01 35.71
C LEU B 960 -20.57 50.86 37.23
N LEU B 961 -21.39 49.99 37.82
CA LEU B 961 -21.33 49.79 39.26
C LEU B 961 -19.98 49.25 39.71
N VAL B 962 -19.45 48.26 39.00
CA VAL B 962 -18.14 47.70 39.32
C VAL B 962 -17.05 48.74 39.17
N THR B 963 -17.16 49.62 38.16
CA THR B 963 -16.18 50.68 38.02
C THR B 963 -16.22 51.62 39.22
N ALA B 964 -17.43 51.92 39.71
CA ALA B 964 -17.51 52.78 40.89
C ALA B 964 -16.93 52.07 42.12
N ASN B 965 -17.25 50.78 42.29
CA ASN B 965 -16.74 50.04 43.43
C ASN B 965 -15.23 49.83 43.38
N ALA B 966 -14.66 49.73 42.17
CA ALA B 966 -13.22 49.59 42.05
C ALA B 966 -12.50 50.81 42.55
N ILE B 967 -13.06 52.00 42.31
CA ILE B 967 -12.54 53.20 42.92
C ILE B 967 -12.63 53.02 44.43
N ASP B 968 -11.49 53.09 45.11
CA ASP B 968 -11.50 53.01 46.55
C ASP B 968 -12.07 54.30 47.09
N PHE B 969 -13.39 54.49 46.94
CA PHE B 969 -14.02 55.77 47.22
C PHE B 969 -13.57 56.36 48.55
N PHE B 970 -12.95 57.52 48.47
CA PHE B 970 -12.45 58.24 49.63
C PHE B 970 -12.76 59.72 49.37
N ASN B 971 -12.07 60.62 50.07
CA ASN B 971 -12.43 62.03 50.02
C ASN B 971 -12.14 62.64 48.64
N ASN B 972 -12.99 62.32 47.66
CA ASN B 972 -12.87 62.84 46.31
C ASN B 972 -13.54 64.23 46.26
N GLY B 973 -12.80 65.22 46.76
CA GLY B 973 -13.32 66.58 46.84
C GLY B 973 -13.77 67.15 45.52
N THR B 974 -13.26 66.62 44.42
CA THR B 974 -13.60 67.09 43.08
C THR B 974 -14.04 65.89 42.24
N SER B 975 -14.90 66.16 41.26
CA SER B 975 -15.39 65.12 40.36
C SER B 975 -14.33 64.78 39.32
N GLN B 976 -13.15 64.40 39.82
CA GLN B 976 -12.02 63.97 39.00
C GLN B 976 -11.70 62.54 39.40
N CYS B 977 -12.43 61.61 38.81
CA CYS B 977 -12.24 60.19 39.06
C CYS B 977 -10.97 59.70 38.36
N PRO B 978 -10.50 58.50 38.69
CA PRO B 978 -9.37 57.95 37.93
C PRO B 978 -9.66 57.79 36.45
N GLU B 979 -10.94 57.72 36.08
CA GLU B 979 -11.35 57.71 34.68
C GLU B 979 -10.76 56.53 33.93
N HIS B 980 -10.97 56.47 32.62
CA HIS B 980 -10.55 55.35 31.81
C HIS B 980 -11.20 54.07 32.31
N ALA B 981 -11.88 53.34 31.43
CA ALA B 981 -12.48 52.08 31.84
C ALA B 981 -11.45 51.20 32.53
N THR B 982 -10.23 51.17 32.01
CA THR B 982 -9.13 50.40 32.59
C THR B 982 -9.32 48.91 32.33
N LYS B 983 -10.47 48.54 31.77
CA LYS B 983 -10.80 47.15 31.46
C LYS B 983 -11.49 47.09 30.11
N VAL B 984 -11.25 45.99 29.39
CA VAL B 984 -11.96 45.75 28.14
C VAL B 984 -13.38 45.33 28.46
N ALA B 985 -14.34 45.89 27.73
CA ALA B 985 -15.76 45.60 27.97
C ALA B 985 -15.98 44.10 28.00
N LEU B 986 -16.55 43.61 29.12
CA LEU B 986 -16.69 42.18 29.31
C LEU B 986 -17.53 41.53 28.22
N LYS B 987 -18.52 42.24 27.69
CA LYS B 987 -19.27 41.71 26.57
C LYS B 987 -18.39 41.41 25.37
N VAL B 988 -17.35 42.20 25.14
CA VAL B 988 -16.42 41.90 24.05
C VAL B 988 -15.40 40.84 24.44
N VAL B 989 -14.98 40.80 25.72
CA VAL B 989 -13.96 39.85 26.14
C VAL B 989 -14.53 38.43 26.16
N THR B 990 -15.77 38.27 26.61
CA THR B 990 -16.34 36.93 26.76
C THR B 990 -16.35 36.16 25.44
N PRO B 991 -16.86 36.71 24.33
CA PRO B 991 -16.78 35.97 23.06
C PRO B 991 -15.37 35.55 22.70
N ILE B 992 -14.39 36.45 22.83
CA ILE B 992 -13.02 36.12 22.44
C ILE B 992 -12.48 34.98 23.31
N ILE B 993 -12.72 35.05 24.62
CA ILE B 993 -12.31 33.97 25.51
C ILE B 993 -12.95 32.65 25.11
N ILE B 994 -14.25 32.68 24.82
CA ILE B 994 -14.96 31.45 24.48
C ILE B 994 -14.42 30.86 23.18
N SER B 995 -14.26 31.69 22.15
CA SER B 995 -13.71 31.22 20.89
C SER B 995 -12.31 30.63 21.07
N VAL B 996 -11.48 31.24 21.92
CA VAL B 996 -10.15 30.70 22.18
C VAL B 996 -10.26 29.34 22.87
N PHE B 997 -11.17 29.20 23.82
CA PHE B 997 -11.37 27.91 24.47
C PHE B 997 -11.87 26.86 23.48
N VAL B 998 -12.83 27.21 22.63
CA VAL B 998 -13.32 26.26 21.63
C VAL B 998 -12.20 25.83 20.69
N LEU B 999 -11.34 26.76 20.25
CA LEU B 999 -10.20 26.39 19.44
C LEU B 999 -9.28 25.42 20.17
N ALA B 1000 -8.92 25.74 21.41
CA ALA B 1000 -8.01 24.86 22.15
C ALA B 1000 -8.63 23.49 22.40
N LEU B 1001 -9.92 23.45 22.69
CA LEU B 1001 -10.61 22.17 22.90
C LEU B 1001 -10.70 21.38 21.60
N TYR B 1002 -10.90 22.05 20.47
CA TYR B 1002 -10.86 21.37 19.18
C TYR B 1002 -9.48 20.77 18.92
N LEU B 1003 -8.42 21.53 19.17
CA LEU B 1003 -7.06 21.02 18.97
C LEU B 1003 -6.75 19.87 19.92
N HIS B 1004 -7.17 19.96 21.18
CA HIS B 1004 -7.04 18.84 22.10
C HIS B 1004 -7.80 17.61 21.63
N ALA B 1005 -9.06 17.77 21.23
CA ALA B 1005 -9.83 16.65 20.72
C ALA B 1005 -9.17 16.04 19.50
N GLN B 1006 -8.59 16.88 18.63
CA GLN B 1006 -7.89 16.38 17.46
C GLN B 1006 -6.67 15.56 17.84
N GLN B 1007 -5.88 16.03 18.80
CA GLN B 1007 -4.72 15.27 19.25
C GLN B 1007 -5.13 13.96 19.92
N VAL B 1008 -6.17 14.01 20.75
CA VAL B 1008 -6.66 12.80 21.43
C VAL B 1008 -7.11 11.77 20.40
N GLU B 1009 -7.96 12.20 19.45
CA GLU B 1009 -8.47 11.27 18.45
C GLU B 1009 -7.35 10.72 17.58
N SER B 1010 -6.39 11.57 17.18
CA SER B 1010 -5.27 11.07 16.39
C SER B 1010 -4.42 10.06 17.18
N THR B 1011 -4.31 10.26 18.50
CA THR B 1011 -3.53 9.34 19.31
C THR B 1011 -4.25 8.01 19.44
N ALA B 1012 -5.51 8.05 19.83
CA ALA B 1012 -6.28 6.81 19.97
C ALA B 1012 -6.34 6.06 18.65
N ARG B 1013 -6.47 6.78 17.53
CA ARG B 1013 -6.49 6.12 16.23
C ARG B 1013 -5.12 5.54 15.85
N LEU B 1014 -4.03 6.19 16.22
CA LEU B 1014 -2.73 5.59 15.91
C LEU B 1014 -2.46 4.36 16.77
N ASP B 1015 -2.77 4.44 18.07
CA ASP B 1015 -2.62 3.27 18.92
C ASP B 1015 -3.48 2.12 18.40
N PHE B 1016 -4.72 2.42 17.99
CA PHE B 1016 -5.57 1.43 17.37
C PHE B 1016 -4.95 0.86 16.10
N LEU B 1017 -4.40 1.73 15.25
CA LEU B 1017 -3.82 1.28 14.01
C LEU B 1017 -2.63 0.35 14.23
N TRP B 1018 -1.75 0.68 15.18
CA TRP B 1018 -0.66 -0.24 15.48
C TRP B 1018 -1.17 -1.53 16.10
N LYS B 1019 -2.17 -1.45 16.98
CA LYS B 1019 -2.75 -2.67 17.53
C LYS B 1019 -3.33 -3.55 16.43
N LEU B 1020 -3.90 -2.91 15.40
CA LEU B 1020 -4.44 -3.66 14.28
C LEU B 1020 -3.35 -4.31 13.44
N GLN B 1021 -2.32 -3.55 13.08
CA GLN B 1021 -1.22 -4.16 12.34
C GLN B 1021 -0.58 -5.31 13.12
N ALA B 1022 -0.36 -5.11 14.42
CA ALA B 1022 0.12 -6.20 15.27
C ALA B 1022 -0.79 -7.42 15.25
N THR B 1023 -2.10 -7.20 15.31
CA THR B 1023 -3.03 -8.33 15.29
C THR B 1023 -3.08 -9.00 13.93
N GLU B 1024 -3.08 -8.22 12.86
CA GLU B 1024 -3.16 -8.79 11.53
C GLU B 1024 -1.91 -9.58 11.19
N GLU B 1025 -0.73 -9.03 11.47
CA GLU B 1025 0.50 -9.79 11.30
C GLU B 1025 0.55 -10.99 12.23
N LYS B 1026 -0.10 -10.92 13.39
CA LYS B 1026 -0.12 -12.09 14.28
C LYS B 1026 -1.03 -13.17 13.72
N GLU B 1027 -2.22 -12.78 13.27
CA GLU B 1027 -3.14 -13.73 12.65
C GLU B 1027 -2.51 -14.37 11.42
N GLU B 1028 -1.88 -13.56 10.57
CA GLU B 1028 -1.13 -14.10 9.43
C GLU B 1028 -0.06 -15.08 9.87
N MET B 1029 0.60 -14.79 10.99
CA MET B 1029 1.66 -15.69 11.46
C MET B 1029 1.08 -16.98 12.01
N GLU B 1030 -0.05 -16.90 12.73
CA GLU B 1030 -0.73 -18.08 13.21
C GLU B 1030 -1.24 -18.92 12.04
N GLU B 1031 -1.74 -18.27 10.99
CA GLU B 1031 -2.12 -18.97 9.78
C GLU B 1031 -0.93 -19.67 9.15
N LEU B 1032 0.21 -18.98 9.05
CA LEU B 1032 1.40 -19.58 8.48
C LEU B 1032 1.90 -20.76 9.32
N GLN B 1033 1.82 -20.64 10.64
CA GLN B 1033 2.18 -21.74 11.53
C GLN B 1033 1.25 -22.94 11.33
N ALA B 1034 -0.05 -22.69 11.28
CA ALA B 1034 -1.04 -23.74 11.04
C ALA B 1034 -0.82 -24.36 9.68
N TYR B 1035 -0.47 -23.54 8.71
CA TYR B 1035 -0.13 -23.93 7.36
C TYR B 1035 1.06 -24.90 7.32
N ASN B 1036 2.21 -24.49 7.88
CA ASN B 1036 3.37 -25.37 7.89
C ASN B 1036 3.09 -26.65 8.65
N ARG B 1037 2.34 -26.54 9.75
CA ARG B 1037 1.97 -27.69 10.56
C ARG B 1037 1.04 -28.65 9.82
N ARG B 1038 0.10 -28.11 9.03
CA ARG B 1038 -0.72 -28.97 8.18
C ARG B 1038 0.12 -29.71 7.16
N LEU B 1039 1.08 -29.04 6.53
CA LEU B 1039 1.87 -29.79 5.54
C LEU B 1039 2.69 -30.87 6.21
N LEU B 1040 3.26 -30.57 7.38
CA LEU B 1040 3.95 -31.62 8.12
C LEU B 1040 3.00 -32.75 8.49
N HIS B 1041 1.78 -32.42 8.91
CA HIS B 1041 0.76 -33.44 9.13
C HIS B 1041 0.31 -34.05 7.82
N ASN B 1042 0.25 -33.25 6.75
CA ASN B 1042 -0.08 -33.73 5.41
C ASN B 1042 1.19 -34.19 4.69
N LEU B 1062 21.58 -30.13 24.59
CA LEU B 1062 20.95 -31.19 23.82
C LEU B 1062 19.59 -31.55 24.40
N TYR B 1063 18.62 -31.74 23.51
CA TYR B 1063 17.28 -32.16 23.90
C TYR B 1063 17.24 -33.68 24.05
N TYR B 1064 16.95 -34.15 25.27
CA TYR B 1064 16.81 -35.57 25.53
C TYR B 1064 15.73 -35.80 26.58
N GLN B 1065 15.06 -36.95 26.48
CA GLN B 1065 14.04 -37.36 27.44
C GLN B 1065 14.06 -38.87 27.59
N SER B 1066 14.01 -39.35 28.82
CA SER B 1066 13.89 -40.78 29.10
C SER B 1066 12.42 -41.11 29.35
N CYS B 1067 11.85 -41.99 28.54
CA CYS B 1067 10.44 -42.35 28.61
C CYS B 1067 10.35 -43.82 28.99
N GLU B 1068 9.76 -44.09 30.16
CA GLU B 1068 9.83 -45.42 30.75
C GLU B 1068 8.92 -46.42 30.06
N CYS B 1069 7.76 -45.97 29.54
CA CYS B 1069 6.74 -46.88 29.00
C CYS B 1069 6.19 -46.34 27.67
N VAL B 1070 6.84 -46.73 26.58
CA VAL B 1070 6.41 -46.41 25.23
C VAL B 1070 5.96 -47.70 24.55
N ALA B 1071 4.88 -47.63 23.79
CA ALA B 1071 4.49 -48.71 22.89
C ALA B 1071 4.97 -48.38 21.49
N VAL B 1072 5.58 -49.35 20.82
CA VAL B 1072 6.15 -49.16 19.50
C VAL B 1072 5.56 -50.17 18.53
N MET B 1073 5.17 -49.66 17.36
CA MET B 1073 4.65 -50.45 16.24
C MET B 1073 5.56 -50.25 15.04
N PHE B 1074 5.90 -51.35 14.38
CA PHE B 1074 6.39 -51.36 13.02
C PHE B 1074 5.41 -52.08 12.11
N ALA B 1075 4.96 -51.43 11.04
CA ALA B 1075 4.09 -52.06 10.05
C ALA B 1075 4.76 -52.03 8.68
N SER B 1076 5.10 -53.20 8.16
CA SER B 1076 5.84 -53.34 6.91
C SER B 1076 4.99 -54.02 5.85
N ILE B 1077 5.08 -53.52 4.63
CA ILE B 1077 4.49 -54.18 3.47
C ILE B 1077 5.48 -55.23 2.99
N ALA B 1078 5.16 -56.51 3.22
CA ALA B 1078 6.14 -57.57 3.06
C ALA B 1078 6.53 -57.77 1.60
N ASN B 1079 5.57 -57.63 0.68
CA ASN B 1079 5.80 -57.93 -0.73
C ASN B 1079 5.99 -56.68 -1.57
N PHE B 1080 6.20 -55.52 -0.97
CA PHE B 1080 6.44 -54.32 -1.75
C PHE B 1080 7.73 -54.40 -2.55
N SER B 1081 8.72 -55.15 -2.05
CA SER B 1081 9.94 -55.36 -2.84
C SER B 1081 9.65 -56.17 -4.10
N GLU B 1082 8.60 -56.99 -4.08
CA GLU B 1082 8.19 -57.72 -5.27
C GLU B 1082 7.39 -56.84 -6.22
N PHE B 1083 6.63 -55.89 -5.68
CA PHE B 1083 5.90 -54.94 -6.50
C PHE B 1083 6.80 -53.84 -7.07
N TYR B 1084 7.89 -53.50 -6.39
CA TYR B 1084 8.78 -52.43 -6.82
C TYR B 1084 9.65 -52.90 -7.97
N VAL B 1085 9.30 -52.48 -9.19
CA VAL B 1085 10.00 -52.87 -10.41
C VAL B 1085 10.54 -51.61 -11.06
N GLU B 1086 11.86 -51.52 -11.18
CA GLU B 1086 12.51 -50.34 -11.77
C GLU B 1086 12.63 -50.47 -13.30
N LEU B 1087 11.48 -50.67 -13.93
CA LEU B 1087 11.39 -50.71 -15.38
C LEU B 1087 10.92 -49.37 -15.93
N GLU B 1088 11.33 -49.10 -17.18
CA GLU B 1088 10.88 -47.89 -17.86
C GLU B 1088 9.36 -47.77 -17.85
N ALA B 1089 8.66 -48.89 -18.05
CA ALA B 1089 7.20 -48.91 -18.01
C ALA B 1089 6.63 -48.47 -16.67
N ASN B 1090 7.45 -48.42 -15.62
CA ASN B 1090 6.99 -48.02 -14.29
C ASN B 1090 7.66 -46.72 -13.85
N ASN B 1091 8.12 -45.92 -14.82
CA ASN B 1091 8.98 -44.77 -14.54
C ASN B 1091 10.13 -45.18 -13.61
N GLU B 1092 10.73 -46.32 -13.90
CA GLU B 1092 11.83 -46.88 -13.13
C GLU B 1092 11.47 -47.06 -11.66
N GLY B 1093 10.17 -47.17 -11.35
CA GLY B 1093 9.70 -47.37 -10.00
C GLY B 1093 9.10 -46.14 -9.35
N VAL B 1094 9.17 -44.97 -10.00
CA VAL B 1094 8.59 -43.77 -9.40
C VAL B 1094 7.08 -43.93 -9.19
N GLU B 1095 6.41 -44.65 -10.10
CA GLU B 1095 4.99 -44.87 -9.92
C GLU B 1095 4.73 -45.78 -8.72
N CYS B 1096 5.60 -46.77 -8.52
CA CYS B 1096 5.50 -47.56 -7.30
C CYS B 1096 5.71 -46.69 -6.08
N LEU B 1097 6.65 -45.73 -6.17
CA LEU B 1097 6.85 -44.81 -5.06
C LEU B 1097 5.67 -43.89 -4.87
N ARG B 1098 4.94 -43.58 -5.95
CA ARG B 1098 3.69 -42.86 -5.77
C ARG B 1098 2.64 -43.70 -5.06
N LEU B 1099 2.50 -44.97 -5.45
CA LEU B 1099 1.55 -45.84 -4.74
C LEU B 1099 1.92 -46.02 -3.27
N LEU B 1100 3.20 -46.22 -2.97
CA LEU B 1100 3.60 -46.28 -1.56
C LEU B 1100 3.28 -44.99 -0.84
N ASN B 1101 3.40 -43.85 -1.54
CA ASN B 1101 3.03 -42.59 -0.92
C ASN B 1101 1.57 -42.62 -0.51
N GLU B 1102 0.70 -43.07 -1.41
CA GLU B 1102 -0.71 -43.14 -1.08
C GLU B 1102 -0.94 -44.11 0.08
N ILE B 1103 -0.26 -45.26 0.06
CA ILE B 1103 -0.36 -46.17 1.19
C ILE B 1103 0.07 -45.48 2.47
N ILE B 1104 1.14 -44.69 2.41
CA ILE B 1104 1.55 -43.94 3.59
C ILE B 1104 0.59 -42.81 3.90
N ALA B 1105 -0.01 -42.21 2.86
CA ALA B 1105 -0.98 -41.15 3.11
C ALA B 1105 -2.21 -41.66 3.84
N ASP B 1106 -2.79 -42.76 3.36
CA ASP B 1106 -3.86 -43.39 4.12
C ASP B 1106 -3.45 -43.61 5.57
N PHE B 1107 -2.24 -44.13 5.78
CA PHE B 1107 -1.79 -44.37 7.15
C PHE B 1107 -1.58 -43.07 7.90
N ASP B 1108 -1.14 -42.03 7.21
CA ASP B 1108 -1.01 -40.73 7.85
C ASP B 1108 -2.37 -40.09 8.09
N GLU B 1109 -3.37 -40.41 7.27
CA GLU B 1109 -4.74 -40.00 7.57
C GLU B 1109 -5.31 -40.75 8.76
N ILE B 1110 -5.19 -42.08 8.78
CA ILE B 1110 -5.69 -42.87 9.90
C ILE B 1110 -5.06 -42.42 11.21
N ILE B 1111 -3.74 -42.27 11.23
CA ILE B 1111 -3.04 -41.83 12.44
C ILE B 1111 -3.36 -40.38 12.78
N SER B 1112 -4.12 -39.71 11.94
CA SER B 1112 -4.63 -38.37 12.24
C SER B 1112 -5.98 -38.39 12.94
N GLU B 1113 -6.64 -39.56 13.00
CA GLU B 1113 -7.90 -39.66 13.73
C GLU B 1113 -7.74 -39.24 15.19
N ASP B 1114 -8.73 -38.50 15.69
CA ASP B 1114 -8.67 -38.01 17.06
C ASP B 1114 -8.49 -39.14 18.07
N ARG B 1115 -9.04 -40.32 17.77
CA ARG B 1115 -8.85 -41.47 18.64
C ARG B 1115 -7.39 -41.90 18.71
N PHE B 1116 -6.58 -41.55 17.71
CA PHE B 1116 -5.17 -41.88 17.68
C PHE B 1116 -4.28 -40.70 18.02
N ARG B 1117 -4.85 -39.63 18.60
CA ARG B 1117 -4.06 -38.47 18.97
C ARG B 1117 -2.97 -38.82 19.98
N GLN B 1118 -3.10 -39.95 20.68
CA GLN B 1118 -2.04 -40.42 21.56
C GLN B 1118 -0.91 -41.10 20.79
N LEU B 1119 -1.07 -41.34 19.50
CA LEU B 1119 -0.05 -41.96 18.67
C LEU B 1119 0.72 -40.89 17.91
N GLU B 1120 2.02 -41.06 17.82
CA GLU B 1120 2.88 -40.26 16.95
C GLU B 1120 3.59 -41.17 15.96
N LYS B 1121 3.48 -40.82 14.69
CA LYS B 1121 4.36 -41.38 13.67
C LYS B 1121 5.79 -40.93 13.93
N ILE B 1122 6.74 -41.86 13.92
CA ILE B 1122 8.14 -41.53 14.10
C ILE B 1122 8.78 -41.32 12.74
N LYS B 1123 8.73 -42.32 11.88
CA LYS B 1123 9.30 -42.19 10.55
C LYS B 1123 8.75 -43.29 9.66
N THR B 1124 8.88 -43.09 8.36
CA THR B 1124 8.85 -44.18 7.39
C THR B 1124 10.25 -44.61 6.99
N ILE B 1125 10.38 -45.88 6.64
CA ILE B 1125 11.63 -46.46 6.18
C ILE B 1125 11.30 -47.39 5.01
N GLY B 1126 11.51 -46.92 3.79
CA GLY B 1126 11.01 -47.65 2.64
C GLY B 1126 9.51 -47.83 2.75
N SER B 1127 9.06 -49.09 2.72
CA SER B 1127 7.65 -49.42 2.87
C SER B 1127 7.24 -49.66 4.31
N THR B 1128 8.05 -49.20 5.28
CA THR B 1128 7.80 -49.46 6.69
C THR B 1128 7.26 -48.22 7.38
N TYR B 1129 6.13 -48.38 8.06
CA TYR B 1129 5.50 -47.34 8.86
C TYR B 1129 5.90 -47.57 10.32
N MET B 1130 6.48 -46.55 10.94
CA MET B 1130 6.91 -46.61 12.34
C MET B 1130 6.04 -45.67 13.16
N ALA B 1131 5.37 -46.22 14.18
CA ALA B 1131 4.55 -45.42 15.07
C ALA B 1131 4.88 -45.78 16.51
N ALA B 1132 4.62 -44.83 17.41
CA ALA B 1132 4.81 -45.07 18.83
C ALA B 1132 3.76 -44.30 19.60
N SER B 1133 3.57 -44.70 20.85
CA SER B 1133 2.58 -44.09 21.72
C SER B 1133 3.15 -43.99 23.13
N GLY B 1134 2.74 -42.96 23.85
CA GLY B 1134 3.30 -42.65 25.15
C GLY B 1134 4.56 -41.81 25.13
N LEU B 1135 4.87 -41.19 24.00
CA LEU B 1135 6.04 -40.31 23.90
C LEU B 1135 5.76 -38.89 24.34
N ASN B 1136 4.50 -38.52 24.55
CA ASN B 1136 4.13 -37.16 24.90
C ASN B 1136 3.34 -37.20 26.20
N ASP B 1137 3.84 -36.50 27.21
CA ASP B 1137 3.22 -36.55 28.54
C ASP B 1137 1.79 -36.02 28.52
N SER B 1138 1.48 -35.12 27.58
CA SER B 1138 0.12 -34.57 27.52
C SER B 1138 -0.89 -35.58 26.98
N THR B 1139 -0.43 -36.63 26.30
CA THR B 1139 -1.30 -37.68 25.79
C THR B 1139 -1.01 -39.05 26.40
N TYR B 1140 0.02 -39.19 27.22
CA TYR B 1140 0.40 -40.46 27.82
C TYR B 1140 -0.47 -40.70 29.06
N ASP B 1141 -1.41 -41.62 28.95
CA ASP B 1141 -2.22 -42.05 30.09
C ASP B 1141 -1.37 -42.98 30.97
N LYS B 1142 -0.91 -42.45 32.12
CA LYS B 1142 -0.07 -43.24 33.00
C LYS B 1142 -0.79 -44.45 33.58
N VAL B 1143 -2.10 -44.36 33.78
CA VAL B 1143 -2.82 -45.37 34.55
C VAL B 1143 -3.46 -46.38 33.61
N GLY B 1144 -4.31 -45.91 32.70
CA GLY B 1144 -5.00 -46.80 31.81
C GLY B 1144 -4.21 -47.24 30.60
N LYS B 1145 -3.05 -46.62 30.37
CA LYS B 1145 -2.22 -46.94 29.20
C LYS B 1145 -3.06 -46.94 27.93
N THR B 1146 -4.01 -46.01 27.87
CA THR B 1146 -4.92 -45.92 26.73
C THR B 1146 -4.16 -45.81 25.42
N HIS B 1147 -3.02 -45.13 25.44
CA HIS B 1147 -2.19 -45.02 24.24
C HIS B 1147 -1.79 -46.39 23.69
N ILE B 1148 -1.71 -47.41 24.54
CA ILE B 1148 -1.41 -48.77 24.05
C ILE B 1148 -2.62 -49.35 23.34
N LYS B 1149 -3.81 -49.13 23.89
CA LYS B 1149 -5.02 -49.56 23.20
C LYS B 1149 -5.15 -48.87 21.86
N ALA B 1150 -4.98 -47.55 21.86
CA ALA B 1150 -5.01 -46.78 20.62
C ALA B 1150 -3.98 -47.29 19.60
N LEU B 1151 -2.81 -47.71 20.06
CA LEU B 1151 -1.82 -48.25 19.13
C LEU B 1151 -2.21 -49.62 18.59
N ALA B 1152 -2.81 -50.48 19.43
CA ALA B 1152 -3.31 -51.76 18.93
C ALA B 1152 -4.46 -51.57 17.95
N ASP B 1153 -5.37 -50.66 18.27
CA ASP B 1153 -6.48 -50.34 17.38
C ASP B 1153 -5.98 -49.70 16.08
N PHE B 1154 -4.92 -48.90 16.16
CA PHE B 1154 -4.28 -48.38 14.96
C PHE B 1154 -3.68 -49.49 14.11
N ALA B 1155 -2.95 -50.42 14.74
CA ALA B 1155 -2.40 -51.56 14.00
C ALA B 1155 -3.50 -52.36 13.30
N MET B 1156 -4.62 -52.60 13.98
CA MET B 1156 -5.75 -53.28 13.33
C MET B 1156 -6.37 -52.44 12.23
N LYS B 1157 -6.56 -51.14 12.47
CA LYS B 1157 -7.11 -50.26 11.44
C LYS B 1157 -6.18 -50.19 10.24
N LEU B 1158 -4.87 -50.25 10.45
CA LEU B 1158 -3.93 -50.36 9.35
C LEU B 1158 -4.10 -51.67 8.59
N MET B 1159 -4.24 -52.79 9.30
CA MET B 1159 -4.49 -54.06 8.60
C MET B 1159 -5.75 -53.99 7.74
N ASP B 1160 -6.79 -53.33 8.25
CA ASP B 1160 -8.00 -53.15 7.45
C ASP B 1160 -7.80 -52.16 6.32
N GLN B 1161 -7.02 -51.11 6.54
CA GLN B 1161 -6.68 -50.20 5.46
C GLN B 1161 -5.87 -50.91 4.37
N MET B 1162 -4.97 -51.81 4.77
CA MET B 1162 -4.22 -52.58 3.79
C MET B 1162 -5.13 -53.50 2.99
N LYS B 1163 -6.13 -54.09 3.64
CA LYS B 1163 -7.14 -54.85 2.91
C LYS B 1163 -7.88 -53.97 1.92
N TYR B 1164 -8.32 -52.78 2.38
CA TYR B 1164 -8.99 -51.81 1.53
C TYR B 1164 -8.13 -51.40 0.34
N ILE B 1165 -6.86 -51.10 0.59
CA ILE B 1165 -5.90 -50.76 -0.47
C ILE B 1165 -5.75 -51.91 -1.45
N ASN B 1166 -5.65 -53.14 -0.94
CA ASN B 1166 -5.53 -54.29 -1.83
C ASN B 1166 -6.77 -54.44 -2.72
N GLU B 1167 -7.95 -54.31 -2.12
CA GLU B 1167 -9.19 -54.36 -2.87
C GLU B 1167 -9.28 -53.29 -3.95
N HIS B 1168 -8.83 -52.07 -3.65
CA HIS B 1168 -9.01 -50.96 -4.60
C HIS B 1168 -7.87 -50.79 -5.59
N SER B 1169 -6.66 -51.23 -5.25
CA SER B 1169 -5.51 -51.15 -6.14
C SER B 1169 -5.30 -52.44 -6.92
N PHE B 1170 -6.14 -53.45 -6.72
CA PHE B 1170 -6.01 -54.74 -7.38
C PHE B 1170 -4.64 -55.37 -7.09
N ASN B 1171 -4.11 -55.10 -5.90
CA ASN B 1171 -2.87 -55.70 -5.42
C ASN B 1171 -3.18 -56.67 -4.29
N ASN B 1172 -2.13 -57.36 -3.83
CA ASN B 1172 -2.22 -58.29 -2.71
C ASN B 1172 -1.10 -57.98 -1.72
N PHE B 1173 -1.00 -56.70 -1.35
CA PHE B 1173 0.00 -56.30 -0.37
C PHE B 1173 -0.32 -56.96 0.96
N GLN B 1174 0.62 -57.77 1.45
CA GLN B 1174 0.49 -58.41 2.75
C GLN B 1174 1.28 -57.60 3.77
N MET B 1175 0.65 -57.28 4.89
CA MET B 1175 1.25 -56.43 5.91
C MET B 1175 1.61 -57.25 7.14
N LYS B 1176 2.79 -56.98 7.67
CA LYS B 1176 3.24 -57.50 8.95
C LYS B 1176 3.28 -56.33 9.92
N ILE B 1177 2.87 -56.56 11.16
CA ILE B 1177 2.97 -55.56 12.21
C ILE B 1177 3.60 -56.18 13.43
N GLY B 1178 4.64 -55.53 13.96
CA GLY B 1178 5.26 -55.89 15.21
C GLY B 1178 4.97 -54.86 16.29
N LEU B 1179 4.42 -55.31 17.42
CA LEU B 1179 4.16 -54.46 18.57
C LEU B 1179 5.02 -54.90 19.75
N ASN B 1180 5.57 -53.91 20.45
CA ASN B 1180 6.23 -54.13 21.74
C ASN B 1180 6.01 -52.92 22.64
N ILE B 1181 6.15 -53.14 23.94
CA ILE B 1181 6.13 -52.05 24.90
C ILE B 1181 7.42 -52.07 25.70
N GLY B 1182 7.79 -50.90 26.23
CA GLY B 1182 8.94 -50.78 27.10
C GLY B 1182 9.60 -49.42 27.05
N PRO B 1183 10.72 -49.27 27.77
CA PRO B 1183 11.38 -47.96 27.86
C PRO B 1183 12.18 -47.61 26.61
N VAL B 1184 12.25 -46.30 26.34
CA VAL B 1184 13.07 -45.75 25.27
C VAL B 1184 13.63 -44.40 25.71
N VAL B 1185 14.69 -43.99 25.03
CA VAL B 1185 15.21 -42.63 25.13
C VAL B 1185 14.81 -41.89 23.85
N ALA B 1186 14.05 -40.81 23.99
CA ALA B 1186 13.77 -39.91 22.89
C ALA B 1186 14.75 -38.74 22.90
N GLY B 1187 15.04 -38.21 21.72
CA GLY B 1187 15.95 -37.08 21.64
C GLY B 1187 16.02 -36.56 20.22
N VAL B 1188 16.72 -35.43 20.08
CA VAL B 1188 17.03 -34.85 18.78
C VAL B 1188 18.55 -34.86 18.61
N ILE B 1189 19.03 -35.56 17.59
CA ILE B 1189 20.45 -35.61 17.28
C ILE B 1189 20.76 -34.67 16.13
N GLY B 1190 21.91 -34.01 16.21
CA GLY B 1190 22.41 -33.19 15.12
C GLY B 1190 22.14 -31.71 15.31
N ALA B 1191 23.17 -30.98 15.78
CA ALA B 1191 23.03 -29.54 15.98
C ALA B 1191 22.77 -28.81 14.67
N ARG B 1192 23.14 -29.39 13.53
CA ARG B 1192 22.96 -28.76 12.23
C ARG B 1192 21.91 -29.45 11.38
N LYS B 1193 21.40 -30.61 11.82
CA LYS B 1193 20.30 -31.30 11.14
C LYS B 1193 19.50 -32.05 12.20
N PRO B 1194 18.76 -31.31 13.04
CA PRO B 1194 18.10 -31.95 14.18
C PRO B 1194 17.07 -32.97 13.72
N GLN B 1195 17.35 -34.24 14.02
CA GLN B 1195 16.43 -35.34 13.76
C GLN B 1195 15.93 -35.85 15.10
N TYR B 1196 14.62 -35.76 15.32
CA TYR B 1196 13.98 -36.38 16.47
C TYR B 1196 13.83 -37.88 16.22
N ASP B 1197 14.23 -38.67 17.22
CA ASP B 1197 14.18 -40.12 17.11
C ASP B 1197 14.14 -40.72 18.50
N ILE B 1198 13.90 -42.03 18.56
CA ILE B 1198 13.84 -42.79 19.79
C ILE B 1198 14.76 -43.99 19.67
N TRP B 1199 15.52 -44.27 20.73
CA TRP B 1199 16.46 -45.37 20.79
C TRP B 1199 16.13 -46.26 21.98
N GLY B 1200 16.59 -47.51 21.92
CA GLY B 1200 16.45 -48.41 23.04
C GLY B 1200 16.11 -49.83 22.66
N ASN B 1201 16.28 -50.75 23.61
CA ASN B 1201 15.98 -52.16 23.37
C ASN B 1201 14.52 -52.37 22.96
N THR B 1202 13.61 -51.55 23.47
CA THR B 1202 12.20 -51.66 23.10
C THR B 1202 11.98 -51.50 21.61
N VAL B 1203 12.64 -50.51 21.00
CA VAL B 1203 12.53 -50.30 19.56
C VAL B 1203 13.11 -51.47 18.79
N ASN B 1204 14.28 -51.95 19.18
CA ASN B 1204 14.89 -53.09 18.51
C ASN B 1204 14.02 -54.34 18.59
N VAL B 1205 13.43 -54.61 19.76
CA VAL B 1205 12.53 -55.74 19.91
C VAL B 1205 11.27 -55.56 19.05
N ALA B 1206 10.69 -54.37 19.04
CA ALA B 1206 9.54 -54.11 18.16
C ALA B 1206 9.88 -54.38 16.70
N SER B 1207 11.01 -53.85 16.24
CA SER B 1207 11.48 -54.11 14.89
C SER B 1207 11.71 -55.59 14.59
N ARG B 1208 12.17 -56.37 15.58
CA ARG B 1208 12.27 -57.81 15.37
C ARG B 1208 10.91 -58.51 15.36
N MET B 1209 9.94 -57.99 16.12
CA MET B 1209 8.58 -58.52 16.03
C MET B 1209 7.94 -58.25 14.68
N ASP B 1210 8.24 -57.09 14.08
CA ASP B 1210 7.79 -56.84 12.72
C ASP B 1210 8.54 -57.70 11.71
N SER B 1211 9.87 -57.74 11.80
CA SER B 1211 10.64 -58.57 10.88
C SER B 1211 10.24 -60.02 10.96
N THR B 1212 9.79 -60.49 12.13
CA THR B 1212 9.33 -61.86 12.29
C THR B 1212 7.83 -62.03 12.14
N GLY B 1213 7.11 -60.95 11.83
CA GLY B 1213 5.66 -61.05 11.71
C GLY B 1213 5.27 -61.97 10.56
N VAL B 1214 4.17 -62.68 10.75
CA VAL B 1214 3.56 -63.47 9.68
C VAL B 1214 2.76 -62.51 8.80
N PRO B 1215 2.76 -62.67 7.48
CA PRO B 1215 1.98 -61.75 6.63
C PRO B 1215 0.51 -61.72 7.04
N ASP B 1216 -0.08 -60.53 6.98
CA ASP B 1216 -1.48 -60.32 7.34
C ASP B 1216 -1.77 -60.75 8.77
N ARG B 1217 -0.74 -60.75 9.62
CA ARG B 1217 -0.89 -61.02 11.05
C ARG B 1217 -0.14 -59.98 11.85
N ILE B 1218 -0.68 -59.65 13.01
CA ILE B 1218 -0.07 -58.71 13.94
C ILE B 1218 0.65 -59.52 15.02
N GLN B 1219 1.97 -59.43 15.06
CA GLN B 1219 2.79 -60.10 16.06
C GLN B 1219 3.05 -59.11 17.18
N VAL B 1220 2.88 -59.58 18.42
CA VAL B 1220 3.07 -58.77 19.62
C VAL B 1220 4.00 -59.51 20.56
N THR B 1221 4.70 -58.73 21.40
CA THR B 1221 5.54 -59.31 22.42
C THR B 1221 4.70 -59.80 23.60
N THR B 1222 5.36 -60.53 24.50
CA THR B 1222 4.70 -61.02 25.70
C THR B 1222 4.15 -59.88 26.55
N ASP B 1223 4.92 -58.79 26.69
CA ASP B 1223 4.43 -57.67 27.49
C ASP B 1223 3.22 -57.02 26.84
N MET B 1224 3.27 -56.85 25.51
CA MET B 1224 2.13 -56.33 24.79
C MET B 1224 0.96 -57.30 24.84
N TYR B 1225 1.23 -58.60 24.72
CA TYR B 1225 0.17 -59.59 24.89
C TYR B 1225 -0.49 -59.45 26.26
N GLN B 1226 0.32 -59.30 27.32
CA GLN B 1226 -0.22 -59.16 28.67
C GLN B 1226 -1.13 -57.93 28.78
N VAL B 1227 -0.70 -56.81 28.19
CA VAL B 1227 -1.52 -55.59 28.25
C VAL B 1227 -2.80 -55.74 27.43
N LEU B 1228 -2.70 -56.32 26.24
CA LEU B 1228 -3.88 -56.42 25.39
C LEU B 1228 -4.86 -57.47 25.93
N ALA B 1229 -4.34 -58.60 26.42
CA ALA B 1229 -5.18 -59.62 27.02
C ALA B 1229 -5.88 -59.10 28.26
N ALA B 1230 -5.19 -58.28 29.07
CA ALA B 1230 -5.85 -57.64 30.20
C ALA B 1230 -6.94 -56.68 29.75
N ASN B 1231 -6.98 -56.32 28.47
CA ASN B 1231 -7.99 -55.41 27.94
C ASN B 1231 -8.89 -56.13 26.92
N THR B 1232 -9.07 -57.44 27.11
CA THR B 1232 -10.02 -58.24 26.35
C THR B 1232 -9.74 -58.24 24.85
N TYR B 1233 -8.51 -57.98 24.44
CA TYR B 1233 -8.13 -58.21 23.05
C TYR B 1233 -8.07 -59.70 22.74
N GLN B 1234 -8.42 -60.04 21.50
CA GLN B 1234 -8.29 -61.42 21.04
C GLN B 1234 -6.87 -61.60 20.51
N LEU B 1235 -6.08 -62.38 21.24
CA LEU B 1235 -4.68 -62.65 20.94
C LEU B 1235 -4.45 -64.15 20.81
N GLU B 1236 -3.62 -64.53 19.84
CA GLU B 1236 -3.27 -65.93 19.59
C GLU B 1236 -1.80 -66.10 19.92
N CYS B 1237 -1.48 -67.21 20.60
CA CYS B 1237 -0.09 -67.54 20.93
C CYS B 1237 0.63 -68.06 19.70
N ARG B 1238 1.63 -67.30 19.23
CA ARG B 1238 2.49 -67.75 18.15
C ARG B 1238 3.55 -68.73 18.65
N GLY B 1239 4.04 -68.56 19.87
CA GLY B 1239 5.09 -69.41 20.38
C GLY B 1239 6.45 -68.73 20.44
N VAL B 1240 7.48 -69.57 20.56
CA VAL B 1240 8.85 -69.08 20.79
C VAL B 1240 9.47 -68.70 19.45
N VAL B 1241 9.94 -67.46 19.35
CA VAL B 1241 10.66 -66.94 18.19
C VAL B 1241 12.07 -66.58 18.60
N LYS B 1242 13.04 -66.90 17.74
CA LYS B 1242 14.45 -66.60 17.98
C LYS B 1242 14.74 -65.16 17.59
N VAL B 1243 14.99 -64.30 18.58
CA VAL B 1243 15.22 -62.88 18.38
C VAL B 1243 16.72 -62.63 18.57
N LYS B 1244 17.35 -62.07 17.55
CA LYS B 1244 18.78 -61.77 17.61
C LYS B 1244 19.10 -60.86 18.79
N GLY B 1245 20.04 -61.30 19.63
CA GLY B 1245 20.44 -60.55 20.79
C GLY B 1245 19.60 -60.80 22.03
N LYS B 1246 18.50 -61.54 21.91
CA LYS B 1246 17.69 -61.91 23.06
C LYS B 1246 17.50 -63.41 23.23
N GLY B 1247 17.83 -64.22 22.22
CA GLY B 1247 17.65 -65.65 22.35
C GLY B 1247 16.25 -66.07 21.97
N GLU B 1248 15.59 -66.81 22.86
CA GLU B 1248 14.22 -67.27 22.65
C GLU B 1248 13.23 -66.37 23.36
N MET B 1249 12.20 -65.92 22.64
CA MET B 1249 11.23 -64.97 23.18
C MET B 1249 9.84 -65.49 22.84
N MET B 1250 8.95 -65.50 23.83
CA MET B 1250 7.56 -65.84 23.58
C MET B 1250 6.83 -64.70 22.87
N THR B 1251 6.09 -65.04 21.82
CA THR B 1251 5.42 -64.07 20.97
C THR B 1251 4.00 -64.54 20.73
N TYR B 1252 3.13 -63.57 20.44
CA TYR B 1252 1.70 -63.82 20.27
C TYR B 1252 1.23 -63.11 19.00
N PHE B 1253 0.11 -63.58 18.46
CA PHE B 1253 -0.60 -62.82 17.45
C PHE B 1253 -1.78 -62.10 18.08
N LEU B 1254 -1.97 -60.85 17.68
CA LEU B 1254 -3.17 -60.09 17.94
C LEU B 1254 -4.12 -60.30 16.77
N ASN B 1255 -5.26 -60.93 17.03
CA ASN B 1255 -6.20 -61.32 16.00
C ASN B 1255 -7.43 -60.44 15.97
N GLY B 1256 -7.71 -59.71 17.05
CA GLY B 1256 -8.86 -58.84 17.06
C GLY B 1256 -8.87 -57.97 18.29
N GLY B 1257 -9.59 -56.85 18.16
CA GLY B 1257 -9.71 -55.90 19.24
C GLY B 1257 -10.76 -56.33 20.24
N PRO B 1258 -10.86 -55.57 21.33
CA PRO B 1258 -11.99 -55.73 22.22
C PRO B 1258 -13.28 -55.40 21.51
N PRO B 1259 -14.39 -56.02 21.90
CA PRO B 1259 -15.67 -55.70 21.24
C PRO B 1259 -16.01 -54.23 21.41
N LEU B 1260 -16.47 -53.62 20.32
CA LEU B 1260 -16.88 -52.22 20.35
C LEU B 1260 -18.02 -52.03 21.35
N SER B 1261 -17.80 -51.18 22.34
CA SER B 1261 -18.81 -50.93 23.36
C SER B 1261 -19.80 -49.87 22.88
#